data_6AUE
# 
_entry.id   6AUE 
# 
_audit_conform.dict_name       mmcif_pdbx.dic 
_audit_conform.dict_version    5.379 
_audit_conform.dict_location   http://mmcif.pdb.org/dictionaries/ascii/mmcif_pdbx.dic 
# 
loop_
_database_2.database_id 
_database_2.database_code 
_database_2.pdbx_database_accession 
_database_2.pdbx_DOI 
PDB   6AUE         pdb_00006aue 10.2210/pdb6aue/pdb 
WWPDB D_1000229872 ?            ?                   
# 
_pdbx_database_status.status_code                     REL 
_pdbx_database_status.status_code_sf                  REL 
_pdbx_database_status.status_code_mr                  ? 
_pdbx_database_status.entry_id                        6AUE 
_pdbx_database_status.recvd_initial_deposition_date   2017-08-31 
_pdbx_database_status.SG_entry                        N 
_pdbx_database_status.deposit_site                    RCSB 
_pdbx_database_status.process_site                    RCSB 
_pdbx_database_status.status_code_cs                  ? 
_pdbx_database_status.methods_development_category    ? 
_pdbx_database_status.pdb_format_compatible           Y 
_pdbx_database_status.status_code_nmr_data            ? 
# 
loop_
_audit_author.name 
_audit_author.pdbx_ordinal 
_audit_author.identifier_ORCID 
'Olshansky, L.'      1 ? 
'Vallapurakal, J.'   2 ? 
'Huerta-Lavorie, R.' 3 ? 
'Nguyen, A.I.'       4 ? 
'Tilley, T.D.'       5 ? 
'Borovik, A.S.'      6 ? 
# 
_citation.abstract                  ? 
_citation.abstract_id_CAS           ? 
_citation.book_id_ISBN              ? 
_citation.book_publisher            ? 
_citation.book_publisher_city       ? 
_citation.book_title                ? 
_citation.coordinate_linkage        ? 
_citation.country                   US 
_citation.database_id_Medline       ? 
_citation.details                   ? 
_citation.id                        primary 
_citation.journal_abbrev            'J. Am. Chem. Soc.' 
_citation.journal_id_ASTM           JACSAT 
_citation.journal_id_CSD            ? 
_citation.journal_id_ISSN           1520-5126 
_citation.journal_full              ? 
_citation.journal_issue             ? 
_citation.journal_volume            140 
_citation.language                  ? 
_citation.page_first                2739 
_citation.page_last                 2742 
_citation.title                     'Artificial Metalloproteins Containing Co' 
_citation.year                      2018 
_citation.database_id_CSD           ? 
_citation.pdbx_database_id_DOI      10.1021/jacs.7b13052 
_citation.pdbx_database_id_PubMed   29401385 
_citation.unpublished_flag          ? 
# 
loop_
_citation_author.citation_id 
_citation_author.name 
_citation_author.ordinal 
_citation_author.identifier_ORCID 
primary 'Olshansky, L.'      1 ? 
primary 'Huerta-Lavorie, R.' 2 ? 
primary 'Nguyen, A.I.'       3 ? 
primary 'Vallapurackal, J.'  4 ? 
primary 'Furst, A.'          5 ? 
primary 'Tilley, T.D.'       6 ? 
primary 'Borovik, A.S.'      7 ? 
# 
_cell.entry_id           6AUE 
_cell.length_a           57.945 
_cell.length_b           57.945 
_cell.length_c           184.565 
_cell.angle_alpha        90.00 
_cell.angle_beta         90.00 
_cell.angle_gamma        90.00 
_cell.Z_PDB              16 
_cell.pdbx_unique_axis   ? 
# 
_symmetry.entry_id                         6AUE 
_symmetry.space_group_name_H-M             'I 41 2 2' 
_symmetry.pdbx_full_space_group_name_H-M   ? 
_symmetry.cell_setting                     ? 
_symmetry.Int_Tables_number                98 
# 
loop_
_entity.id 
_entity.type 
_entity.src_method 
_entity.pdbx_description 
_entity.formula_weight 
_entity.pdbx_number_of_molecules 
_entity.pdbx_ec 
_entity.pdbx_mutation 
_entity.pdbx_fragment 
_entity.details 
1 polymer     man Streptavidin                                          16587.025 1  ? 'E101Q, S112Y, K121A' ? ? 
2 non-polymer syn 'N-biotin-C-Co4(mu3-O)4(OAc)(Py)4(H2O)3-beta-alanine' 1039.569  1  ? ?                     ? ? 
3 water       nat water                                                 18.015    74 ? ?                     ? ? 
# 
_entity_poly.entity_id                      1 
_entity_poly.type                           'polypeptide(L)' 
_entity_poly.nstd_linkage                   no 
_entity_poly.nstd_monomer                   no 
_entity_poly.pdbx_seq_one_letter_code       
;MASMTGGQQMGRDEAGITGTWYNQLGSTFIVTAGADGALTGTYESAVGNAESRYVLTGRYDSAPATDGSGTALGWTVAWK
NNYRNAHSATTWSGQYVGGAQARINTQWLLTYGTTEANAWASTLVGHDTFTKVKPSAASIDAAKKAGVNNGNPLDAVQQ
;
_entity_poly.pdbx_seq_one_letter_code_can   
;MASMTGGQQMGRDEAGITGTWYNQLGSTFIVTAGADGALTGTYESAVGNAESRYVLTGRYDSAPATDGSGTALGWTVAWK
NNYRNAHSATTWSGQYVGGAQARINTQWLLTYGTTEANAWASTLVGHDTFTKVKPSAASIDAAKKAGVNNGNPLDAVQQ
;
_entity_poly.pdbx_strand_id                 A 
_entity_poly.pdbx_target_identifier         ? 
# 
loop_
_entity_poly_seq.entity_id 
_entity_poly_seq.num 
_entity_poly_seq.mon_id 
_entity_poly_seq.hetero 
1 1   MET n 
1 2   ALA n 
1 3   SER n 
1 4   MET n 
1 5   THR n 
1 6   GLY n 
1 7   GLY n 
1 8   GLN n 
1 9   GLN n 
1 10  MET n 
1 11  GLY n 
1 12  ARG n 
1 13  ASP n 
1 14  GLU n 
1 15  ALA n 
1 16  GLY n 
1 17  ILE n 
1 18  THR n 
1 19  GLY n 
1 20  THR n 
1 21  TRP n 
1 22  TYR n 
1 23  ASN n 
1 24  GLN n 
1 25  LEU n 
1 26  GLY n 
1 27  SER n 
1 28  THR n 
1 29  PHE n 
1 30  ILE n 
1 31  VAL n 
1 32  THR n 
1 33  ALA n 
1 34  GLY n 
1 35  ALA n 
1 36  ASP n 
1 37  GLY n 
1 38  ALA n 
1 39  LEU n 
1 40  THR n 
1 41  GLY n 
1 42  THR n 
1 43  TYR n 
1 44  GLU n 
1 45  SER n 
1 46  ALA n 
1 47  VAL n 
1 48  GLY n 
1 49  ASN n 
1 50  ALA n 
1 51  GLU n 
1 52  SER n 
1 53  ARG n 
1 54  TYR n 
1 55  VAL n 
1 56  LEU n 
1 57  THR n 
1 58  GLY n 
1 59  ARG n 
1 60  TYR n 
1 61  ASP n 
1 62  SER n 
1 63  ALA n 
1 64  PRO n 
1 65  ALA n 
1 66  THR n 
1 67  ASP n 
1 68  GLY n 
1 69  SER n 
1 70  GLY n 
1 71  THR n 
1 72  ALA n 
1 73  LEU n 
1 74  GLY n 
1 75  TRP n 
1 76  THR n 
1 77  VAL n 
1 78  ALA n 
1 79  TRP n 
1 80  LYS n 
1 81  ASN n 
1 82  ASN n 
1 83  TYR n 
1 84  ARG n 
1 85  ASN n 
1 86  ALA n 
1 87  HIS n 
1 88  SER n 
1 89  ALA n 
1 90  THR n 
1 91  THR n 
1 92  TRP n 
1 93  SER n 
1 94  GLY n 
1 95  GLN n 
1 96  TYR n 
1 97  VAL n 
1 98  GLY n 
1 99  GLY n 
1 100 ALA n 
1 101 GLN n 
1 102 ALA n 
1 103 ARG n 
1 104 ILE n 
1 105 ASN n 
1 106 THR n 
1 107 GLN n 
1 108 TRP n 
1 109 LEU n 
1 110 LEU n 
1 111 THR n 
1 112 TYR n 
1 113 GLY n 
1 114 THR n 
1 115 THR n 
1 116 GLU n 
1 117 ALA n 
1 118 ASN n 
1 119 ALA n 
1 120 TRP n 
1 121 ALA n 
1 122 SER n 
1 123 THR n 
1 124 LEU n 
1 125 VAL n 
1 126 GLY n 
1 127 HIS n 
1 128 ASP n 
1 129 THR n 
1 130 PHE n 
1 131 THR n 
1 132 LYS n 
1 133 VAL n 
1 134 LYS n 
1 135 PRO n 
1 136 SER n 
1 137 ALA n 
1 138 ALA n 
1 139 SER n 
1 140 ILE n 
1 141 ASP n 
1 142 ALA n 
1 143 ALA n 
1 144 LYS n 
1 145 LYS n 
1 146 ALA n 
1 147 GLY n 
1 148 VAL n 
1 149 ASN n 
1 150 ASN n 
1 151 GLY n 
1 152 ASN n 
1 153 PRO n 
1 154 LEU n 
1 155 ASP n 
1 156 ALA n 
1 157 VAL n 
1 158 GLN n 
1 159 GLN n 
# 
_entity_src_gen.entity_id                          1 
_entity_src_gen.pdbx_src_id                        1 
_entity_src_gen.pdbx_alt_source_flag               sample 
_entity_src_gen.pdbx_seq_type                      'Biological sequence' 
_entity_src_gen.pdbx_beg_seq_num                   1 
_entity_src_gen.pdbx_end_seq_num                   159 
_entity_src_gen.gene_src_common_name               ? 
_entity_src_gen.gene_src_genus                     ? 
_entity_src_gen.pdbx_gene_src_gene                 ? 
_entity_src_gen.gene_src_species                   ? 
_entity_src_gen.gene_src_strain                    ? 
_entity_src_gen.gene_src_tissue                    ? 
_entity_src_gen.gene_src_tissue_fraction           ? 
_entity_src_gen.gene_src_details                   ? 
_entity_src_gen.pdbx_gene_src_fragment             ? 
_entity_src_gen.pdbx_gene_src_scientific_name      'Streptomyces avidinii' 
_entity_src_gen.pdbx_gene_src_ncbi_taxonomy_id     1895 
_entity_src_gen.pdbx_gene_src_variant              ? 
_entity_src_gen.pdbx_gene_src_cell_line            ? 
_entity_src_gen.pdbx_gene_src_atcc                 ? 
_entity_src_gen.pdbx_gene_src_organ                ? 
_entity_src_gen.pdbx_gene_src_organelle            ? 
_entity_src_gen.pdbx_gene_src_cell                 ? 
_entity_src_gen.pdbx_gene_src_cellular_location    ? 
_entity_src_gen.host_org_common_name               ? 
_entity_src_gen.pdbx_host_org_scientific_name      'Escherichia coli' 
_entity_src_gen.pdbx_host_org_ncbi_taxonomy_id     562 
_entity_src_gen.host_org_genus                     ? 
_entity_src_gen.pdbx_host_org_gene                 ? 
_entity_src_gen.pdbx_host_org_organ                ? 
_entity_src_gen.host_org_species                   ? 
_entity_src_gen.pdbx_host_org_tissue               ? 
_entity_src_gen.pdbx_host_org_tissue_fraction      ? 
_entity_src_gen.pdbx_host_org_strain               ? 
_entity_src_gen.pdbx_host_org_variant              ? 
_entity_src_gen.pdbx_host_org_cell_line            ? 
_entity_src_gen.pdbx_host_org_atcc                 ? 
_entity_src_gen.pdbx_host_org_culture_collection   ? 
_entity_src_gen.pdbx_host_org_cell                 ? 
_entity_src_gen.pdbx_host_org_organelle            ? 
_entity_src_gen.pdbx_host_org_cellular_location    ? 
_entity_src_gen.pdbx_host_org_vector_type          ? 
_entity_src_gen.pdbx_host_org_vector               ? 
_entity_src_gen.host_org_details                   ? 
_entity_src_gen.expression_system_id               ? 
_entity_src_gen.plasmid_name                       ? 
_entity_src_gen.plasmid_details                    ? 
_entity_src_gen.pdbx_description                   ? 
# 
_struct_ref.id                         1 
_struct_ref.db_name                    UNP 
_struct_ref.db_code                    SAV_STRAV 
_struct_ref.pdbx_db_accession          P22629 
_struct_ref.pdbx_db_isoform            ? 
_struct_ref.entity_id                  1 
_struct_ref.pdbx_seq_one_letter_code   
;EAGITGTWYNQLGSTFIVTAGADGALTGTYESAVGNAESRYVLTGRYDSAPATDGSGTALGWTVAWKNNYRNAHSATTWS
GQYVGGAEARINTQWLLTSGTTEANAWKSTLVGHDTFTKVKPSAASIDAAKKAGVNNGNPLDAVQQ
;
_struct_ref.pdbx_align_begin           38 
# 
_struct_ref_seq.align_id                      1 
_struct_ref_seq.ref_id                        1 
_struct_ref_seq.pdbx_PDB_id_code              6AUE 
_struct_ref_seq.pdbx_strand_id                A 
_struct_ref_seq.seq_align_beg                 14 
_struct_ref_seq.pdbx_seq_align_beg_ins_code   ? 
_struct_ref_seq.seq_align_end                 159 
_struct_ref_seq.pdbx_seq_align_end_ins_code   ? 
_struct_ref_seq.pdbx_db_accession             P22629 
_struct_ref_seq.db_align_beg                  38 
_struct_ref_seq.pdbx_db_align_beg_ins_code    ? 
_struct_ref_seq.db_align_end                  183 
_struct_ref_seq.pdbx_db_align_end_ins_code    ? 
_struct_ref_seq.pdbx_auth_seq_align_beg       14 
_struct_ref_seq.pdbx_auth_seq_align_end       159 
# 
loop_
_struct_ref_seq_dif.align_id 
_struct_ref_seq_dif.pdbx_pdb_id_code 
_struct_ref_seq_dif.mon_id 
_struct_ref_seq_dif.pdbx_pdb_strand_id 
_struct_ref_seq_dif.seq_num 
_struct_ref_seq_dif.pdbx_pdb_ins_code 
_struct_ref_seq_dif.pdbx_seq_db_name 
_struct_ref_seq_dif.pdbx_seq_db_accession_code 
_struct_ref_seq_dif.db_mon_id 
_struct_ref_seq_dif.pdbx_seq_db_seq_num 
_struct_ref_seq_dif.details 
_struct_ref_seq_dif.pdbx_auth_seq_num 
_struct_ref_seq_dif.pdbx_ordinal 
1 6AUE MET A 1   ? UNP P22629 ?   ?   'expression tag'      1   1  
1 6AUE ALA A 2   ? UNP P22629 ?   ?   'expression tag'      2   2  
1 6AUE SER A 3   ? UNP P22629 ?   ?   'expression tag'      3   3  
1 6AUE MET A 4   ? UNP P22629 ?   ?   'expression tag'      4   4  
1 6AUE THR A 5   ? UNP P22629 ?   ?   'expression tag'      5   5  
1 6AUE GLY A 6   ? UNP P22629 ?   ?   'expression tag'      6   6  
1 6AUE GLY A 7   ? UNP P22629 ?   ?   'expression tag'      7   7  
1 6AUE GLN A 8   ? UNP P22629 ?   ?   'expression tag'      8   8  
1 6AUE GLN A 9   ? UNP P22629 ?   ?   'expression tag'      9   9  
1 6AUE MET A 10  ? UNP P22629 ?   ?   'expression tag'      10  10 
1 6AUE GLY A 11  ? UNP P22629 ?   ?   'expression tag'      11  11 
1 6AUE ARG A 12  ? UNP P22629 ?   ?   'expression tag'      12  12 
1 6AUE ASP A 13  ? UNP P22629 ?   ?   'expression tag'      13  13 
1 6AUE GLN A 101 ? UNP P22629 GLU 125 'engineered mutation' 101 14 
1 6AUE TYR A 112 ? UNP P22629 SER 136 'engineered mutation' 112 15 
1 6AUE ALA A 121 ? UNP P22629 LYS 145 'engineered mutation' 121 16 
# 
loop_
_chem_comp.id 
_chem_comp.type 
_chem_comp.mon_nstd_flag 
_chem_comp.name 
_chem_comp.pdbx_synonyms 
_chem_comp.formula 
_chem_comp.formula_weight 
ALA 'L-peptide linking' y ALANINE                                               ? 'C3 H7 N O2'           89.093   
ARG 'L-peptide linking' y ARGININE                                              ? 'C6 H15 N4 O2 1'       175.209  
ASN 'L-peptide linking' y ASPARAGINE                                            ? 'C4 H8 N2 O3'          132.118  
ASP 'L-peptide linking' y 'ASPARTIC ACID'                                       ? 'C4 H7 N O4'           133.103  
GLN 'L-peptide linking' y GLUTAMINE                                             ? 'C5 H10 N2 O3'         146.144  
GLU 'L-peptide linking' y 'GLUTAMIC ACID'                                       ? 'C5 H9 N O4'           147.129  
GLY 'peptide linking'   y GLYCINE                                               ? 'C2 H5 N O2'           75.067   
HIS 'L-peptide linking' y HISTIDINE                                             ? 'C6 H10 N3 O2 1'       156.162  
HOH non-polymer         . WATER                                                 ? 'H2 O'                 18.015   
ILE 'L-peptide linking' y ISOLEUCINE                                            ? 'C6 H13 N O2'          131.173  
LEU 'L-peptide linking' y LEUCINE                                               ? 'C6 H13 N O2'          131.173  
LYS 'L-peptide linking' y LYSINE                                                ? 'C6 H15 N2 O2 1'       147.195  
MET 'L-peptide linking' y METHIONINE                                            ? 'C5 H11 N O2 S'        149.211  
OL3 non-polymer         . 'N-biotin-C-Co4(mu3-O)4(OAc)(Py)4(H2O)3-beta-alanine' ? 'C35 H45 Co4 N7 O13 S' 1039.569 
PHE 'L-peptide linking' y PHENYLALANINE                                         ? 'C9 H11 N O2'          165.189  
PRO 'L-peptide linking' y PROLINE                                               ? 'C5 H9 N O2'           115.130  
SER 'L-peptide linking' y SERINE                                                ? 'C3 H7 N O3'           105.093  
THR 'L-peptide linking' y THREONINE                                             ? 'C4 H9 N O3'           119.119  
TRP 'L-peptide linking' y TRYPTOPHAN                                            ? 'C11 H12 N2 O2'        204.225  
TYR 'L-peptide linking' y TYROSINE                                              ? 'C9 H11 N O3'          181.189  
VAL 'L-peptide linking' y VALINE                                                ? 'C5 H11 N O2'          117.146  
# 
_exptl.absorpt_coefficient_mu     ? 
_exptl.absorpt_correction_T_max   ? 
_exptl.absorpt_correction_T_min   ? 
_exptl.absorpt_correction_type    ? 
_exptl.absorpt_process_details    ? 
_exptl.entry_id                   6AUE 
_exptl.crystals_number            1 
_exptl.details                    ? 
_exptl.method                     'X-RAY DIFFRACTION' 
_exptl.method_details             ? 
# 
_exptl_crystal.colour                      ? 
_exptl_crystal.density_diffrn              ? 
_exptl_crystal.density_Matthews            2.34 
_exptl_crystal.density_method              ? 
_exptl_crystal.density_percent_sol         47.32 
_exptl_crystal.description                 ? 
_exptl_crystal.F_000                       ? 
_exptl_crystal.id                          1 
_exptl_crystal.preparation                 ? 
_exptl_crystal.size_max                    ? 
_exptl_crystal.size_mid                    ? 
_exptl_crystal.size_min                    ? 
_exptl_crystal.size_rad                    ? 
_exptl_crystal.colour_lustre               ? 
_exptl_crystal.colour_modifier             ? 
_exptl_crystal.colour_primary              ? 
_exptl_crystal.density_meas                ? 
_exptl_crystal.density_meas_esd            ? 
_exptl_crystal.density_meas_gt             ? 
_exptl_crystal.density_meas_lt             ? 
_exptl_crystal.density_meas_temp           ? 
_exptl_crystal.density_meas_temp_esd       ? 
_exptl_crystal.density_meas_temp_gt        ? 
_exptl_crystal.density_meas_temp_lt        ? 
_exptl_crystal.pdbx_crystal_image_url      ? 
_exptl_crystal.pdbx_crystal_image_format   ? 
_exptl_crystal.pdbx_mosaicity              ? 
_exptl_crystal.pdbx_mosaicity_esd          ? 
# 
_exptl_crystal_grow.apparatus       ? 
_exptl_crystal_grow.atmosphere      ? 
_exptl_crystal_grow.crystal_id      1 
_exptl_crystal_grow.details         ? 
_exptl_crystal_grow.method          'VAPOR DIFFUSION, SITTING DROP' 
_exptl_crystal_grow.method_ref      ? 
_exptl_crystal_grow.pH              ? 
_exptl_crystal_grow.pressure        ? 
_exptl_crystal_grow.pressure_esd    ? 
_exptl_crystal_grow.seeding         ? 
_exptl_crystal_grow.seeding_ref     ? 
_exptl_crystal_grow.temp            298 
_exptl_crystal_grow.temp_details    ? 
_exptl_crystal_grow.temp_esd        ? 
_exptl_crystal_grow.time            ? 
_exptl_crystal_grow.pdbx_details    '2.6 M ammonium sulfate, 0.1 M sodium acetate, pH 4.0' 
_exptl_crystal_grow.pdbx_pH_range   ? 
# 
_diffrn.ambient_environment    ? 
_diffrn.ambient_temp           100 
_diffrn.ambient_temp_details   ? 
_diffrn.ambient_temp_esd       ? 
_diffrn.crystal_id             1 
_diffrn.crystal_support        ? 
_diffrn.crystal_treatment      ? 
_diffrn.details                ? 
_diffrn.id                     1 
_diffrn.ambient_pressure       ? 
_diffrn.ambient_pressure_esd   ? 
_diffrn.ambient_pressure_gt    ? 
_diffrn.ambient_pressure_lt    ? 
_diffrn.ambient_temp_gt        ? 
_diffrn.ambient_temp_lt        ? 
# 
_diffrn_detector.details                      ? 
_diffrn_detector.detector                     PIXEL 
_diffrn_detector.diffrn_id                    1 
_diffrn_detector.type                         'DECTRIS PILATUS 6M' 
_diffrn_detector.area_resol_mean              ? 
_diffrn_detector.dtime                        ? 
_diffrn_detector.pdbx_frames_total            ? 
_diffrn_detector.pdbx_collection_time_total   ? 
_diffrn_detector.pdbx_collection_date         2017-05-26 
# 
_diffrn_radiation.collimation                      ? 
_diffrn_radiation.diffrn_id                        1 
_diffrn_radiation.filter_edge                      ? 
_diffrn_radiation.inhomogeneity                    ? 
_diffrn_radiation.monochromator                    ? 
_diffrn_radiation.polarisn_norm                    ? 
_diffrn_radiation.polarisn_ratio                   ? 
_diffrn_radiation.probe                            ? 
_diffrn_radiation.type                             ? 
_diffrn_radiation.xray_symbol                      ? 
_diffrn_radiation.wavelength_id                    1 
_diffrn_radiation.pdbx_monochromatic_or_laue_m_l   M 
_diffrn_radiation.pdbx_wavelength_list             ? 
_diffrn_radiation.pdbx_wavelength                  ? 
_diffrn_radiation.pdbx_diffrn_protocol             'SINGLE WAVELENGTH' 
_diffrn_radiation.pdbx_analyzer                    ? 
_diffrn_radiation.pdbx_scattering_type             x-ray 
# 
_diffrn_radiation_wavelength.id           1 
_diffrn_radiation_wavelength.wavelength   1 
_diffrn_radiation_wavelength.wt           1.0 
# 
_diffrn_source.current                     ? 
_diffrn_source.details                     ? 
_diffrn_source.diffrn_id                   1 
_diffrn_source.power                       ? 
_diffrn_source.size                        ? 
_diffrn_source.source                      SYNCHROTRON 
_diffrn_source.target                      ? 
_diffrn_source.type                        'SSRL BEAMLINE BL9-2' 
_diffrn_source.voltage                     ? 
_diffrn_source.take-off_angle              ? 
_diffrn_source.pdbx_wavelength_list        1 
_diffrn_source.pdbx_wavelength             ? 
_diffrn_source.pdbx_synchrotron_beamline   BL9-2 
_diffrn_source.pdbx_synchrotron_site       SSRL 
# 
_reflns.B_iso_Wilson_estimate            ? 
_reflns.entry_id                         6AUE 
_reflns.data_reduction_details           ? 
_reflns.data_reduction_method            ? 
_reflns.d_resolution_high                1.36 
_reflns.d_resolution_low                 37.45 
_reflns.details                          ? 
_reflns.limit_h_max                      ? 
_reflns.limit_h_min                      ? 
_reflns.limit_k_max                      ? 
_reflns.limit_k_min                      ? 
_reflns.limit_l_max                      ? 
_reflns.limit_l_min                      ? 
_reflns.number_all                       ? 
_reflns.number_obs                       34035 
_reflns.observed_criterion               ? 
_reflns.observed_criterion_F_max         ? 
_reflns.observed_criterion_F_min         ? 
_reflns.observed_criterion_I_max         ? 
_reflns.observed_criterion_I_min         ? 
_reflns.observed_criterion_sigma_F       ? 
_reflns.observed_criterion_sigma_I       ? 
_reflns.percent_possible_obs             99.8 
_reflns.R_free_details                   ? 
_reflns.Rmerge_F_all                     ? 
_reflns.Rmerge_F_obs                     ? 
_reflns.Friedel_coverage                 ? 
_reflns.number_gt                        ? 
_reflns.threshold_expression             ? 
_reflns.pdbx_redundancy                  10.2 
_reflns.pdbx_Rmerge_I_obs                0.063 
_reflns.pdbx_Rmerge_I_all                ? 
_reflns.pdbx_Rsym_value                  ? 
_reflns.pdbx_netI_over_av_sigmaI         ? 
_reflns.pdbx_netI_over_sigmaI            14.2 
_reflns.pdbx_res_netI_over_av_sigmaI_2   ? 
_reflns.pdbx_res_netI_over_sigmaI_2      ? 
_reflns.pdbx_chi_squared                 ? 
_reflns.pdbx_scaling_rejects             ? 
_reflns.pdbx_d_res_high_opt              ? 
_reflns.pdbx_d_res_low_opt               ? 
_reflns.pdbx_d_res_opt_method            ? 
_reflns.phase_calculation_details        ? 
_reflns.pdbx_Rrim_I_all                  ? 
_reflns.pdbx_Rpim_I_all                  ? 
_reflns.pdbx_d_opt                       ? 
_reflns.pdbx_number_measured_all         ? 
_reflns.pdbx_diffrn_id                   1 
_reflns.pdbx_ordinal                     1 
_reflns.pdbx_CC_half                     0.999 
_reflns.pdbx_R_split                     ? 
# 
_reflns_shell.d_res_high                  . 
_reflns_shell.d_res_low                   ? 
_reflns_shell.meanI_over_sigI_all         ? 
_reflns_shell.meanI_over_sigI_obs         ? 
_reflns_shell.number_measured_all         ? 
_reflns_shell.number_measured_obs         ? 
_reflns_shell.number_possible             ? 
_reflns_shell.number_unique_all           ? 
_reflns_shell.number_unique_obs           ? 
_reflns_shell.percent_possible_all        ? 
_reflns_shell.percent_possible_obs        ? 
_reflns_shell.Rmerge_F_all                ? 
_reflns_shell.Rmerge_F_obs                ? 
_reflns_shell.Rmerge_I_all                ? 
_reflns_shell.Rmerge_I_obs                ? 
_reflns_shell.meanI_over_sigI_gt          ? 
_reflns_shell.meanI_over_uI_all           ? 
_reflns_shell.meanI_over_uI_gt            ? 
_reflns_shell.number_measured_gt          ? 
_reflns_shell.number_unique_gt            ? 
_reflns_shell.percent_possible_gt         ? 
_reflns_shell.Rmerge_F_gt                 ? 
_reflns_shell.Rmerge_I_gt                 ? 
_reflns_shell.pdbx_redundancy             ? 
_reflns_shell.pdbx_Rsym_value             ? 
_reflns_shell.pdbx_chi_squared            ? 
_reflns_shell.pdbx_netI_over_sigmaI_all   ? 
_reflns_shell.pdbx_netI_over_sigmaI_obs   ? 
_reflns_shell.pdbx_Rrim_I_all             ? 
_reflns_shell.pdbx_Rpim_I_all             ? 
_reflns_shell.pdbx_rejects                ? 
_reflns_shell.pdbx_ordinal                1 
_reflns_shell.pdbx_diffrn_id              1 
_reflns_shell.pdbx_CC_half                ? 
_reflns_shell.pdbx_R_split                ? 
# 
_refine.pdbx_refine_id                           'X-RAY DIFFRACTION' 
_refine.entry_id                                 6AUE 
_refine.pdbx_diffrn_id                           1 
_refine.pdbx_TLS_residual_ADP_flag               ? 
_refine.ls_number_reflns_obs                     32305 
_refine.ls_number_reflns_all                     ? 
_refine.pdbx_ls_sigma_I                          ? 
_refine.pdbx_ls_sigma_F                          ? 
_refine.pdbx_data_cutoff_high_absF               ? 
_refine.pdbx_data_cutoff_low_absF                ? 
_refine.pdbx_data_cutoff_high_rms_absF           ? 
_refine.ls_d_res_low                             37.45 
_refine.ls_d_res_high                            1.36 
_refine.ls_percent_reflns_obs                    99.77 
_refine.ls_R_factor_obs                          0.20383 
_refine.ls_R_factor_all                          ? 
_refine.ls_R_factor_R_work                       0.20258 
_refine.ls_R_factor_R_free                       0.22896 
_refine.ls_R_factor_R_free_error                 ? 
_refine.ls_R_factor_R_free_error_details         ? 
_refine.ls_percent_reflns_R_free                 5.0 
_refine.ls_number_reflns_R_free                  1688 
_refine.ls_number_parameters                     ? 
_refine.ls_number_restraints                     ? 
_refine.occupancy_min                            ? 
_refine.occupancy_max                            ? 
_refine.correlation_coeff_Fo_to_Fc               0.953 
_refine.correlation_coeff_Fo_to_Fc_free          0.951 
_refine.B_iso_mean                               20.803 
_refine.aniso_B[1][1]                            -0.16 
_refine.aniso_B[2][2]                            -0.16 
_refine.aniso_B[3][3]                            0.32 
_refine.aniso_B[1][2]                            0.00 
_refine.aniso_B[1][3]                            -0.00 
_refine.aniso_B[2][3]                            -0.00 
_refine.solvent_model_details                    MASK 
_refine.solvent_model_param_ksol                 ? 
_refine.solvent_model_param_bsol                 ? 
_refine.pdbx_solvent_vdw_probe_radii             1.20 
_refine.pdbx_solvent_ion_probe_radii             0.80 
_refine.pdbx_solvent_shrinkage_radii             0.80 
_refine.pdbx_ls_cross_valid_method               THROUGHOUT 
_refine.details                                  'HYDROGENS HAVE BEEN ADDED IN THE RIDING POSITIONS' 
_refine.pdbx_starting_model                      2QCB 
_refine.pdbx_method_to_determine_struct          'MOLECULAR REPLACEMENT' 
_refine.pdbx_isotropic_thermal_model             ? 
_refine.pdbx_stereochemistry_target_values       'MAXIMUM LIKELIHOOD' 
_refine.pdbx_stereochem_target_val_spec_case     ? 
_refine.pdbx_R_Free_selection_details            RANDOM 
_refine.pdbx_overall_ESU_R                       0.054 
_refine.pdbx_overall_ESU_R_Free                  0.057 
_refine.overall_SU_ML                            0.039 
_refine.pdbx_overall_phase_error                 ? 
_refine.overall_SU_B                             0.973 
_refine.overall_SU_R_Cruickshank_DPI             ? 
_refine.pdbx_overall_SU_R_free_Cruickshank_DPI   ? 
_refine.pdbx_overall_SU_R_Blow_DPI               ? 
_refine.pdbx_overall_SU_R_free_Blow_DPI          ? 
# 
_refine_hist.pdbx_refine_id                   'X-RAY DIFFRACTION' 
_refine_hist.cycle_id                         1 
_refine_hist.pdbx_number_atoms_protein        906 
_refine_hist.pdbx_number_atoms_nucleic_acid   0 
_refine_hist.pdbx_number_atoms_ligand         60 
_refine_hist.number_atoms_solvent             74 
_refine_hist.number_atoms_total               1040 
_refine_hist.d_res_high                       1.36 
_refine_hist.d_res_low                        37.45 
# 
loop_
_refine_ls_restr.type 
_refine_ls_restr.dev_ideal 
_refine_ls_restr.dev_ideal_target 
_refine_ls_restr.weight 
_refine_ls_restr.number 
_refine_ls_restr.pdbx_refine_id 
_refine_ls_restr.pdbx_restraint_function 
r_bond_refined_d             0.051  0.021  ? 1011 'X-RAY DIFFRACTION' ? 
r_bond_other_d               0.002  0.020  ? 819  'X-RAY DIFFRACTION' ? 
r_angle_refined_deg          6.315  3.047  ? 1503 'X-RAY DIFFRACTION' ? 
r_angle_other_deg            2.465  3.000  ? 1866 'X-RAY DIFFRACTION' ? 
r_dihedral_angle_1_deg       7.272  5.000  ? 120  'X-RAY DIFFRACTION' ? 
r_dihedral_angle_2_deg       29.134 23.721 ? 43   'X-RAY DIFFRACTION' ? 
r_dihedral_angle_3_deg       10.943 15.000 ? 123  'X-RAY DIFFRACTION' ? 
r_dihedral_angle_4_deg       14.119 15.000 ? 5    'X-RAY DIFFRACTION' ? 
r_chiral_restr               0.253  0.200  ? 150  'X-RAY DIFFRACTION' ? 
r_gen_planes_refined         0.016  0.020  ? 1164 'X-RAY DIFFRACTION' ? 
r_gen_planes_other           0.001  0.020  ? 245  'X-RAY DIFFRACTION' ? 
r_nbd_refined                ?      ?      ? ?    'X-RAY DIFFRACTION' ? 
r_nbd_other                  ?      ?      ? ?    'X-RAY DIFFRACTION' ? 
r_nbtor_refined              ?      ?      ? ?    'X-RAY DIFFRACTION' ? 
r_nbtor_other                ?      ?      ? ?    'X-RAY DIFFRACTION' ? 
r_xyhbond_nbd_refined        ?      ?      ? ?    'X-RAY DIFFRACTION' ? 
r_xyhbond_nbd_other          ?      ?      ? ?    'X-RAY DIFFRACTION' ? 
r_metal_ion_refined          ?      ?      ? ?    'X-RAY DIFFRACTION' ? 
r_metal_ion_other            ?      ?      ? ?    'X-RAY DIFFRACTION' ? 
r_symmetry_vdw_refined       ?      ?      ? ?    'X-RAY DIFFRACTION' ? 
r_symmetry_vdw_other         ?      ?      ? ?    'X-RAY DIFFRACTION' ? 
r_symmetry_hbond_refined     ?      ?      ? ?    'X-RAY DIFFRACTION' ? 
r_symmetry_hbond_other       ?      ?      ? ?    'X-RAY DIFFRACTION' ? 
r_symmetry_metal_ion_refined ?      ?      ? ?    'X-RAY DIFFRACTION' ? 
r_symmetry_metal_ion_other   ?      ?      ? ?    'X-RAY DIFFRACTION' ? 
r_mcbond_it                  2.111  1.844  ? 483  'X-RAY DIFFRACTION' ? 
r_mcbond_other               2.098  1.841  ? 482  'X-RAY DIFFRACTION' ? 
r_mcangle_it                 2.967  2.764  ? 602  'X-RAY DIFFRACTION' ? 
r_mcangle_other              2.967  2.768  ? 603  'X-RAY DIFFRACTION' ? 
r_scbond_it                  3.791  2.379  ? 526  'X-RAY DIFFRACTION' ? 
r_scbond_other               2.792  2.033  ? 457  'X-RAY DIFFRACTION' ? 
r_scangle_it                 ?      ?      ? ?    'X-RAY DIFFRACTION' ? 
r_scangle_other              4.043  2.956  ? 685  'X-RAY DIFFRACTION' ? 
r_long_range_B_refined       6.792  24.492 ? 1126 'X-RAY DIFFRACTION' ? 
r_long_range_B_other         6.003  22.136 ? 1061 'X-RAY DIFFRACTION' ? 
r_rigid_bond_restr           ?      ?      ? ?    'X-RAY DIFFRACTION' ? 
r_sphericity_free            ?      ?      ? ?    'X-RAY DIFFRACTION' ? 
r_sphericity_bonded          ?      ?      ? ?    'X-RAY DIFFRACTION' ? 
# 
_refine_ls_shell.pdbx_refine_id                   'X-RAY DIFFRACTION' 
_refine_ls_shell.pdbx_total_number_of_bins_used   20 
_refine_ls_shell.d_res_high                       1.364 
_refine_ls_shell.d_res_low                        1.399 
_refine_ls_shell.number_reflns_R_work             2296 
_refine_ls_shell.R_factor_R_work                  0.303 
_refine_ls_shell.percent_reflns_obs               97.77 
_refine_ls_shell.R_factor_R_free                  0.326 
_refine_ls_shell.R_factor_R_free_error            ? 
_refine_ls_shell.percent_reflns_R_free            ? 
_refine_ls_shell.number_reflns_R_free             116 
_refine_ls_shell.number_reflns_all                ? 
_refine_ls_shell.R_factor_all                     ? 
_refine_ls_shell.R_factor_obs                     ? 
_refine_ls_shell.number_reflns_obs                ? 
# 
_struct.entry_id                     6AUE 
_struct.title                        'Artificial Metalloproteins Containing a Co4O4 Active Site - 2xm-S112Y-b' 
_struct.pdbx_model_details           ? 
_struct.pdbx_formula_weight          ? 
_struct.pdbx_formula_weight_method   ? 
_struct.pdbx_model_type_details      ? 
_struct.pdbx_CASP_flag               N 
# 
_struct_keywords.entry_id        6AUE 
_struct_keywords.text            
'streptavidin, biotin, artificial metalloprotein, Co4O4, photosynthesis, water oxidation, biomimetic, METAL BINDING PROTEIN' 
_struct_keywords.pdbx_keywords   'METAL BINDING PROTEIN' 
# 
loop_
_struct_asym.id 
_struct_asym.pdbx_blank_PDB_chainid_flag 
_struct_asym.pdbx_modified 
_struct_asym.entity_id 
_struct_asym.details 
A N N 1 ? 
B N N 2 ? 
C N N 3 ? 
# 
loop_
_struct_conf.conf_type_id 
_struct_conf.id 
_struct_conf.pdbx_PDB_helix_id 
_struct_conf.beg_label_comp_id 
_struct_conf.beg_label_asym_id 
_struct_conf.beg_label_seq_id 
_struct_conf.pdbx_beg_PDB_ins_code 
_struct_conf.end_label_comp_id 
_struct_conf.end_label_asym_id 
_struct_conf.end_label_seq_id 
_struct_conf.pdbx_end_PDB_ins_code 
_struct_conf.beg_auth_comp_id 
_struct_conf.beg_auth_asym_id 
_struct_conf.beg_auth_seq_id 
_struct_conf.end_auth_comp_id 
_struct_conf.end_auth_asym_id 
_struct_conf.end_auth_seq_id 
_struct_conf.pdbx_PDB_helix_class 
_struct_conf.details 
_struct_conf.pdbx_PDB_helix_length 
HELX_P HELX_P1 AA1 ASP A 13  ? THR A 18  ? ASP A 13  THR A 18  1 ? 6 
HELX_P HELX_P2 AA2 THR A 115 ? ALA A 121 ? THR A 115 ALA A 121 5 ? 7 
# 
_struct_conf_type.id          HELX_P 
_struct_conf_type.criteria    ? 
_struct_conf_type.reference   ? 
# 
_struct_sheet.id               AA1 
_struct_sheet.type             ? 
_struct_sheet.number_strands   9 
_struct_sheet.details          ? 
# 
loop_
_struct_sheet_order.sheet_id 
_struct_sheet_order.range_id_1 
_struct_sheet_order.range_id_2 
_struct_sheet_order.offset 
_struct_sheet_order.sense 
AA1 1 2 ? anti-parallel 
AA1 2 3 ? anti-parallel 
AA1 3 4 ? anti-parallel 
AA1 4 5 ? anti-parallel 
AA1 5 6 ? anti-parallel 
AA1 6 7 ? anti-parallel 
AA1 7 8 ? anti-parallel 
AA1 8 9 ? anti-parallel 
# 
loop_
_struct_sheet_range.sheet_id 
_struct_sheet_range.id 
_struct_sheet_range.beg_label_comp_id 
_struct_sheet_range.beg_label_asym_id 
_struct_sheet_range.beg_label_seq_id 
_struct_sheet_range.pdbx_beg_PDB_ins_code 
_struct_sheet_range.end_label_comp_id 
_struct_sheet_range.end_label_asym_id 
_struct_sheet_range.end_label_seq_id 
_struct_sheet_range.pdbx_end_PDB_ins_code 
_struct_sheet_range.beg_auth_comp_id 
_struct_sheet_range.beg_auth_asym_id 
_struct_sheet_range.beg_auth_seq_id 
_struct_sheet_range.end_auth_comp_id 
_struct_sheet_range.end_auth_asym_id 
_struct_sheet_range.end_auth_seq_id 
AA1 1 GLY A 19  ? ASN A 23  ? GLY A 19  ASN A 23  
AA1 2 THR A 28  ? ALA A 33  ? THR A 28  ALA A 33  
AA1 3 ALA A 38  ? GLU A 44  ? ALA A 38  GLU A 44  
AA1 4 TYR A 54  ? TYR A 60  ? TYR A 54  TYR A 60  
AA1 5 THR A 71  ? LYS A 80  ? THR A 71  LYS A 80  
AA1 6 ASN A 85  ? VAL A 97  ? ASN A 85  VAL A 97  
AA1 7 ARG A 103 ? TYR A 112 ? ARG A 103 TYR A 112 
AA1 8 THR A 123 ? THR A 131 ? THR A 123 THR A 131 
AA1 9 GLY A 19  ? ASN A 23  ? GLY A 19  ASN A 23  
# 
loop_
_pdbx_struct_sheet_hbond.sheet_id 
_pdbx_struct_sheet_hbond.range_id_1 
_pdbx_struct_sheet_hbond.range_id_2 
_pdbx_struct_sheet_hbond.range_1_label_atom_id 
_pdbx_struct_sheet_hbond.range_1_label_comp_id 
_pdbx_struct_sheet_hbond.range_1_label_asym_id 
_pdbx_struct_sheet_hbond.range_1_label_seq_id 
_pdbx_struct_sheet_hbond.range_1_PDB_ins_code 
_pdbx_struct_sheet_hbond.range_1_auth_atom_id 
_pdbx_struct_sheet_hbond.range_1_auth_comp_id 
_pdbx_struct_sheet_hbond.range_1_auth_asym_id 
_pdbx_struct_sheet_hbond.range_1_auth_seq_id 
_pdbx_struct_sheet_hbond.range_2_label_atom_id 
_pdbx_struct_sheet_hbond.range_2_label_comp_id 
_pdbx_struct_sheet_hbond.range_2_label_asym_id 
_pdbx_struct_sheet_hbond.range_2_label_seq_id 
_pdbx_struct_sheet_hbond.range_2_PDB_ins_code 
_pdbx_struct_sheet_hbond.range_2_auth_atom_id 
_pdbx_struct_sheet_hbond.range_2_auth_comp_id 
_pdbx_struct_sheet_hbond.range_2_auth_asym_id 
_pdbx_struct_sheet_hbond.range_2_auth_seq_id 
AA1 1 2 N GLY A 19  ? N GLY A 19  O VAL A 31  ? O VAL A 31  
AA1 2 3 N ILE A 30  ? N ILE A 30  O THR A 42  ? O THR A 42  
AA1 3 4 N LEU A 39  ? N LEU A 39  O GLY A 58  ? O GLY A 58  
AA1 4 5 N THR A 57  ? N THR A 57  O THR A 76  ? O THR A 76  
AA1 5 6 N TRP A 79  ? N TRP A 79  O ALA A 86  ? O ALA A 86  
AA1 6 7 N VAL A 97  ? N VAL A 97  O ARG A 103 ? O ARG A 103 
AA1 7 8 N LEU A 110 ? N LEU A 110 O LEU A 124 ? O LEU A 124 
AA1 8 9 O THR A 131 ? O THR A 131 N TYR A 22  ? N TYR A 22  
# 
_struct_site.id                   AC1 
_struct_site.pdbx_evidence_code   Software 
_struct_site.pdbx_auth_asym_id    A 
_struct_site.pdbx_auth_comp_id    OL3 
_struct_site.pdbx_auth_seq_id     201 
_struct_site.pdbx_auth_ins_code   ? 
_struct_site.pdbx_num_residues    19 
_struct_site.details              'binding site for residue OL3 A 201' 
# 
loop_
_struct_site_gen.id 
_struct_site_gen.site_id 
_struct_site_gen.pdbx_num_res 
_struct_site_gen.label_comp_id 
_struct_site_gen.label_asym_id 
_struct_site_gen.label_seq_id 
_struct_site_gen.pdbx_auth_ins_code 
_struct_site_gen.auth_comp_id 
_struct_site_gen.auth_asym_id 
_struct_site_gen.auth_seq_id 
_struct_site_gen.label_atom_id 
_struct_site_gen.label_alt_id 
_struct_site_gen.symmetry 
_struct_site_gen.details 
1  AC1 19 ASN A 23  ? ASN A 23  . ? 1_555 ? 
2  AC1 19 LEU A 25  ? LEU A 25  . ? 1_555 ? 
3  AC1 19 SER A 27  ? SER A 27  . ? 1_555 ? 
4  AC1 19 TYR A 43  ? TYR A 43  . ? 1_555 ? 
5  AC1 19 SER A 45  ? SER A 45  . ? 1_555 ? 
6  AC1 19 VAL A 47  ? VAL A 47  . ? 1_555 ? 
7  AC1 19 GLY A 48  ? GLY A 48  . ? 1_555 ? 
8  AC1 19 ASN A 49  ? ASN A 49  . ? 1_555 ? 
9  AC1 19 TRP A 79  ? TRP A 79  . ? 1_555 ? 
10 AC1 19 SER A 88  ? SER A 88  . ? 1_555 ? 
11 AC1 19 THR A 90  ? THR A 90  . ? 1_555 ? 
12 AC1 19 TRP A 108 ? TRP A 108 . ? 1_555 ? 
13 AC1 19 TYR A 112 ? TYR A 112 . ? 1_555 ? 
14 AC1 19 THR A 114 ? THR A 114 . ? 1_555 ? 
15 AC1 19 ALA A 121 ? ALA A 121 . ? 1_555 ? 
16 AC1 19 SER A 122 ? SER A 122 . ? 1_555 ? 
17 AC1 19 ASP A 128 ? ASP A 128 . ? 1_555 ? 
18 AC1 19 HOH C .   ? HOH A 301 . ? 1_555 ? 
19 AC1 19 HOH C .   ? HOH A 354 . ? 1_555 ? 
# 
_atom_sites.entry_id                    6AUE 
_atom_sites.fract_transf_matrix[1][1]   -0.00810749 
_atom_sites.fract_transf_matrix[1][2]   0.00503688 
_atom_sites.fract_transf_matrix[1][3]   0.01437835 
_atom_sites.fract_transf_matrix[2][1]   0.00478660 
_atom_sites.fract_transf_matrix[2][2]   0.01630492 
_atom_sites.fract_transf_matrix[2][3]   -0.00301276 
_atom_sites.fract_transf_matrix[3][1]   -0.00454072 
_atom_sites.fract_transf_matrix[3][2]   0.00080764 
_atom_sites.fract_transf_matrix[3][3]   -0.00284329 
_atom_sites.fract_transf_vector[1]      -0.256182 
_atom_sites.fract_transf_vector[2]      -0.076348 
_atom_sites.fract_transf_vector[3]      -0.010603 
# 
loop_
_atom_type.symbol 
C  
CO 
N  
O  
S  
# 
loop_
_atom_site.group_PDB 
_atom_site.id 
_atom_site.type_symbol 
_atom_site.label_atom_id 
_atom_site.label_alt_id 
_atom_site.label_comp_id 
_atom_site.label_asym_id 
_atom_site.label_entity_id 
_atom_site.label_seq_id 
_atom_site.pdbx_PDB_ins_code 
_atom_site.Cartn_x 
_atom_site.Cartn_y 
_atom_site.Cartn_z 
_atom_site.occupancy 
_atom_site.B_iso_or_equiv 
_atom_site.pdbx_formal_charge 
_atom_site.auth_seq_id 
_atom_site.auth_comp_id 
_atom_site.auth_asym_id 
_atom_site.auth_atom_id 
_atom_site.pdbx_PDB_model_num 
ATOM   1    N  N   . ASP A 1 13  ? -8.764  -1.487  -14.940 1.00 36.35 ? 13  ASP A N   1 
ATOM   2    C  CA  . ASP A 1 13  ? -7.425  -0.877  -14.624 1.00 31.05 ? 13  ASP A CA  1 
ATOM   3    C  C   . ASP A 1 13  ? -6.379  -1.863  -14.290 1.00 31.10 ? 13  ASP A C   1 
ATOM   4    O  O   . ASP A 1 13  ? -5.326  -1.454  -13.762 1.00 29.24 ? 13  ASP A O   1 
ATOM   5    C  CB  . ASP A 1 13  ? -7.545  0.147   -13.515 1.00 32.20 ? 13  ASP A CB  1 
ATOM   6    C  CG  . ASP A 1 13  ? -8.509  1.194   -13.835 1.00 33.38 ? 13  ASP A CG  1 
ATOM   7    O  OD1 . ASP A 1 13  ? -8.384  1.967   -14.843 1.00 36.72 ? 13  ASP A OD1 1 
ATOM   8    O  OD2 . ASP A 1 13  ? -9.453  1.226   -13.098 1.00 31.30 ? 13  ASP A OD2 1 
ATOM   9    N  N   . GLU A 1 14  ? -6.560  -3.149  -14.620 1.00 29.08 ? 14  GLU A N   1 
ATOM   10   C  CA  . GLU A 1 14  ? -5.543  -4.186  -14.328 1.00 30.20 ? 14  GLU A CA  1 
ATOM   11   C  C   . GLU A 1 14  ? -4.158  -3.793  -14.867 1.00 31.40 ? 14  GLU A C   1 
ATOM   12   O  O   . GLU A 1 14  ? -3.107  -3.775  -14.166 1.00 24.71 ? 14  GLU A O   1 
ATOM   13   C  CB  . GLU A 1 14  ? -6.025  -5.525  -14.905 1.00 32.03 ? 14  GLU A CB  1 
ATOM   14   C  CG  . GLU A 1 14  ? -5.285  -6.716  -14.367 1.00 35.92 ? 14  GLU A CG  1 
ATOM   15   C  CD  . GLU A 1 14  ? -5.769  -8.059  -14.950 1.00 35.21 ? 14  GLU A CD  1 
ATOM   16   O  OE1 . GLU A 1 14  ? -4.990  -9.036  -14.841 1.00 39.42 ? 14  GLU A OE1 1 
ATOM   17   O  OE2 . GLU A 1 14  ? -6.887  -8.085  -15.520 1.00 36.38 ? 14  GLU A OE2 1 
ATOM   18   N  N   . ALA A 1 15  ? -4.140  -3.438  -16.137 1.00 30.70 ? 15  ALA A N   1 
ATOM   19   C  CA  . ALA A 1 15  ? -2.863  -3.052  -16.760 1.00 33.16 ? 15  ALA A CA  1 
ATOM   20   C  C   . ALA A 1 15  ? -2.244  -1.750  -16.181 1.00 28.60 ? 15  ALA A C   1 
ATOM   21   O  O   . ALA A 1 15  ? -1.033  -1.709  -15.875 1.00 33.43 ? 15  ALA A O   1 
ATOM   22   C  CB  . ALA A 1 15  ? -3.076  -2.924  -18.252 1.00 36.55 ? 15  ALA A CB  1 
ATOM   23   N  N   . GLY A 1 16  ? -3.114  -0.769  -15.888 1.00 26.76 ? 16  GLY A N   1 
ATOM   24   C  CA  . GLY A 1 16  ? -2.701  0.483   -15.285 1.00 23.89 ? 16  GLY A CA  1 
ATOM   25   C  C   . GLY A 1 16  ? -2.082  0.299   -13.900 1.00 20.83 ? 16  GLY A C   1 
ATOM   26   O  O   . GLY A 1 16  ? -1.088  0.971   -13.579 1.00 21.83 ? 16  GLY A O   1 
ATOM   27   N  N   . ILE A 1 17  ? -2.675  -0.589  -13.095 1.00 20.01 ? 17  ILE A N   1 
ATOM   28   C  CA  . ILE A 1 17  ? -2.160  -0.721  -11.710 1.00 18.27 ? 17  ILE A CA  1 
ATOM   29   C  C   . ILE A 1 17  ? -0.926  -1.572  -11.634 1.00 19.50 ? 17  ILE A C   1 
ATOM   30   O  O   . ILE A 1 17  ? 0.026   -1.349  -10.842 1.00 18.43 ? 17  ILE A O   1 
ATOM   31   C  CB  . ILE A 1 17  ? -3.267  -1.295  -10.795 1.00 20.79 ? 17  ILE A CB  1 
ATOM   32   C  CG1 . ILE A 1 17  ? -4.379  -0.257  -10.687 1.00 22.97 ? 17  ILE A CG1 1 
ATOM   33   C  CG2 . ILE A 1 17  ? -2.745  -1.663  -9.414  1.00 20.67 ? 17  ILE A CG2 1 
ATOM   34   C  CD1 . ILE A 1 17  ? -5.659  -0.852  -10.082 1.00 23.22 ? 17  ILE A CD1 1 
ATOM   35   N  N   . THR A 1 18  ? -0.870  -2.679  -12.373 1.00 19.05 ? 18  THR A N   1 
ATOM   36   C  CA  . THR A 1 18  ? 0.248   -3.630  -12.311 1.00 18.25 ? 18  THR A CA  1 
ATOM   37   C  C   . THR A 1 18  ? 1.515   -2.972  -12.646 1.00 18.73 ? 18  THR A C   1 
ATOM   38   O  O   . THR A 1 18  ? 1.631   -2.175  -13.606 1.00 23.11 ? 18  THR A O   1 
ATOM   39   C  CB  . THR A 1 18  ? -0.007  -4.767  -13.323 1.00 19.93 ? 18  THR A CB  1 
ATOM   40   O  OG1 . THR A 1 18  ? -1.095  -5.555  -12.829 1.00 20.70 ? 18  THR A OG1 1 
ATOM   41   C  CG2 . THR A 1 18  ? 1.202   -5.654  -13.406 1.00 21.66 ? 18  THR A CG2 1 
ATOM   42   N  N   . GLY A 1 19  ? 2.547   -3.197  -11.819 1.00 18.47 ? 19  GLY A N   1 
ATOM   43   C  CA  . GLY A 1 19  ? 3.836   -2.554  -12.033 1.00 20.32 ? 19  GLY A CA  1 
ATOM   44   C  C   . GLY A 1 19  ? 4.568   -2.093  -10.795 1.00 17.98 ? 19  GLY A C   1 
ATOM   45   O  O   . GLY A 1 19  ? 4.126   -2.503  -9.668  1.00 18.90 ? 19  GLY A O   1 
ATOM   46   N  N   . THR A 1 20  ? 5.509   -1.212  -10.951 1.00 19.97 ? 20  THR A N   1 
ATOM   47   C  CA  . THR A 1 20  ? 6.372   -0.758  -9.883  1.00 17.60 ? 20  THR A CA  1 
ATOM   48   C  C   . THR A 1 20  ? 6.018   0.682   -9.667  1.00 21.34 ? 20  THR A C   1 
ATOM   49   O  O   . THR A 1 20  ? 5.859   1.495   -10.618 1.00 22.19 ? 20  THR A O   1 
ATOM   50   C  CB  . THR A 1 20  ? 7.879   -0.825  -10.273 1.00 20.22 ? 20  THR A CB  1 
ATOM   51   O  OG1 . THR A 1 20  ? 8.204   -2.228  -10.428 1.00 20.81 ? 20  THR A OG1 1 
ATOM   52   C  CG2 . THR A 1 20  ? 8.747   -0.321  -9.213  1.00 19.53 ? 20  THR A CG2 1 
ATOM   53   N  N   . TRP A 1 21  ? 5.719   1.074   -8.381  1.00 16.66 ? 21  TRP A N   1 
ATOM   54   C  CA  . TRP A 1 21  ? 5.387   2.376   -7.989  1.00 17.22 ? 21  TRP A CA  1 
ATOM   55   C  C   . TRP A 1 21  ? 6.283   2.866   -6.929  1.00 15.40 ? 21  TRP A C   1 
ATOM   56   O  O   . TRP A 1 21  ? 6.890   2.052   -6.196  1.00 16.97 ? 21  TRP A O   1 
ATOM   57   C  CB  . TRP A 1 21  ? 3.942   2.343   -7.493  1.00 17.10 ? 21  TRP A CB  1 
ATOM   58   C  CG  . TRP A 1 21  ? 2.886   2.040   -8.428  1.00 15.71 ? 21  TRP A CG  1 
ATOM   59   C  CD1 . TRP A 1 21  ? 2.479   0.772   -8.814  1.00 17.35 ? 21  TRP A CD1 1 
ATOM   60   C  CD2 . TRP A 1 21  ? 2.074   2.924   -9.177  1.00 16.16 ? 21  TRP A CD2 1 
ATOM   61   N  NE1 . TRP A 1 21  ? 1.419   0.838   -9.713  1.00 17.63 ? 21  TRP A NE1 1 
ATOM   62   C  CE2 . TRP A 1 21  ? 1.195   2.156   -9.939  1.00 17.49 ? 21  TRP A CE2 1 
ATOM   63   C  CE3 . TRP A 1 21  ? 1.981   4.310   -9.266  1.00 15.41 ? 21  TRP A CE3 1 
ATOM   64   C  CZ2 . TRP A 1 21  ? 0.222   2.720   -10.731 1.00 17.52 ? 21  TRP A CZ2 1 
ATOM   65   C  CZ3 . TRP A 1 21  ? 0.973   4.839   -10.054 1.00 16.71 ? 21  TRP A CZ3 1 
ATOM   66   C  CH2 . TRP A 1 21  ? 0.166   4.037   -10.759 1.00 18.17 ? 21  TRP A CH2 1 
ATOM   67   N  N   . TYR A 1 22  ? 6.426   4.193   -6.800  1.00 15.71 ? 22  TYR A N   1 
ATOM   68   C  CA  . TYR A 1 22  ? 7.287   4.778   -5.857  1.00 17.28 ? 22  TYR A CA  1 
ATOM   69   C  C   . TYR A 1 22  ? 6.589   5.963   -5.096  1.00 16.58 ? 22  TYR A C   1 
ATOM   70   O  O   . TYR A 1 22  ? 5.798   6.630   -5.716  1.00 16.40 ? 22  TYR A O   1 
ATOM   71   C  CB  . TYR A 1 22  ? 8.537   5.445   -6.585  1.00 19.03 ? 22  TYR A CB  1 
ATOM   72   C  CG  . TYR A 1 22  ? 9.263   4.527   -7.548  1.00 18.32 ? 22  TYR A CG  1 
ATOM   73   C  CD1 . TYR A 1 22  ? 10.242  3.710   -7.092  1.00 21.64 ? 22  TYR A CD1 1 
ATOM   74   C  CD2 . TYR A 1 22  ? 8.860   4.478   -8.898  1.00 20.71 ? 22  TYR A CD2 1 
ATOM   75   C  CE1 . TYR A 1 22  ? 10.904  2.818   -8.000  1.00 20.28 ? 22  TYR A CE1 1 
ATOM   76   C  CE2 . TYR A 1 22  ? 9.403   3.558   -9.768  1.00 19.52 ? 22  TYR A CE2 1 
ATOM   77   C  CZ  . TYR A 1 22  ? 10.484  2.833   -9.313  1.00 19.32 ? 22  TYR A CZ  1 
ATOM   78   O  OH  . TYR A 1 22  ? 11.127  1.890   -10.187 1.00 20.90 ? 22  TYR A OH  1 
ATOM   79   N  N   . ASN A 1 23  ? 6.779   6.040   -3.767  1.00 16.52 ? 23  ASN A N   1 
ATOM   80   C  CA  . ASN A 1 23  ? 6.153   7.148   -3.032  1.00 15.00 ? 23  ASN A CA  1 
ATOM   81   C  C   . ASN A 1 23  ? 7.110   8.268   -2.741  1.00 18.26 ? 23  ASN A C   1 
ATOM   82   O  O   . ASN A 1 23  ? 8.318   8.195   -3.112  1.00 18.75 ? 23  ASN A O   1 
ATOM   83   C  CB  . ASN A 1 23  ? 5.354   6.666   -1.813  1.00 14.48 ? 23  ASN A CB  1 
ATOM   84   C  CG  . ASN A 1 23  ? 6.229   6.255   -0.682  1.00 15.15 ? 23  ASN A CG  1 
ATOM   85   O  OD1 . ASN A 1 23  ? 7.433   6.476   -0.628  1.00 16.15 ? 23  ASN A OD1 1 
ATOM   86   N  ND2 . ASN A 1 23  ? 5.593   5.629   0.338   1.00 15.09 ? 23  ASN A ND2 1 
ATOM   87   N  N   . GLN A 1 24  ? 6.625   9.279   -2.040  1.00 16.51 ? 24  GLN A N   1 
ATOM   88   C  CA  . GLN A 1 24  ? 7.360   10.556  -1.780  1.00 16.97 ? 24  GLN A CA  1 
ATOM   89   C  C   . GLN A 1 24  ? 8.487   10.305  -0.811  1.00 19.50 ? 24  GLN A C   1 
ATOM   90   O  O   . GLN A 1 24  ? 9.382   11.134  -0.706  1.00 22.47 ? 24  GLN A O   1 
ATOM   91   C  CB  . GLN A 1 24  ? 6.392   11.640  -1.286  1.00 19.14 ? 24  GLN A CB  1 
ATOM   92   C  CG  . GLN A 1 24  ? 5.831   11.499  0.151   1.00 17.76 ? 24  GLN A CG  1 
ATOM   93   C  CD  . GLN A 1 24  ? 4.894   10.314  0.407   1.00 18.53 ? 24  GLN A CD  1 
ATOM   94   O  OE1 . GLN A 1 24  ? 4.333   9.687   -0.525  1.00 19.00 ? 24  GLN A OE1 1 
ATOM   95   N  NE2 . GLN A 1 24  ? 4.770   10.000  1.693   1.00 18.87 ? 24  GLN A NE2 1 
ATOM   96   N  N   . LEU A 1 25  ? 8.519   9.172   -0.089  1.00 16.84 ? 25  LEU A N   1 
ATOM   97   C  CA  . LEU A 1 25  ? 9.611   8.819   0.828   1.00 17.72 ? 25  LEU A CA  1 
ATOM   98   C  C   . LEU A 1 25  ? 10.670  8.055   0.065   1.00 19.55 ? 25  LEU A C   1 
ATOM   99   O  O   . LEU A 1 25  ? 11.694  7.748   0.764   1.00 23.69 ? 25  LEU A O   1 
ATOM   100  C  CB  . LEU A 1 25  ? 9.055   7.925   2.007   1.00 17.75 ? 25  LEU A CB  1 
ATOM   101  C  CG  . LEU A 1 25  ? 7.977   8.574   2.870   1.00 20.64 ? 25  LEU A CG  1 
ATOM   102  C  CD1 . LEU A 1 25  ? 7.254   7.631   3.808   1.00 21.42 ? 25  LEU A CD1 1 
ATOM   103  C  CD2 . LEU A 1 25  ? 8.630   9.621   3.713   1.00 25.73 ? 25  LEU A CD2 1 
ATOM   104  N  N   . GLY A 1 26  ? 10.440  7.628   -1.147  1.00 18.97 ? 26  GLY A N   1 
ATOM   105  C  CA  . GLY A 1 26  ? 11.410  6.715   -1.775  1.00 21.17 ? 26  GLY A CA  1 
ATOM   106  C  C   . GLY A 1 26  ? 11.109  5.236   -1.596  1.00 23.09 ? 26  GLY A C   1 
ATOM   107  O  O   . GLY A 1 26  ? 11.919  4.410   -2.023  1.00 22.34 ? 26  GLY A O   1 
ATOM   108  N  N   . SER A 1 27  ? 9.927   4.854   -0.997  1.00 16.79 ? 27  SER A N   1 
ATOM   109  C  CA  . SER A 1 27  ? 9.614   3.490   -0.878  1.00 16.33 ? 27  SER A CA  1 
ATOM   110  C  C   . SER A 1 27  ? 9.184   2.929   -2.249  1.00 15.93 ? 27  SER A C   1 
ATOM   111  O  O   . SER A 1 27  ? 8.624   3.638   -3.075  1.00 17.74 ? 27  SER A O   1 
ATOM   112  C  CB  . SER A 1 27  ? 8.452   3.316   0.174   1.00 16.24 ? 27  SER A CB  1 
ATOM   113  O  OG  . SER A 1 27  ? 8.894   3.792   1.405   1.00 15.96 ? 27  SER A OG  1 
ATOM   114  N  N   . THR A 1 28  ? 9.248   1.610   -2.417  1.00 17.11 ? 28  THR A N   1 
ATOM   115  C  CA  . THR A 1 28  ? 8.960   0.898   -3.664  1.00 18.78 ? 28  THR A CA  1 
ATOM   116  C  C   . THR A 1 28  ? 7.876   -0.165  -3.459  1.00 16.69 ? 28  THR A C   1 
ATOM   117  O  O   . THR A 1 28  ? 7.933   -1.043  -2.572  1.00 18.78 ? 28  THR A O   1 
ATOM   118  C  CB  . THR A 1 28  ? 10.237  0.126   -4.199  1.00 20.14 ? 28  THR A CB  1 
ATOM   119  O  OG1 . THR A 1 28  ? 11.328  1.005   -4.281  1.00 22.90 ? 28  THR A OG1 1 
ATOM   120  C  CG2 . THR A 1 28  ? 9.944   -0.466  -5.580  1.00 22.03 ? 28  THR A CG2 1 
ATOM   121  N  N   . PHE A 1 29  ? 6.784   0.023   -4.208  1.00 15.65 ? 29  PHE A N   1 
ATOM   122  C  CA  . PHE A 1 29  ? 5.577   -0.791  -4.122  1.00 17.04 ? 29  PHE A CA  1 
ATOM   123  C  C   . PHE A 1 29  ? 5.536   -1.588  -5.479  1.00 18.77 ? 29  PHE A C   1 
ATOM   124  O  O   . PHE A 1 29  ? 5.303   -0.933  -6.510  1.00 18.62 ? 29  PHE A O   1 
ATOM   125  C  CB  . PHE A 1 29  ? 4.354   0.200   -3.821  1.00 17.16 ? 29  PHE A CB  1 
ATOM   126  C  CG  . PHE A 1 29  ? 3.026   -0.303  -4.096  1.00 17.18 ? 29  PHE A CG  1 
ATOM   127  C  CD1 . PHE A 1 29  ? 2.604   -1.495  -3.584  1.00 17.98 ? 29  PHE A CD1 1 
ATOM   128  C  CD2 . PHE A 1 29  ? 2.062   0.463   -4.747  1.00 19.55 ? 29  PHE A CD2 1 
ATOM   129  C  CE1 . PHE A 1 29  ? 1.298   -1.949  -3.686  1.00 16.49 ? 29  PHE A CE1 1 
ATOM   130  C  CE2 . PHE A 1 29  ? 0.793   -0.021  -4.918  1.00 19.21 ? 29  PHE A CE2 1 
ATOM   131  C  CZ  . PHE A 1 29  ? 0.339   -1.264  -4.395  1.00 16.06 ? 29  PHE A CZ  1 
ATOM   132  N  N   . ILE A 1 30  ? 5.607   -2.901  -5.436  1.00 16.86 ? 30  ILE A N   1 
ATOM   133  C  CA  . ILE A 1 30  ? 5.610   -3.745  -6.638  1.00 18.76 ? 30  ILE A CA  1 
ATOM   134  C  C   . ILE A 1 30  ? 4.372   -4.589  -6.549  1.00 17.19 ? 30  ILE A C   1 
ATOM   135  O  O   . ILE A 1 30  ? 4.154   -5.279  -5.575  1.00 19.06 ? 30  ILE A O   1 
ATOM   136  C  CB  . ILE A 1 30  ? 6.840   -4.635  -6.593  1.00 22.33 ? 30  ILE A CB  1 
ATOM   137  C  CG1 . ILE A 1 30  ? 8.021   -3.741  -6.847  1.00 22.78 ? 30  ILE A CG1 1 
ATOM   138  C  CG2 . ILE A 1 30  ? 6.684   -5.759  -7.648  1.00 22.17 ? 30  ILE A CG2 1 
ATOM   139  C  CD1 . ILE A 1 30  ? 9.373   -4.379  -6.752  1.00 23.77 ? 30  ILE A CD1 1 
ATOM   140  N  N   . VAL A 1 31  ? 3.425   -4.393  -7.457  1.00 17.01 ? 31  VAL A N   1 
ATOM   141  C  CA  . VAL A 1 31  ? 2.119   -4.998  -7.396  1.00 18.58 ? 31  VAL A CA  1 
ATOM   142  C  C   . VAL A 1 31  ? 1.700   -5.660  -8.725  1.00 19.42 ? 31  VAL A C   1 
ATOM   143  O  O   . VAL A 1 31  ? 1.999   -5.097  -9.802  1.00 19.22 ? 31  VAL A O   1 
ATOM   144  C  CB  . VAL A 1 31  ? 1.095   -3.973  -6.906  1.00 18.39 ? 31  VAL A CB  1 
ATOM   145  C  CG1 . VAL A 1 31  ? 0.869   -2.797  -7.937  1.00 18.59 ? 31  VAL A CG1 1 
ATOM   146  C  CG2 . VAL A 1 31  ? -0.203  -4.618  -6.432  1.00 19.10 ? 31  VAL A CG2 1 
ATOM   147  N  N   . THR A 1 32  ? 0.929   -6.717  -8.586  1.00 17.77 ? 32  THR A N   1 
ATOM   148  C  CA  . THR A 1 32  ? 0.203   -7.280  -9.685  1.00 21.44 ? 32  THR A CA  1 
ATOM   149  C  C   . THR A 1 32  ? -1.249  -7.242  -9.358  1.00 19.05 ? 32  THR A C   1 
ATOM   150  O  O   . THR A 1 32  ? -1.678  -7.771  -8.346  1.00 18.92 ? 32  THR A O   1 
ATOM   151  C  CB  . THR A 1 32  ? 0.640   -8.752  -9.973  1.00 23.93 ? 32  THR A CB  1 
ATOM   152  O  OG1 . THR A 1 32  ? 2.061   -8.756  -10.330 1.00 26.76 ? 32  THR A OG1 1 
ATOM   153  C  CG2 . THR A 1 32  ? -0.210  -9.427  -11.099 1.00 25.88 ? 32  THR A CG2 1 
ATOM   154  N  N   . ALA A 1 33  ? -2.039  -6.681  -10.257 1.00 18.12 ? 33  ALA A N   1 
ATOM   155  C  CA  . ALA A 1 33  ? -3.510  -6.659  -10.182 1.00 19.81 ? 33  ALA A CA  1 
ATOM   156  C  C   . ALA A 1 33  ? -4.154  -7.823  -10.928 1.00 20.74 ? 33  ALA A C   1 
ATOM   157  O  O   . ALA A 1 33  ? -3.820  -7.951  -12.146 1.00 23.72 ? 33  ALA A O   1 
ATOM   158  C  CB  . ALA A 1 33  ? -4.028  -5.353  -10.646 1.00 20.70 ? 33  ALA A CB  1 
ATOM   159  N  N   . GLY A 1 34  ? -4.854  -8.699  -10.280 1.00 21.45 ? 34  GLY A N   1 
ATOM   160  C  CA  . GLY A 1 34  ? -5.566  -9.865  -10.888 1.00 21.85 ? 34  GLY A CA  1 
ATOM   161  C  C   . GLY A 1 34  ? -6.893  -9.473  -11.481 1.00 22.65 ? 34  GLY A C   1 
ATOM   162  O  O   . GLY A 1 34  ? -7.525  -8.463  -11.132 1.00 22.15 ? 34  GLY A O   1 
ATOM   163  N  N   . ALA A 1 35  ? -7.327  -10.251 -12.493 1.00 22.72 ? 35  ALA A N   1 
ATOM   164  C  CA  . ALA A 1 35  ? -8.659  -10.028 -13.090 1.00 24.08 ? 35  ALA A CA  1 
ATOM   165  C  C   . ALA A 1 35  ? -9.814  -10.094 -12.098 1.00 27.55 ? 35  ALA A C   1 
ATOM   166  O  O   . ALA A 1 35  ? -10.872 -9.544  -12.357 1.00 33.23 ? 35  ALA A O   1 
ATOM   167  C  CB  . ALA A 1 35  ? -8.917  -11.097 -14.186 1.00 25.48 ? 35  ALA A CB  1 
ATOM   168  N  N   . ASP A 1 36  ? -9.591  -10.835 -11.035 1.00 28.27 ? 36  ASP A N   1 
ATOM   169  C  CA  . ASP A 1 36  ? -10.573 -11.087 -9.986  1.00 31.79 ? 36  ASP A CA  1 
ATOM   170  C  C   . ASP A 1 36  ? -10.600 -9.980  -8.862  1.00 27.44 ? 36  ASP A C   1 
ATOM   171  O  O   . ASP A 1 36  ? -11.321 -10.177 -7.900  1.00 32.87 ? 36  ASP A O   1 
ATOM   172  C  CB  . ASP A 1 36  ? -10.255 -12.477 -9.344  1.00 33.25 ? 36  ASP A CB  1 
ATOM   173  C  CG  . ASP A 1 36  ? -8.801  -12.548 -8.711  1.00 39.81 ? 36  ASP A CG  1 
ATOM   174  O  OD1 . ASP A 1 36  ? -8.005  -11.616 -8.977  1.00 29.98 ? 36  ASP A OD1 1 
ATOM   175  O  OD2 . ASP A 1 36  ? -8.457  -13.508 -7.956  1.00 40.43 ? 36  ASP A OD2 1 
ATOM   176  N  N   . GLY A 1 37  ? -9.796  -8.911  -8.980  1.00 22.01 ? 37  GLY A N   1 
ATOM   177  C  CA  . GLY A 1 37  ? -9.769  -7.876  -7.922  1.00 19.11 ? 37  GLY A CA  1 
ATOM   178  C  C   . GLY A 1 37  ? -8.629  -8.064  -6.971  1.00 18.02 ? 37  GLY A C   1 
ATOM   179  O  O   . GLY A 1 37  ? -8.564  -7.281  -6.030  1.00 17.10 ? 37  GLY A O   1 
ATOM   180  N  N   . ALA A 1 38  ? -7.789  -9.086  -7.116  1.00 16.99 ? 38  ALA A N   1 
ATOM   181  C  CA  . ALA A 1 38  ? -6.659  -9.240  -6.178  1.00 15.42 ? 38  ALA A CA  1 
ATOM   182  C  C   . ALA A 1 38  ? -5.505  -8.323  -6.440  1.00 18.46 ? 38  ALA A C   1 
ATOM   183  O  O   . ALA A 1 38  ? -5.189  -8.024  -7.584  1.00 18.62 ? 38  ALA A O   1 
ATOM   184  C  CB  . ALA A 1 38  ? -6.176  -10.668 -6.241  1.00 21.49 ? 38  ALA A CB  1 
ATOM   185  N  N   . LEU A 1 39  ? -4.839  -7.921  -5.375  1.00 16.66 ? 39  LEU A N   1 
ATOM   186  C  CA  . LEU A 1 39  ? -3.508  -7.298  -5.413  1.00 15.31 ? 39  LEU A CA  1 
ATOM   187  C  C   . LEU A 1 39  ? -2.521  -8.099  -4.658  1.00 14.83 ? 39  LEU A C   1 
ATOM   188  O  O   . LEU A 1 39  ? -2.799  -8.584  -3.587  1.00 16.05 ? 39  LEU A O   1 
ATOM   189  C  CB  . LEU A 1 39  ? -3.472  -5.830  -4.766  1.00 16.63 ? 39  LEU A CB  1 
ATOM   190  C  CG  . LEU A 1 39  ? -4.457  -4.883  -5.419  1.00 17.49 ? 39  LEU A CG  1 
ATOM   191  C  CD1 . LEU A 1 39  ? -4.412  -3.594  -4.543  1.00 16.05 ? 39  LEU A CD1 1 
ATOM   192  C  CD2 . LEU A 1 39  ? -4.145  -4.493  -6.852  1.00 17.15 ? 39  LEU A CD2 1 
ATOM   193  N  N   . THR A 1 40  ? -1.408  -8.463  -5.316  1.00 16.19 ? 40  THR A N   1 
ATOM   194  C  CA  . THR A 1 40  ? -0.314  -9.167  -4.666  1.00 17.14 ? 40  THR A CA  1 
ATOM   195  C  C   . THR A 1 40  ? 0.998   -8.527  -5.050  1.00 17.17 ? 40  THR A C   1 
ATOM   196  O  O   . THR A 1 40  ? 1.166   -8.053  -6.196  1.00 21.65 ? 40  THR A O   1 
ATOM   197  C  CB  . THR A 1 40  ? -0.247  -10.648 -5.218  1.00 19.01 ? 40  THR A CB  1 
ATOM   198  O  OG1 A THR A 1 40  ? -0.175  -10.639 -6.614  0.50 18.42 ? 40  THR A OG1 1 
ATOM   199  O  OG1 B THR A 1 40  ? -1.628  -11.036 -5.510  0.50 20.44 ? 40  THR A OG1 1 
ATOM   200  C  CG2 A THR A 1 40  ? -1.447  -11.461 -4.783  0.50 16.67 ? 40  THR A CG2 1 
ATOM   201  C  CG2 B THR A 1 40  ? 0.289   -11.525 -4.276  0.50 19.29 ? 40  THR A CG2 1 
ATOM   202  N  N   . GLY A 1 41  ? 2.007   -8.603  -4.167  1.00 15.82 ? 41  GLY A N   1 
ATOM   203  C  CA  . GLY A 1 41  ? 3.297   -8.110  -4.526  1.00 15.76 ? 41  GLY A CA  1 
ATOM   204  C  C   . GLY A 1 41  ? 4.206   -8.006  -3.332  1.00 15.11 ? 41  GLY A C   1 
ATOM   205  O  O   . GLY A 1 41  ? 4.068   -8.752  -2.336  1.00 16.20 ? 41  GLY A O   1 
ATOM   206  N  N   . THR A 1 42  ? 5.019   -6.939  -3.383  1.00 14.57 ? 42  THR A N   1 
ATOM   207  C  CA  . THR A 1 42  ? 6.043   -6.699  -2.358  1.00 16.50 ? 42  THR A CA  1 
ATOM   208  C  C   . THR A 1 42  ? 6.132   -5.174  -2.080  1.00 16.57 ? 42  THR A C   1 
ATOM   209  O  O   . THR A 1 42  ? 5.936   -4.381  -2.987  1.00 16.97 ? 42  THR A O   1 
ATOM   210  C  CB  . THR A 1 42  ? 7.460   -7.253  -2.677  1.00 17.29 ? 42  THR A CB  1 
ATOM   211  O  OG1 . THR A 1 42  ? 7.957   -6.573  -3.823  1.00 19.39 ? 42  THR A OG1 1 
ATOM   212  C  CG2 . THR A 1 42  ? 7.393   -8.726  -2.814  1.00 19.41 ? 42  THR A CG2 1 
ATOM   213  N  N   . TYR A 1 43  ? 6.592   -4.862  -0.854  1.00 15.27 ? 43  TYR A N   1 
ATOM   214  C  CA  . TYR A 1 43  ? 6.813   -3.448  -0.474  1.00 14.42 ? 43  TYR A CA  1 
ATOM   215  C  C   . TYR A 1 43  ? 8.166   -3.360  0.178   1.00 13.63 ? 43  TYR A C   1 
ATOM   216  O  O   . TYR A 1 43  ? 8.497   -4.168  1.028   1.00 16.95 ? 43  TYR A O   1 
ATOM   217  C  CB  . TYR A 1 43  ? 5.669   -3.040  0.562   1.00 14.89 ? 43  TYR A CB  1 
ATOM   218  C  CG  . TYR A 1 43  ? 5.497   -1.545  0.619   1.00 13.60 ? 43  TYR A CG  1 
ATOM   219  C  CD1 . TYR A 1 43  ? 6.287   -0.791  1.429   1.00 13.60 ? 43  TYR A CD1 1 
ATOM   220  C  CD2 . TYR A 1 43  ? 4.475   -0.910  -0.101  1.00 13.11 ? 43  TYR A CD2 1 
ATOM   221  C  CE1 . TYR A 1 43  ? 6.156   0.626   1.505   1.00 13.92 ? 43  TYR A CE1 1 
ATOM   222  C  CE2 . TYR A 1 43  ? 4.367   0.468   -0.059  1.00 12.31 ? 43  TYR A CE2 1 
ATOM   223  C  CZ  . TYR A 1 43  ? 5.118   1.213   0.755   1.00 12.21 ? 43  TYR A CZ  1 
ATOM   224  O  OH  . TYR A 1 43  ? 4.957   2.553   0.857   1.00 14.03 ? 43  TYR A OH  1 
ATOM   225  N  N   . GLU A 1 44  ? 8.839   -2.294  -0.139  1.00 14.73 ? 44  GLU A N   1 
ATOM   226  C  CA  . GLU A 1 44  ? 10.136  -2.025  0.513   1.00 15.02 ? 44  GLU A CA  1 
ATOM   227  C  C   . GLU A 1 44  ? 10.057  -0.556  0.959   1.00 15.74 ? 44  GLU A C   1 
ATOM   228  O  O   . GLU A 1 44  ? 9.911   0.363   0.152   1.00 16.22 ? 44  GLU A O   1 
ATOM   229  C  CB  . GLU A 1 44  ? 11.188  -2.116  -0.574  1.00 18.28 ? 44  GLU A CB  1 
ATOM   230  C  CG  . GLU A 1 44  ? 12.560  -1.790  -0.030  1.00 22.08 ? 44  GLU A CG  1 
ATOM   231  C  CD  . GLU A 1 44  ? 13.745  -2.193  -0.948  1.00 29.35 ? 44  GLU A CD  1 
ATOM   232  O  OE1 . GLU A 1 44  ? 14.915  -2.123  -0.392  1.00 30.79 ? 44  GLU A OE1 1 
ATOM   233  O  OE2 . GLU A 1 44  ? 13.538  -2.599  -2.087  1.00 29.71 ? 44  GLU A OE2 1 
ATOM   234  N  N   . SER A 1 45  ? 10.084  -0.349  2.282   1.00 16.34 ? 45  SER A N   1 
ATOM   235  C  CA  . SER A 1 45  ? 10.038  0.965   2.899   1.00 15.32 ? 45  SER A CA  1 
ATOM   236  C  C   . SER A 1 45  ? 11.395  1.615   2.928   1.00 16.96 ? 45  SER A C   1 
ATOM   237  O  O   . SER A 1 45  ? 12.368  0.995   3.472   1.00 19.96 ? 45  SER A O   1 
ATOM   238  C  CB  . SER A 1 45  ? 9.417   0.911   4.282   1.00 15.50 ? 45  SER A CB  1 
ATOM   239  O  OG  . SER A 1 45  ? 9.344   2.196   4.793   1.00 16.07 ? 45  SER A OG  1 
ATOM   240  N  N   . ALA A 1 46  ? 11.454  2.878   2.570   1.00 16.83 ? 46  ALA A N   1 
ATOM   241  C  CA  . ALA A 1 46  ? 12.702  3.625   2.761   1.00 19.46 ? 46  ALA A CA  1 
ATOM   242  C  C   . ALA A 1 46  ? 12.881  4.140   4.146   1.00 19.90 ? 46  ALA A C   1 
ATOM   243  O  O   . ALA A 1 46  ? 13.968  4.710   4.513   1.00 19.80 ? 46  ALA A O   1 
ATOM   244  C  CB  . ALA A 1 46  ? 12.785  4.759   1.831   1.00 22.10 ? 46  ALA A CB  1 
ATOM   245  N  N   . VAL A 1 47  ? 11.896  4.060   5.024   1.00 17.52 ? 47  VAL A N   1 
ATOM   246  C  CA  . VAL A 1 47  ? 11.957  4.546   6.386   1.00 15.84 ? 47  VAL A CA  1 
ATOM   247  C  C   . VAL A 1 47  ? 11.408  3.541   7.386   1.00 16.15 ? 47  VAL A C   1 
ATOM   248  O  O   . VAL A 1 47  ? 10.742  2.554   7.039   1.00 16.33 ? 47  VAL A O   1 
ATOM   249  C  CB  . VAL A 1 47  ? 11.130  5.890   6.550   1.00 17.19 ? 47  VAL A CB  1 
ATOM   250  C  CG1 . VAL A 1 47  ? 11.630  7.003   5.638   1.00 16.96 ? 47  VAL A CG1 1 
ATOM   251  C  CG2 . VAL A 1 47  ? 9.610   5.654   6.329   1.00 15.83 ? 47  VAL A CG2 1 
ATOM   252  N  N   . GLY A 1 48  ? 11.713  3.789   8.641   1.00 16.15 ? 48  GLY A N   1 
ATOM   253  C  CA  . GLY A 1 48  ? 11.232  2.990   9.678   1.00 15.65 ? 48  GLY A CA  1 
ATOM   254  C  C   . GLY A 1 48  ? 11.946  1.705   9.992   1.00 17.20 ? 48  GLY A C   1 
ATOM   255  O  O   . GLY A 1 48  ? 13.086  1.534   9.512   1.00 17.83 ? 48  GLY A O   1 
ATOM   256  N  N   . ASN A 1 49  ? 11.332  0.837   10.764  1.00 15.51 ? 49  ASN A N   1 
ATOM   257  C  CA  . ASN A 1 49  ? 11.983  -0.407  11.244  1.00 16.60 ? 49  ASN A CA  1 
ATOM   258  C  C   . ASN A 1 49  ? 11.726  -1.504  10.194  1.00 17.27 ? 49  ASN A C   1 
ATOM   259  O  O   . ASN A 1 49  ? 10.884  -2.365  10.341  1.00 17.53 ? 49  ASN A O   1 
ATOM   260  C  CB  . ASN A 1 49  ? 11.539  -0.764  12.603  1.00 18.32 ? 49  ASN A CB  1 
ATOM   261  C  CG  . ASN A 1 49  ? 12.333  -1.968  13.174  1.00 21.67 ? 49  ASN A CG  1 
ATOM   262  O  OD1 . ASN A 1 49  ? 13.344  -2.380  12.546  1.00 22.43 ? 49  ASN A OD1 1 
ATOM   263  N  ND2 . ASN A 1 49  ? 11.801  -2.587  14.150  1.00 22.07 ? 49  ASN A ND2 1 
ATOM   264  N  N   . ALA A 1 50  ? 12.431  -1.396  9.065   1.00 16.27 ? 50  ALA A N   1 
ATOM   265  C  CA  . ALA A 1 50  ? 12.219  -2.153  7.844   1.00 16.93 ? 50  ALA A CA  1 
ATOM   266  C  C   . ALA A 1 50  ? 13.478  -2.295  7.039   1.00 18.29 ? 50  ALA A C   1 
ATOM   267  O  O   . ALA A 1 50  ? 14.286  -1.364  6.949   1.00 19.59 ? 50  ALA A O   1 
ATOM   268  C  CB  . ALA A 1 50  ? 11.105  -1.556  6.998   1.00 19.39 ? 50  ALA A CB  1 
ATOM   269  N  N   . GLU A 1 51  ? 13.657  -3.492  6.481   1.00 16.81 ? 51  GLU A N   1 
ATOM   270  C  CA  . GLU A 1 51  ? 14.676  -3.686  5.509   1.00 18.12 ? 51  GLU A CA  1 
ATOM   271  C  C   . GLU A 1 51  ? 14.241  -4.751  4.495   1.00 17.04 ? 51  GLU A C   1 
ATOM   272  O  O   . GLU A 1 51  ? 13.584  -5.736  4.850   1.00 17.62 ? 51  GLU A O   1 
ATOM   273  C  CB  . GLU A 1 51  ? 16.025  -4.052  6.179   1.00 22.37 ? 51  GLU A CB  1 
ATOM   274  C  CG  . GLU A 1 51  ? 16.159  -5.452  6.577   1.00 27.19 ? 51  GLU A CG  1 
ATOM   275  C  CD  . GLU A 1 51  ? 17.525  -5.815  7.210   1.00 27.23 ? 51  GLU A CD  1 
ATOM   276  O  OE1 . GLU A 1 51  ? 18.420  -6.169  6.459   1.00 30.18 ? 51  GLU A OE1 1 
ATOM   277  O  OE2 . GLU A 1 51  ? 17.634  -5.696  8.398   1.00 30.53 ? 51  GLU A OE2 1 
ATOM   278  N  N   . SER A 1 52  ? 14.594  -4.517  3.279   1.00 17.49 ? 52  SER A N   1 
ATOM   279  C  CA  . SER A 1 52  ? 14.351  -5.377  2.172   1.00 18.28 ? 52  SER A CA  1 
ATOM   280  C  C   . SER A 1 52  ? 12.809  -5.399  1.819   1.00 18.21 ? 52  SER A C   1 
ATOM   281  O  O   . SER A 1 52  ? 12.084  -4.512  2.281   1.00 20.46 ? 52  SER A O   1 
ATOM   282  C  CB  . SER A 1 52  ? 14.942  -6.786  2.348   1.00 23.31 ? 52  SER A CB  1 
ATOM   283  O  OG  . SER A 1 52  ? 14.891  -7.337  1.045   1.00 29.48 ? 52  SER A OG  1 
ATOM   284  N  N   . ARG A 1 53  ? 12.368  -6.491  1.261   1.00 17.13 ? 53  ARG A N   1 
ATOM   285  C  CA  . ARG A 1 53  ? 10.978  -6.565  0.772   1.00 17.52 ? 53  ARG A CA  1 
ATOM   286  C  C   . ARG A 1 53  ? 10.138  -7.314  1.806   1.00 17.41 ? 53  ARG A C   1 
ATOM   287  O  O   . ARG A 1 53  ? 10.523  -8.325  2.455   1.00 18.37 ? 53  ARG A O   1 
ATOM   288  C  CB  . ARG A 1 53  ? 10.938  -7.361  -0.603  1.00 19.35 ? 53  ARG A CB  1 
ATOM   289  C  CG  . ARG A 1 53  ? 11.440  -6.480  -1.759  1.00 22.75 ? 53  ARG A CG  1 
ATOM   290  C  CD  . ARG A 1 53  ? 11.692  -7.191  -3.047  1.00 29.56 ? 53  ARG A CD  1 
ATOM   291  N  NE  A ARG A 1 53  ? 11.639  -6.479  -4.339  0.50 33.26 ? 53  ARG A NE  1 
ATOM   292  N  NE  B ARG A 1 53  ? 12.553  -8.393  -2.892  0.50 29.52 ? 53  ARG A NE  1 
ATOM   293  C  CZ  A ARG A 1 53  ? 12.009  -7.109  -5.486  0.50 34.81 ? 53  ARG A CZ  1 
ATOM   294  C  CZ  B ARG A 1 53  ? 13.847  -8.503  -3.261  0.50 38.75 ? 53  ARG A CZ  1 
ATOM   295  N  NH1 A ARG A 1 53  ? 11.989  -6.515  -6.669  0.50 32.32 ? 53  ARG A NH1 1 
ATOM   296  N  NH1 B ARG A 1 53  ? 14.480  -9.663  -3.068  0.50 39.09 ? 53  ARG A NH1 1 
ATOM   297  N  NH2 A ARG A 1 53  ? 12.356  -8.401  -5.451  0.50 35.17 ? 53  ARG A NH2 1 
ATOM   298  N  NH2 B ARG A 1 53  ? 14.538  -7.498  -3.824  0.50 40.51 ? 53  ARG A NH2 1 
ATOM   299  N  N   . TYR A 1 54  ? 8.824   -6.919  1.800   1.00 15.87 ? 54  TYR A N   1 
ATOM   300  C  CA  . TYR A 1 54  ? 7.802   -7.572  2.583   1.00 15.54 ? 54  TYR A CA  1 
ATOM   301  C  C   . TYR A 1 54  ? 6.577   -7.898  1.695   1.00 12.97 ? 54  TYR A C   1 
ATOM   302  O  O   . TYR A 1 54  ? 6.288   -7.188  0.758   1.00 15.89 ? 54  TYR A O   1 
ATOM   303  C  CB  . TYR A 1 54  ? 7.295   -6.571  3.706   1.00 14.04 ? 54  TYR A CB  1 
ATOM   304  C  CG  . TYR A 1 54  ? 8.417   -6.248  4.666   1.00 14.45 ? 54  TYR A CG  1 
ATOM   305  C  CD1 . TYR A 1 54  ? 8.431   -6.825  5.982   1.00 14.64 ? 54  TYR A CD1 1 
ATOM   306  C  CD2 . TYR A 1 54  ? 9.281   -5.199  4.403   1.00 14.76 ? 54  TYR A CD2 1 
ATOM   307  C  CE1 . TYR A 1 54  ? 9.490   -6.557  6.838   1.00 14.99 ? 54  TYR A CE1 1 
ATOM   308  C  CE2 . TYR A 1 54  ? 10.357  -4.955  5.306   1.00 14.56 ? 54  TYR A CE2 1 
ATOM   309  C  CZ  . TYR A 1 54  ? 10.321  -5.545  6.520   1.00 15.77 ? 54  TYR A CZ  1 
ATOM   310  O  OH  . TYR A 1 54  ? 11.424  -5.335  7.377   1.00 16.59 ? 54  TYR A OH  1 
ATOM   311  N  N   . VAL A 1 55  ? 5.967   -9.022  2.043   1.00 14.50 ? 55  VAL A N   1 
ATOM   312  C  CA  . VAL A 1 55  ? 4.785   -9.442  1.344   1.00 15.19 ? 55  VAL A CA  1 
ATOM   313  C  C   . VAL A 1 55  ? 3.696   -8.400  1.481   1.00 14.76 ? 55  VAL A C   1 
ATOM   314  O  O   . VAL A 1 55  ? 3.425   -7.951  2.569   1.00 15.14 ? 55  VAL A O   1 
ATOM   315  C  CB  . VAL A 1 55  ? 4.330   -10.857 1.738   1.00 15.70 ? 55  VAL A CB  1 
ATOM   316  C  CG1 . VAL A 1 55  ? 2.987   -11.206 1.120   1.00 17.05 ? 55  VAL A CG1 1 
ATOM   317  C  CG2 . VAL A 1 55  ? 5.416   -11.862 1.418   1.00 17.14 ? 55  VAL A CG2 1 
ATOM   318  N  N   . LEU A 1 56  ? 2.973   -8.166  0.427   1.00 14.83 ? 56  LEU A N   1 
ATOM   319  C  CA  . LEU A 1 56  ? 1.680   -7.453  0.517   1.00 16.01 ? 56  LEU A CA  1 
ATOM   320  C  C   . LEU A 1 56  ? 0.542   -8.192  -0.207  1.00 17.95 ? 56  LEU A C   1 
ATOM   321  O  O   . LEU A 1 56  ? 0.776   -8.922  -1.196  1.00 15.93 ? 56  LEU A O   1 
ATOM   322  C  CB  . LEU A 1 56  ? 1.768   -6.049  0.030   1.00 17.73 ? 56  LEU A CB  1 
ATOM   323  C  CG  . LEU A 1 56  ? 1.935   -5.887  -1.473  1.00 15.73 ? 56  LEU A CG  1 
ATOM   324  C  CD1 . LEU A 1 56  ? 0.542   -5.742  -2.240  1.00 15.77 ? 56  LEU A CD1 1 
ATOM   325  C  CD2 . LEU A 1 56  ? 2.794   -4.671  -1.806  1.00 20.13 ? 56  LEU A CD2 1 
ATOM   326  N  N   . THR A 1 57  ? -0.683  -7.955  0.282   1.00 15.38 ? 57  THR A N   1 
ATOM   327  C  CA  . THR A 1 57  ? -1.871  -8.353  -0.426  1.00 14.31 ? 57  THR A CA  1 
ATOM   328  C  C   . THR A 1 57  ? -2.899  -7.330  -0.250  1.00 13.15 ? 57  THR A C   1 
ATOM   329  O  O   . THR A 1 57  ? -2.963  -6.649  0.768   1.00 14.62 ? 57  THR A O   1 
ATOM   330  C  CB  . THR A 1 57  ? -2.310  -9.733  0.108   1.00 15.75 ? 57  THR A CB  1 
ATOM   331  O  OG1 . THR A 1 57  ? -3.402  -10.166 -0.632  1.00 20.83 ? 57  THR A OG1 1 
ATOM   332  C  CG2 . THR A 1 57  ? -2.713  -9.688  1.521   1.00 15.25 ? 57  THR A CG2 1 
ATOM   333  N  N   . GLY A 1 58  ? -3.867  -7.301  -1.189  1.00 13.64 ? 58  GLY A N   1 
ATOM   334  C  CA  . GLY A 1 58  ? -4.945  -6.382  -1.095  1.00 13.87 ? 58  GLY A CA  1 
ATOM   335  C  C   . GLY A 1 58  ? -5.973  -6.598  -2.150  1.00 14.23 ? 58  GLY A C   1 
ATOM   336  O  O   . GLY A 1 58  ? -6.017  -7.729  -2.764  1.00 14.57 ? 58  GLY A O   1 
ATOM   337  N  N   . ARG A 1 59  ? -6.794  -5.628  -2.423  1.00 14.06 ? 59  ARG A N   1 
ATOM   338  C  CA  . ARG A 1 59  ? -8.004  -5.772  -3.320  1.00 13.09 ? 59  ARG A CA  1 
ATOM   339  C  C   . ARG A 1 59  ? -8.168  -4.431  -3.991  1.00 14.65 ? 59  ARG A C   1 
ATOM   340  O  O   . ARG A 1 59  ? -7.907  -3.352  -3.440  1.00 14.76 ? 59  ARG A O   1 
ATOM   341  C  CB  . ARG A 1 59  ? -9.297  -6.049  -2.531  1.00 13.71 ? 59  ARG A CB  1 
ATOM   342  C  CG  . ARG A 1 59  ? -9.358  -7.336  -1.703  1.00 14.24 ? 59  ARG A CG  1 
ATOM   343  C  CD  . ARG A 1 59  ? -9.334  -8.646  -2.503  1.00 14.77 ? 59  ARG A CD  1 
ATOM   344  N  NE  . ARG A 1 59  ? -10.565 -8.696  -3.301  1.00 15.55 ? 59  ARG A NE  1 
ATOM   345  C  CZ  . ARG A 1 59  ? -10.691 -9.530  -4.327  1.00 16.67 ? 59  ARG A CZ  1 
ATOM   346  N  NH1 . ARG A 1 59  ? -9.774  -10.357 -4.648  1.00 18.91 ? 59  ARG A NH1 1 
ATOM   347  N  NH2 . ARG A 1 59  ? -11.859 -9.524  -4.987  1.00 17.76 ? 59  ARG A NH2 1 
ATOM   348  N  N   . TYR A 1 60  ? -8.801  -4.441  -5.201  1.00 14.70 ? 60  TYR A N   1 
ATOM   349  C  CA  . TYR A 1 60  ? -9.127  -3.220  -5.906  1.00 13.86 ? 60  TYR A CA  1 
ATOM   350  C  C   . TYR A 1 60  ? -10.504 -3.503  -6.601  1.00 14.42 ? 60  TYR A C   1 
ATOM   351  O  O   . TYR A 1 60  ? -10.862 -4.637  -6.827  1.00 15.93 ? 60  TYR A O   1 
ATOM   352  C  CB  . TYR A 1 60  ? -8.038  -2.798  -6.918  1.00 14.27 ? 60  TYR A CB  1 
ATOM   353  C  CG  . TYR A 1 60  ? -7.948  -3.640  -8.215  1.00 17.75 ? 60  TYR A CG  1 
ATOM   354  C  CD1 . TYR A 1 60  ? -7.491  -4.926  -8.179  1.00 17.31 ? 60  TYR A CD1 1 
ATOM   355  C  CD2 . TYR A 1 60  ? -8.446  -3.130  -9.409  1.00 16.79 ? 60  TYR A CD2 1 
ATOM   356  C  CE1 . TYR A 1 60  ? -7.381  -5.670  -9.377  1.00 18.25 ? 60  TYR A CE1 1 
ATOM   357  C  CE2 . TYR A 1 60  ? -8.347  -3.925  -10.570 1.00 18.48 ? 60  TYR A CE2 1 
ATOM   358  C  CZ  . TYR A 1 60  ? -7.924  -5.202  -10.497 1.00 19.50 ? 60  TYR A CZ  1 
ATOM   359  O  OH  . TYR A 1 60  ? -7.822  -5.965  -11.721 1.00 21.19 ? 60  TYR A OH  1 
ATOM   360  N  N   . ASP A 1 61  ? -11.168 -2.454  -6.906  1.00 14.70 ? 61  ASP A N   1 
ATOM   361  C  CA  . ASP A 1 61  ? -12.426 -2.442  -7.716  1.00 14.56 ? 61  ASP A CA  1 
ATOM   362  C  C   . ASP A 1 61  ? -12.037 -2.731  -9.185  1.00 15.36 ? 61  ASP A C   1 
ATOM   363  O  O   . ASP A 1 61  ? -11.509 -1.881  -9.871  1.00 17.49 ? 61  ASP A O   1 
ATOM   364  C  CB  . ASP A 1 61  ? -13.107 -1.107  -7.596  1.00 15.55 ? 61  ASP A CB  1 
ATOM   365  C  CG  . ASP A 1 61  ? -14.473 -0.959  -8.426  1.00 16.19 ? 61  ASP A CG  1 
ATOM   366  O  OD1 . ASP A 1 61  ? -14.811 -2.040  -9.047  1.00 17.80 ? 61  ASP A OD1 1 
ATOM   367  O  OD2 . ASP A 1 61  ? -14.990 0.118   -8.388  1.00 17.75 ? 61  ASP A OD2 1 
ATOM   368  N  N   . SER A 1 62  ? -12.395 -3.927  -9.637  1.00 19.16 ? 62  SER A N   1 
ATOM   369  C  CA  . SER A 1 62  ? -12.094 -4.373  -11.024 1.00 19.07 ? 62  SER A CA  1 
ATOM   370  C  C   . SER A 1 62  ? -13.142 -3.896  -12.033 1.00 23.49 ? 62  SER A C   1 
ATOM   371  O  O   . SER A 1 62  ? -12.943 -4.166  -13.236 1.00 26.06 ? 62  SER A O   1 
ATOM   372  C  CB  . SER A 1 62  ? -11.881 -5.859  -11.027 1.00 21.90 ? 62  SER A CB  1 
ATOM   373  O  OG  . SER A 1 62  ? -13.085 -6.484  -10.585 1.00 26.07 ? 62  SER A OG  1 
ATOM   374  N  N   . ALA A 1 63  ? -14.158 -3.166  -11.617 1.00 19.66 ? 63  ALA A N   1 
ATOM   375  C  CA  . ALA A 1 63  ? -15.186 -2.602  -12.565 1.00 21.14 ? 63  ALA A CA  1 
ATOM   376  C  C   . ALA A 1 63  ? -15.541 -1.223  -12.089 1.00 21.58 ? 63  ALA A C   1 
ATOM   377  O  O   . ALA A 1 63  ? -16.660 -0.978  -11.569 1.00 23.48 ? 63  ALA A O   1 
ATOM   378  C  CB  . ALA A 1 63  ? -16.364 -3.524  -12.663 1.00 23.24 ? 63  ALA A CB  1 
ATOM   379  N  N   . PRO A 1 64  ? -14.545 -0.293  -12.171 1.00 21.58 ? 64  PRO A N   1 
ATOM   380  C  CA  . PRO A 1 64  ? -14.762 1.095   -11.694 1.00 22.07 ? 64  PRO A CA  1 
ATOM   381  C  C   . PRO A 1 64  ? -15.795 1.870   -12.522 1.00 24.68 ? 64  PRO A C   1 
ATOM   382  O  O   . PRO A 1 64  ? -16.169 1.430   -13.640 1.00 27.03 ? 64  PRO A O   1 
ATOM   383  C  CB  . PRO A 1 64  ? -13.380 1.708   -11.730 1.00 24.77 ? 64  PRO A CB  1 
ATOM   384  C  CG  . PRO A 1 64  ? -12.747 0.960   -12.843 1.00 24.72 ? 64  PRO A CG  1 
ATOM   385  C  CD  . PRO A 1 64  ? -13.191 -0.436  -12.770 1.00 23.13 ? 64  PRO A CD  1 
ATOM   386  N  N   . ALA A 1 65  ? -16.211 2.955   -11.968 1.00 22.75 ? 65  ALA A N   1 
ATOM   387  C  CA  . ALA A 1 65  ? -17.148 3.850   -12.656 1.00 25.59 ? 65  ALA A CA  1 
ATOM   388  C  C   . ALA A 1 65  ? -16.384 4.391   -13.891 1.00 26.01 ? 65  ALA A C   1 
ATOM   389  O  O   . ALA A 1 65  ? -15.143 4.413   -13.983 1.00 29.27 ? 65  ALA A O   1 
ATOM   390  C  CB  . ALA A 1 65  ? -17.683 4.924   -11.680 1.00 25.58 ? 65  ALA A CB  1 
ATOM   391  N  N   . THR A 1 66  ? -17.201 4.698   -14.915 1.00 32.22 ? 66  THR A N   1 
ATOM   392  C  CA  . THR A 1 66  ? -16.688 5.220   -16.170 1.00 36.32 ? 66  THR A CA  1 
ATOM   393  C  C   . THR A 1 66  ? -16.886 6.747   -16.347 1.00 38.67 ? 66  THR A C   1 
ATOM   394  O  O   . THR A 1 66  ? -16.819 7.243   -17.459 1.00 48.48 ? 66  THR A O   1 
ATOM   395  C  CB  . THR A 1 66  ? -17.357 4.446   -17.325 1.00 38.83 ? 66  THR A CB  1 
ATOM   396  O  OG1 . THR A 1 66  ? -18.771 4.542   -17.183 1.00 39.34 ? 66  THR A OG1 1 
ATOM   397  C  CG2 . THR A 1 66  ? -16.967 2.991   -17.276 1.00 42.13 ? 66  THR A CG2 1 
ATOM   398  N  N   . ASP A 1 67  ? -17.089 7.493   -15.264 1.00 32.25 ? 67  ASP A N   1 
ATOM   399  C  CA  . ASP A 1 67  ? -17.413 8.888   -15.262 1.00 32.42 ? 67  ASP A CA  1 
ATOM   400  C  C   . ASP A 1 67  ? -16.198 9.771   -14.915 1.00 30.54 ? 67  ASP A C   1 
ATOM   401  O  O   . ASP A 1 67  ? -16.324 10.935  -14.631 1.00 36.92 ? 67  ASP A O   1 
ATOM   402  C  CB  . ASP A 1 67  ? -18.560 9.076   -14.295 1.00 31.53 ? 67  ASP A CB  1 
ATOM   403  C  CG  . ASP A 1 67  ? -18.176 8.773   -12.882 1.00 36.93 ? 67  ASP A CG  1 
ATOM   404  O  OD1 . ASP A 1 67  ? -16.970 8.391   -12.622 1.00 30.98 ? 67  ASP A OD1 1 
ATOM   405  O  OD2 . ASP A 1 67  ? -19.058 8.935   -12.036 1.00 36.83 ? 67  ASP A OD2 1 
ATOM   406  N  N   . GLY A 1 68  ? -15.003 9.192   -14.894 1.00 28.82 ? 68  GLY A N   1 
ATOM   407  C  CA  . GLY A 1 68  ? -13.827 9.915   -14.533 1.00 31.82 ? 68  GLY A CA  1 
ATOM   408  C  C   . GLY A 1 68  ? -13.400 9.715   -13.067 1.00 27.02 ? 68  GLY A C   1 
ATOM   409  O  O   . GLY A 1 68  ? -12.353 10.276  -12.688 1.00 30.09 ? 68  GLY A O   1 
ATOM   410  N  N   . SER A 1 69  ? -14.217 9.040   -12.262 1.00 24.10 ? 69  SER A N   1 
ATOM   411  C  CA  . SER A 1 69  ? -13.775 8.711   -10.901 1.00 22.79 ? 69  SER A CA  1 
ATOM   412  C  C   . SER A 1 69  ? -12.605 7.817   -10.867 1.00 20.25 ? 69  SER A C   1 
ATOM   413  O  O   . SER A 1 69  ? -12.323 7.044   -11.772 1.00 21.44 ? 69  SER A O   1 
ATOM   414  C  CB  . SER A 1 69  ? -14.902 8.116   -10.108 1.00 24.26 ? 69  SER A CB  1 
ATOM   415  O  OG  . SER A 1 69  ? -16.067 8.915   -10.226 1.00 30.02 ? 69  SER A OG  1 
ATOM   416  N  N   . GLY A 1 70  ? -11.843 7.869   -9.796  1.00 17.47 ? 70  GLY A N   1 
ATOM   417  C  CA  . GLY A 1 70  ? -10.757 6.992   -9.518  1.00 16.99 ? 70  GLY A CA  1 
ATOM   418  C  C   . GLY A 1 70  ? -11.207 5.558   -9.199  1.00 16.58 ? 70  GLY A C   1 
ATOM   419  O  O   . GLY A 1 70  ? -12.405 5.308   -9.046  1.00 17.92 ? 70  GLY A O   1 
ATOM   420  N  N   . THR A 1 71  ? -10.237 4.650   -9.056  1.00 16.10 ? 71  THR A N   1 
ATOM   421  C  CA  . THR A 1 71  ? -10.463 3.235   -8.807  1.00 15.08 ? 71  THR A CA  1 
ATOM   422  C  C   . THR A 1 71  ? -10.033 2.990   -7.385  1.00 14.48 ? 71  THR A C   1 
ATOM   423  O  O   . THR A 1 71  ? -8.847  3.024   -7.055  1.00 16.29 ? 71  THR A O   1 
ATOM   424  C  CB  . THR A 1 71  ? -9.653  2.351   -9.767  1.00 18.08 ? 71  THR A CB  1 
ATOM   425  O  OG1 . THR A 1 71  ? -10.096 2.750   -11.123 1.00 19.98 ? 71  THR A OG1 1 
ATOM   426  C  CG2 . THR A 1 71  ? -9.825  0.940   -9.524  1.00 17.59 ? 71  THR A CG2 1 
ATOM   427  N  N   . ALA A 1 72  ? -10.972 2.603   -6.562  1.00 15.61 ? 72  ALA A N   1 
ATOM   428  C  CA  . ALA A 1 72  ? -10.713 2.282   -5.132  1.00 14.49 ? 72  ALA A CA  1 
ATOM   429  C  C   . ALA A 1 72  ? -9.940  1.046   -4.934  1.00 13.70 ? 72  ALA A C   1 
ATOM   430  O  O   . ALA A 1 72  ? -10.095 0.023   -5.670  1.00 15.35 ? 72  ALA A O   1 
ATOM   431  C  CB  . ALA A 1 72  ? -12.004 2.220   -4.360  1.00 16.50 ? 72  ALA A CB  1 
ATOM   432  N  N   . LEU A 1 73  ? -8.948  1.073   -3.982  1.00 14.75 ? 73  LEU A N   1 
ATOM   433  C  CA  . LEU A 1 73  ? -8.113  -0.094  -3.688  1.00 15.68 ? 73  LEU A CA  1 
ATOM   434  C  C   . LEU A 1 73  ? -7.505  0.018   -2.271  1.00 14.91 ? 73  LEU A C   1 
ATOM   435  O  O   . LEU A 1 73  ? -7.605  1.115   -1.656  1.00 15.87 ? 73  LEU A O   1 
ATOM   436  C  CB  . LEU A 1 73  ? -7.003  -0.228  -4.722  1.00 15.40 ? 73  LEU A CB  1 
ATOM   437  C  CG  . LEU A 1 73  ? -5.879  0.764   -4.702  1.00 21.61 ? 73  LEU A CG  1 
ATOM   438  C  CD1 . LEU A 1 73  ? -5.013  0.452   -5.952  1.00 27.49 ? 73  LEU A CD1 1 
ATOM   439  C  CD2 . LEU A 1 73  ? -6.196  2.165   -4.801  1.00 24.51 ? 73  LEU A CD2 1 
ATOM   440  N  N   . GLY A 1 74  ? -6.997  -1.075  -1.786  1.00 13.30 ? 74  GLY A N   1 
ATOM   441  C  CA  . GLY A 1 74  ? -6.247  -1.091  -0.585  1.00 13.39 ? 74  GLY A CA  1 
ATOM   442  C  C   . GLY A 1 74  ? -5.407  -2.243  -0.476  1.00 11.79 ? 74  GLY A C   1 
ATOM   443  O  O   . GLY A 1 74  ? -5.568  -3.260  -1.165  1.00 13.25 ? 74  GLY A O   1 
ATOM   444  N  N   . TRP A 1 75  ? -4.394  -2.168  0.396   1.00 12.45 ? 75  TRP A N   1 
ATOM   445  C  CA  . TRP A 1 75  ? -3.509  -3.254  0.686   1.00 12.61 ? 75  TRP A CA  1 
ATOM   446  C  C   . TRP A 1 75  ? -2.856  -3.201  2.056   1.00 13.43 ? 75  TRP A C   1 
ATOM   447  O  O   . TRP A 1 75  ? -2.915  -2.177  2.733   1.00 12.67 ? 75  TRP A O   1 
ATOM   448  C  CB  . TRP A 1 75  ? -2.377  -3.435  -0.383  1.00 13.12 ? 75  TRP A CB  1 
ATOM   449  C  CG  . TRP A 1 75  ? -1.376  -2.328  -0.438  1.00 12.34 ? 75  TRP A CG  1 
ATOM   450  C  CD1 . TRP A 1 75  ? -0.157  -2.364  0.261   1.00 12.21 ? 75  TRP A CD1 1 
ATOM   451  C  CD2 . TRP A 1 75  ? -1.388  -1.066  -1.117  1.00 12.23 ? 75  TRP A CD2 1 
ATOM   452  N  NE1 . TRP A 1 75  ? 0.520   -1.194  -0.015  1.00 13.64 ? 75  TRP A NE1 1 
ATOM   453  C  CE2 . TRP A 1 75  ? -0.246  -0.427  -0.813  1.00 12.52 ? 75  TRP A CE2 1 
ATOM   454  C  CE3 . TRP A 1 75  ? -2.292  -0.451  -1.949  1.00 12.06 ? 75  TRP A CE3 1 
ATOM   455  C  CZ2 . TRP A 1 75  ? 0.030   0.893   -1.281  1.00 13.65 ? 75  TRP A CZ2 1 
ATOM   456  C  CZ3 . TRP A 1 75  ? -2.025  0.807   -2.448  1.00 15.12 ? 75  TRP A CZ3 1 
ATOM   457  C  CH2 . TRP A 1 75  ? -0.874  1.426   -2.109  1.00 15.12 ? 75  TRP A CH2 1 
ATOM   458  N  N   . THR A 1 76  ? -2.342  -4.356  2.515   1.00 12.49 ? 76  THR A N   1 
ATOM   459  C  CA  . THR A 1 76  ? -1.719  -4.495  3.777   1.00 12.42 ? 76  THR A CA  1 
ATOM   460  C  C   . THR A 1 76  ? -0.340  -4.985  3.653   1.00 12.56 ? 76  THR A C   1 
ATOM   461  O  O   . THR A 1 76  ? -0.064  -5.990  2.862   1.00 13.98 ? 76  THR A O   1 
ATOM   462  C  CB  . THR A 1 76  ? -2.491  -5.515  4.689   1.00 12.69 ? 76  THR A CB  1 
ATOM   463  O  OG1 . THR A 1 76  ? -3.845  -5.101  4.770   1.00 14.00 ? 76  THR A OG1 1 
ATOM   464  C  CG2 . THR A 1 76  ? -1.947  -5.595  6.043   1.00 14.22 ? 76  THR A CG2 1 
ATOM   465  N  N   . VAL A 1 77  ? 0.569   -4.593  4.532   1.00 12.13 ? 77  VAL A N   1 
ATOM   466  C  CA  . VAL A 1 77  ? 1.915   -5.167  4.850   1.00 12.51 ? 77  VAL A CA  1 
ATOM   467  C  C   . VAL A 1 77  ? 2.016   -5.428  6.288   1.00 13.63 ? 77  VAL A C   1 
ATOM   468  O  O   . VAL A 1 77  ? 1.783   -4.531  7.097   1.00 14.27 ? 77  VAL A O   1 
ATOM   469  C  CB  . VAL A 1 77  ? 3.029   -4.204  4.430   1.00 13.23 ? 77  VAL A CB  1 
ATOM   470  C  CG1 . VAL A 1 77  ? 4.402   -4.679  4.928   1.00 14.40 ? 77  VAL A CG1 1 
ATOM   471  C  CG2 . VAL A 1 77  ? 3.097   -4.021  2.938   1.00 15.46 ? 77  VAL A CG2 1 
ATOM   472  N  N   . ALA A 1 78  ? 2.274   -6.665  6.726   1.00 13.28 ? 78  ALA A N   1 
ATOM   473  C  CA  . ALA A 1 78  ? 2.803   -6.932  8.050   1.00 14.58 ? 78  ALA A CA  1 
ATOM   474  C  C   . ALA A 1 78  ? 4.285   -6.900  8.043   1.00 15.10 ? 78  ALA A C   1 
ATOM   475  O  O   . ALA A 1 78  ? 4.943   -7.529  7.181   1.00 14.32 ? 78  ALA A O   1 
ATOM   476  C  CB  . ALA A 1 78  ? 2.322   -8.319  8.504   1.00 15.32 ? 78  ALA A CB  1 
ATOM   477  N  N   . TRP A 1 79  ? 4.880   -6.159  8.952   1.00 14.85 ? 79  TRP A N   1 
ATOM   478  C  CA  . TRP A 1 79  ? 6.290   -5.821  8.886   1.00 13.84 ? 79  TRP A CA  1 
ATOM   479  C  C   . TRP A 1 79  ? 7.214   -6.892  9.485   1.00 14.72 ? 79  TRP A C   1 
ATOM   480  O  O   . TRP A 1 79  ? 8.118   -6.645  10.323  1.00 14.67 ? 79  TRP A O   1 
ATOM   481  C  CB  . TRP A 1 79  ? 6.532   -4.456  9.498   1.00 14.37 ? 79  TRP A CB  1 
ATOM   482  C  CG  . TRP A 1 79  ? 5.805   -3.394  8.761   1.00 14.75 ? 79  TRP A CG  1 
ATOM   483  C  CD1 . TRP A 1 79  ? 4.691   -2.687  9.213   1.00 16.03 ? 79  TRP A CD1 1 
ATOM   484  C  CD2 . TRP A 1 79  ? 6.231   -2.800  7.529   1.00 13.59 ? 79  TRP A CD2 1 
ATOM   485  N  NE1 . TRP A 1 79  ? 4.323   -1.791  8.235   1.00 14.55 ? 79  TRP A NE1 1 
ATOM   486  C  CE2 . TRP A 1 79  ? 5.188   -1.886  7.151   1.00 13.89 ? 79  TRP A CE2 1 
ATOM   487  C  CE3 . TRP A 1 79  ? 7.238   -3.104  6.591   1.00 14.11 ? 79  TRP A CE3 1 
ATOM   488  C  CZ2 . TRP A 1 79  ? 5.303   -1.089  6.050   1.00 13.55 ? 79  TRP A CZ2 1 
ATOM   489  C  CZ3 . TRP A 1 79  ? 7.335   -2.348  5.474   1.00 15.79 ? 79  TRP A CZ3 1 
ATOM   490  C  CH2 . TRP A 1 79  ? 6.310   -1.391  5.152   1.00 15.33 ? 79  TRP A CH2 1 
ATOM   491  N  N   . LYS A 1 80  ? 7.035   -8.106  9.031   1.00 15.00 ? 80  LYS A N   1 
ATOM   492  C  CA  . LYS A 1 80  ? 7.844   -9.321  9.332   1.00 14.82 ? 80  LYS A CA  1 
ATOM   493  C  C   . LYS A 1 80  ? 8.365   -9.876  8.021   1.00 15.86 ? 80  LYS A C   1 
ATOM   494  O  O   . LYS A 1 80  ? 7.613   -10.122 7.124   1.00 15.45 ? 80  LYS A O   1 
ATOM   495  C  CB  . LYS A 1 80  ? 7.044   -10.339 10.061  1.00 16.09 ? 80  LYS A CB  1 
ATOM   496  C  CG  . LYS A 1 80  ? 7.806   -11.645 10.414  1.00 19.47 ? 80  LYS A CG  1 
ATOM   497  C  CD  . LYS A 1 80  ? 6.951   -12.685 11.082  1.00 22.49 ? 80  LYS A CD  1 
ATOM   498  C  CE  . LYS A 1 80  ? 7.756   -13.967 11.250  1.00 27.33 ? 80  LYS A CE  1 
ATOM   499  N  NZ  . LYS A 1 80  ? 7.768   -14.722 10.008  1.00 31.96 ? 80  LYS A NZ  1 
ATOM   500  N  N   . ASN A 1 81  ? 9.684   -10.126 7.946   1.00 16.00 ? 81  ASN A N   1 
ATOM   501  C  CA  . ASN A 1 81  ? 10.214  -10.879 6.853   1.00 16.21 ? 81  ASN A CA  1 
ATOM   502  C  C   . ASN A 1 81  ? 11.417  -11.632 7.474   1.00 16.62 ? 81  ASN A C   1 
ATOM   503  O  O   . ASN A 1 81  ? 11.516  -11.811 8.664   1.00 18.67 ? 81  ASN A O   1 
ATOM   504  C  CB  . ASN A 1 81  ? 10.578  -9.987  5.697   1.00 16.22 ? 81  ASN A CB  1 
ATOM   505  C  CG  . ASN A 1 81  ? 11.699  -8.959  5.969   1.00 16.00 ? 81  ASN A CG  1 
ATOM   506  O  OD1 . ASN A 1 81  ? 12.381  -9.024  7.058   1.00 16.48 ? 81  ASN A OD1 1 
ATOM   507  N  ND2 . ASN A 1 81  ? 11.965  -8.081  4.994   1.00 14.92 ? 81  ASN A ND2 1 
ATOM   508  N  N   . ASN A 1 82  ? 12.256  -12.169 6.600   1.00 16.91 ? 82  ASN A N   1 
ATOM   509  C  CA  . ASN A 1 82  ? 13.427  -12.944 7.123   1.00 19.99 ? 82  ASN A CA  1 
ATOM   510  C  C   . ASN A 1 82  ? 14.470  -12.194 7.842   1.00 21.07 ? 82  ASN A C   1 
ATOM   511  O  O   . ASN A 1 82  ? 15.318  -12.807 8.571   1.00 23.77 ? 82  ASN A O   1 
ATOM   512  C  CB  . ASN A 1 82  ? 14.058  -13.848 6.014   1.00 20.90 ? 82  ASN A CB  1 
ATOM   513  C  CG  . ASN A 1 82  ? 13.154  -14.966 5.551   1.00 30.46 ? 82  ASN A CG  1 
ATOM   514  O  OD1 . ASN A 1 82  ? 12.333  -15.480 6.329   1.00 36.66 ? 82  ASN A OD1 1 
ATOM   515  N  ND2 . ASN A 1 82  ? 13.347  -15.393 4.330   1.00 34.71 ? 82  ASN A ND2 1 
ATOM   516  N  N   . TYR A 1 83  ? 14.482  -10.885 7.704   1.00 19.10 ? 83  TYR A N   1 
ATOM   517  C  CA  . TYR A 1 83  ? 15.461  -9.975  8.296   1.00 17.26 ? 83  TYR A CA  1 
ATOM   518  C  C   . TYR A 1 83  ? 15.030  -9.352  9.584   1.00 18.16 ? 83  TYR A C   1 
ATOM   519  O  O   . TYR A 1 83  ? 15.840  -9.200  10.526  1.00 18.88 ? 83  TYR A O   1 
ATOM   520  C  CB  . TYR A 1 83  ? 15.810  -8.881  7.359   1.00 20.60 ? 83  TYR A CB  1 
ATOM   521  C  CG  . TYR A 1 83  ? 16.395  -9.361  6.051   1.00 21.52 ? 83  TYR A CG  1 
ATOM   522  C  CD1 . TYR A 1 83  ? 17.751  -9.756  6.006   1.00 26.58 ? 83  TYR A CD1 1 
ATOM   523  C  CD2 . TYR A 1 83  ? 15.625  -9.475  4.922   1.00 24.63 ? 83  TYR A CD2 1 
ATOM   524  C  CE1 . TYR A 1 83  ? 18.271  -10.262 4.807   1.00 34.83 ? 83  TYR A CE1 1 
ATOM   525  C  CE2 . TYR A 1 83  ? 16.125  -9.991  3.756   1.00 29.80 ? 83  TYR A CE2 1 
ATOM   526  C  CZ  . TYR A 1 83  ? 17.451  -10.377 3.709   1.00 35.96 ? 83  TYR A CZ  1 
ATOM   527  O  OH  . TYR A 1 83  ? 17.929  -10.818 2.523   1.00 41.71 ? 83  TYR A OH  1 
ATOM   528  N  N   . ARG A 1 84  ? 13.769  -8.939  9.688   1.00 17.76 ? 84  ARG A N   1 
ATOM   529  C  CA  . ARG A 1 84  ? 13.311  -8.170  10.855  1.00 19.31 ? 84  ARG A CA  1 
ATOM   530  C  C   . ARG A 1 84  ? 11.840  -8.397  11.142  1.00 16.10 ? 84  ARG A C   1 
ATOM   531  O  O   . ARG A 1 84  ? 11.127  -8.833  10.233  1.00 17.78 ? 84  ARG A O   1 
ATOM   532  C  CB  . ARG A 1 84  ? 13.428  -6.685  10.641  1.00 22.38 ? 84  ARG A CB  1 
ATOM   533  C  CG  . ARG A 1 84  ? 14.843  -6.196  10.438  1.00 26.87 ? 84  ARG A CG  1 
ATOM   534  C  CD  . ARG A 1 84  ? 14.746  -4.712  10.385  1.00 27.43 ? 84  ARG A CD  1 
ATOM   535  N  NE  . ARG A 1 84  ? 16.032  -4.138  9.973   1.00 27.49 ? 84  ARG A NE  1 
ATOM   536  C  CZ  . ARG A 1 84  ? 16.318  -2.876  10.085  1.00 24.67 ? 84  ARG A CZ  1 
ATOM   537  N  NH1 . ARG A 1 84  ? 17.420  -2.421  9.538   1.00 26.82 ? 84  ARG A NH1 1 
ATOM   538  N  NH2 . ARG A 1 84  ? 15.476  -2.026  10.735  1.00 23.27 ? 84  ARG A NH2 1 
ATOM   539  N  N   . ASN A 1 85  ? 11.454  -8.125  12.344  1.00 17.50 ? 85  ASN A N   1 
ATOM   540  C  CA  . ASN A 1 85  ? 10.001  -8.151  12.762  1.00 17.09 ? 85  ASN A CA  1 
ATOM   541  C  C   . ASN A 1 85  ? 9.764   -6.933  13.593  1.00 19.19 ? 85  ASN A C   1 
ATOM   542  O  O   . ASN A 1 85  ? 10.162  -6.863  14.777  1.00 19.34 ? 85  ASN A O   1 
ATOM   543  C  CB  . ASN A 1 85  ? 9.620   -9.435  13.452  1.00 17.04 ? 85  ASN A CB  1 
ATOM   544  C  CG  . ASN A 1 85  ? 8.149   -9.574  13.641  1.00 17.76 ? 85  ASN A CG  1 
ATOM   545  O  OD1 . ASN A 1 85  ? 7.407   -8.597  13.384  1.00 19.22 ? 85  ASN A OD1 1 
ATOM   546  N  ND2 . ASN A 1 85  ? 7.716   -10.716 14.001  1.00 17.69 ? 85  ASN A ND2 1 
ATOM   547  N  N   . ALA A 1 86  ? 8.989   -5.998  12.996  1.00 15.56 ? 86  ALA A N   1 
ATOM   548  C  CA  . ALA A 1 86  ? 8.627   -4.738  13.636  1.00 16.68 ? 86  ALA A CA  1 
ATOM   549  C  C   . ALA A 1 86  ? 7.281   -4.805  14.383  1.00 15.94 ? 86  ALA A C   1 
ATOM   550  O  O   . ALA A 1 86  ? 6.775   -3.781  14.842  1.00 18.50 ? 86  ALA A O   1 
ATOM   551  C  CB  . ALA A 1 86  ? 8.663   -3.627  12.637  1.00 17.14 ? 86  ALA A CB  1 
ATOM   552  N  N   . HIS A 1 87  ? 6.734   -5.948  14.492  1.00 15.51 ? 87  HIS A N   1 
ATOM   553  C  CA  . HIS A 1 87  ? 5.469   -6.231  15.246  1.00 17.65 ? 87  HIS A CA  1 
ATOM   554  C  C   . HIS A 1 87  ? 4.402   -5.180  14.939  1.00 15.67 ? 87  HIS A C   1 
ATOM   555  O  O   . HIS A 1 87  ? 3.842   -4.569  15.850  1.00 15.73 ? 87  HIS A O   1 
ATOM   556  C  CB  . HIS A 1 87  ? 5.742   -6.318  16.728  1.00 18.43 ? 87  HIS A CB  1 
ATOM   557  C  CG  . HIS A 1 87  ? 6.697   -7.414  17.109  1.00 17.74 ? 87  HIS A CG  1 
ATOM   558  N  ND1 . HIS A 1 87  ? 6.575   -8.707  16.682  1.00 17.75 ? 87  HIS A ND1 1 
ATOM   559  C  CD2 . HIS A 1 87  ? 7.895   -7.339  17.762  1.00 20.25 ? 87  HIS A CD2 1 
ATOM   560  C  CE1 . HIS A 1 87  ? 7.609   -9.420  17.145  1.00 19.25 ? 87  HIS A CE1 1 
ATOM   561  N  NE2 . HIS A 1 87  ? 8.376   -8.613  17.816  1.00 20.26 ? 87  HIS A NE2 1 
ATOM   562  N  N   . SER A 1 88  ? 4.123   -5.066  13.652  1.00 16.67 ? 88  SER A N   1 
ATOM   563  C  CA  . SER A 1 88  ? 3.267   -3.925  13.170  1.00 15.46 ? 88  SER A CA  1 
ATOM   564  C  C   . SER A 1 88  ? 2.800   -4.248  11.824  1.00 13.94 ? 88  SER A C   1 
ATOM   565  O  O   . SER A 1 88  ? 3.274   -5.100  11.126  1.00 15.24 ? 88  SER A O   1 
ATOM   566  C  CB  . SER A 1 88  ? 3.948   -2.552  13.249  1.00 15.16 ? 88  SER A CB  1 
ATOM   567  O  OG  . SER A 1 88  ? 5.206   -2.593  12.565  1.00 16.87 ? 88  SER A OG  1 
ATOM   568  N  N   . ALA A 1 89  ? 1.699   -3.618  11.439  1.00 13.01 ? 89  ALA A N   1 
ATOM   569  C  CA  . ALA A 1 89  ? 1.075   -3.734  10.121  1.00 12.77 ? 89  ALA A CA  1 
ATOM   570  C  C   . ALA A 1 89  ? 0.608   -2.341  9.600   1.00 12.07 ? 89  ALA A C   1 
ATOM   571  O  O   . ALA A 1 89  ? 0.053   -1.625  10.405  1.00 14.45 ? 89  ALA A O   1 
ATOM   572  C  CB  . ALA A 1 89  ? 0.018   -4.764  10.090  1.00 13.69 ? 89  ALA A CB  1 
ATOM   573  N  N   . THR A 1 90  ? 0.826   -2.110  8.329   1.00 11.63 ? 90  THR A N   1 
ATOM   574  C  CA  . THR A 1 90  ? 0.245   -0.933  7.691   1.00 11.82 ? 90  THR A CA  1 
ATOM   575  C  C   . THR A 1 90  ? -0.785  -1.279  6.713   1.00 11.89 ? 90  THR A C   1 
ATOM   576  O  O   . THR A 1 90  ? -0.588  -2.247  5.917   1.00 12.33 ? 90  THR A O   1 
ATOM   577  C  CB  . THR A 1 90  ? 1.297   -0.046  7.030   1.00 12.33 ? 90  THR A CB  1 
ATOM   578  O  OG1 . THR A 1 90  ? 2.339   0.255   7.991   1.00 12.46 ? 90  THR A OG1 1 
ATOM   579  C  CG2 . THR A 1 90  ? 0.815   1.209   6.421   1.00 13.17 ? 90  THR A CG2 1 
ATOM   580  N  N   . THR A 1 91  ? -1.866  -0.595  6.638   1.00 11.08 ? 91  THR A N   1 
ATOM   581  C  CA  . THR A 1 91  ? -2.875  -0.663  5.611   1.00 11.06 ? 91  THR A CA  1 
ATOM   582  C  C   . THR A 1 91  ? -2.943  0.666   4.859   1.00 11.32 ? 91  THR A C   1 
ATOM   583  O  O   . THR A 1 91  ? -3.039  1.709   5.506   1.00 12.50 ? 91  THR A O   1 
ATOM   584  C  CB  . THR A 1 91  ? -4.287  -1.087  6.084   1.00 12.69 ? 91  THR A CB  1 
ATOM   585  O  OG1 . THR A 1 91  ? -4.808  -0.083  6.940   1.00 12.80 ? 91  THR A OG1 1 
ATOM   586  C  CG2 . THR A 1 91  ? -4.282  -2.423  6.822   1.00 13.91 ? 91  THR A CG2 1 
ATOM   587  N  N   . TRP A 1 92  ? -2.914  0.599   3.496   1.00 12.32 ? 92  TRP A N   1 
ATOM   588  C  CA  . TRP A 1 92  ? -3.123  1.739   2.690   1.00 11.20 ? 92  TRP A CA  1 
ATOM   589  C  C   . TRP A 1 92  ? -4.490  1.637   2.066   1.00 12.08 ? 92  TRP A C   1 
ATOM   590  O  O   . TRP A 1 92  ? -4.803  0.578   1.489   1.00 13.57 ? 92  TRP A O   1 
ATOM   591  C  CB  . TRP A 1 92  ? -2.085  1.814   1.505   1.00 11.55 ? 92  TRP A CB  1 
ATOM   592  C  CG  . TRP A 1 92  ? -0.685  2.096   1.969   1.00 10.83 ? 92  TRP A CG  1 
ATOM   593  C  CD1 . TRP A 1 92  ? -0.035  3.290   1.748   1.00 11.87 ? 92  TRP A CD1 1 
ATOM   594  C  CD2 . TRP A 1 92  ? 0.296   1.248   2.570   1.00 11.50 ? 92  TRP A CD2 1 
ATOM   595  N  NE1 . TRP A 1 92  ? 1.286   3.254   2.228   1.00 12.16 ? 92  TRP A NE1 1 
ATOM   596  C  CE2 . TRP A 1 92  ? 1.488   1.950   2.657   1.00 12.02 ? 92  TRP A CE2 1 
ATOM   597  C  CE3 . TRP A 1 92  ? 0.293   -0.120  2.882   1.00 11.91 ? 92  TRP A CE3 1 
ATOM   598  C  CZ2 . TRP A 1 92  ? 2.686   1.328   3.209   1.00 12.37 ? 92  TRP A CZ2 1 
ATOM   599  C  CZ3 . TRP A 1 92  ? 1.473   -0.667  3.415   1.00 12.70 ? 92  TRP A CZ3 1 
ATOM   600  C  CH2 . TRP A 1 92  ? 2.600   0.034   3.468   1.00 13.98 ? 92  TRP A CH2 1 
ATOM   601  N  N   . SER A 1 93  ? -5.277  2.728   2.090   1.00 11.54 ? 93  SER A N   1 
ATOM   602  C  CA  . SER A 1 93  ? -6.612  2.830   1.461   1.00 11.14 ? 93  SER A CA  1 
ATOM   603  C  C   . SER A 1 93  ? -6.554  4.033   0.561   1.00 12.86 ? 93  SER A C   1 
ATOM   604  O  O   . SER A 1 93  ? -6.180  5.137   0.934   1.00 13.34 ? 93  SER A O   1 
ATOM   605  C  CB  . SER A 1 93  ? -7.591  2.977   2.611   1.00 11.70 ? 93  SER A CB  1 
ATOM   606  O  OG  . SER A 1 93  ? -8.937  3.082   2.009   1.00 13.68 ? 93  SER A OG  1 
ATOM   607  N  N   . GLY A 1 94  ? -6.998  3.832   -0.704  1.00 13.82 ? 94  GLY A N   1 
ATOM   608  C  CA  . GLY A 1 94  ? -6.863  4.937   -1.647  1.00 14.12 ? 94  GLY A CA  1 
ATOM   609  C  C   . GLY A 1 94  ? -7.551  4.739   -2.964  1.00 14.89 ? 94  GLY A C   1 
ATOM   610  O  O   . GLY A 1 94  ? -8.423  3.890   -3.109  1.00 14.25 ? 94  GLY A O   1 
ATOM   611  N  N   . GLN A 1 95  ? -7.018  5.524   -3.927  1.00 14.20 ? 95  GLN A N   1 
ATOM   612  C  CA  . GLN A 1 95  ? -7.619  5.376   -5.274  1.00 15.43 ? 95  GLN A CA  1 
ATOM   613  C  C   . GLN A 1 95  ? -6.522  5.584   -6.290  1.00 16.35 ? 95  GLN A C   1 
ATOM   614  O  O   . GLN A 1 95  ? -5.594  6.396   -6.130  1.00 15.28 ? 95  GLN A O   1 
ATOM   615  C  CB  . GLN A 1 95  ? -8.797  6.208   -5.554  1.00 18.57 ? 95  GLN A CB  1 
ATOM   616  C  CG  . GLN A 1 95  ? -8.596  7.695   -5.387  1.00 17.64 ? 95  GLN A CG  1 
ATOM   617  C  CD  . GLN A 1 95  ? -9.915  8.453   -5.569  1.00 18.92 ? 95  GLN A CD  1 
ATOM   618  O  OE1 . GLN A 1 95  ? -10.715 8.180   -6.449  1.00 17.41 ? 95  GLN A OE1 1 
ATOM   619  N  NE2 . GLN A 1 95  ? -10.195 9.474   -4.671  1.00 19.77 ? 95  GLN A NE2 1 
ATOM   620  N  N   . TYR A 1 96  ? -6.596  4.750   -7.350  1.00 15.56 ? 96  TYR A N   1 
ATOM   621  C  CA  . TYR A 1 96  ? -5.799  4.905   -8.603  1.00 15.26 ? 96  TYR A CA  1 
ATOM   622  C  C   . TYR A 1 96  ? -6.449  5.872   -9.518  1.00 15.25 ? 96  TYR A C   1 
ATOM   623  O  O   . TYR A 1 96  ? -7.672  5.781   -9.829  1.00 17.51 ? 96  TYR A O   1 
ATOM   624  C  CB  . TYR A 1 96  ? -5.628  3.514   -9.218  1.00 17.24 ? 96  TYR A CB  1 
ATOM   625  C  CG  . TYR A 1 96  ? -5.189  3.537   -10.669 1.00 16.41 ? 96  TYR A CG  1 
ATOM   626  C  CD1 . TYR A 1 96  ? -3.879  3.497   -10.996 1.00 19.15 ? 96  TYR A CD1 1 
ATOM   627  C  CD2 . TYR A 1 96  ? -6.114  3.514   -11.668 1.00 18.51 ? 96  TYR A CD2 1 
ATOM   628  C  CE1 . TYR A 1 96  ? -3.470  3.445   -12.358 1.00 19.04 ? 96  TYR A CE1 1 
ATOM   629  C  CE2 . TYR A 1 96  ? -5.721  3.489   -13.015 1.00 21.78 ? 96  TYR A CE2 1 
ATOM   630  C  CZ  . TYR A 1 96  ? -4.458  3.463   -13.281 1.00 18.28 ? 96  TYR A CZ  1 
ATOM   631  O  OH  . TYR A 1 96  ? -4.066  3.387   -14.657 1.00 24.74 ? 96  TYR A OH  1 
ATOM   632  N  N   . VAL A 1 97  ? -5.632  6.792   -10.040 1.00 17.22 ? 97  VAL A N   1 
ATOM   633  C  CA  . VAL A 1 97  ? -6.054  7.805   -11.021 1.00 19.79 ? 97  VAL A CA  1 
ATOM   634  C  C   . VAL A 1 97  ? -5.165  7.616   -12.239 1.00 21.94 ? 97  VAL A C   1 
ATOM   635  O  O   . VAL A 1 97  ? -3.942  7.832   -12.144 1.00 21.88 ? 97  VAL A O   1 
ATOM   636  C  CB  . VAL A 1 97  ? -5.884  9.204   -10.362 1.00 21.76 ? 97  VAL A CB  1 
ATOM   637  C  CG1 . VAL A 1 97  ? -6.259  10.309  -11.362 1.00 28.28 ? 97  VAL A CG1 1 
ATOM   638  C  CG2 . VAL A 1 97  ? -6.713  9.285   -9.102  1.00 25.33 ? 97  VAL A CG2 1 
ATOM   639  N  N   . GLY A 1 98  ? -5.800  7.227   -13.336 1.00 24.42 ? 98  GLY A N   1 
ATOM   640  C  CA  . GLY A 1 98  ? -5.000  6.848   -14.524 1.00 27.85 ? 98  GLY A CA  1 
ATOM   641  C  C   . GLY A 1 98  ? -4.556  8.078   -15.287 1.00 31.26 ? 98  GLY A C   1 
ATOM   642  O  O   . GLY A 1 98  ? -4.878  9.206   -14.911 1.00 32.97 ? 98  GLY A O   1 
ATOM   643  N  N   . GLY A 1 99  ? -3.772  7.851   -16.338 1.00 37.02 ? 99  GLY A N   1 
ATOM   644  C  CA  . GLY A 1 99  ? -3.437  8.914   -17.306 1.00 39.36 ? 99  GLY A CA  1 
ATOM   645  C  C   . GLY A 1 99  ? -1.942  9.166   -17.365 1.00 38.72 ? 99  GLY A C   1 
ATOM   646  O  O   . GLY A 1 99  ? -1.133  8.384   -16.822 1.00 42.37 ? 99  GLY A O   1 
ATOM   647  N  N   . ALA A 1 100 ? -1.554  10.254  -18.015 1.00 42.48 ? 100 ALA A N   1 
ATOM   648  C  CA  . ALA A 1 100 ? -0.132  10.485  -18.329 1.00 40.68 ? 100 ALA A CA  1 
ATOM   649  C  C   . ALA A 1 100 ? 0.755   10.573  -17.111 1.00 46.36 ? 100 ALA A C   1 
ATOM   650  O  O   . ALA A 1 100 ? 1.925   10.144  -17.153 1.00 54.11 ? 100 ALA A O   1 
ATOM   651  C  CB  . ALA A 1 100 ? -0.012  11.775  -19.161 1.00 48.25 ? 100 ALA A CB  1 
ATOM   652  N  N   . GLN A 1 101 ? 0.211   11.160  -16.040 1.00 34.17 ? 101 GLN A N   1 
ATOM   653  C  CA  . GLN A 1 101 ? 0.879   11.300  -14.775 1.00 36.02 ? 101 GLN A CA  1 
ATOM   654  C  C   . GLN A 1 101 ? 0.042   10.370  -13.812 1.00 32.02 ? 101 GLN A C   1 
ATOM   655  O  O   . GLN A 1 101 ? -0.620  10.857  -12.878 1.00 32.69 ? 101 GLN A O   1 
ATOM   656  C  CB  . GLN A 1 101 ? 0.849   12.778  -14.411 1.00 43.80 ? 101 GLN A CB  1 
ATOM   657  C  CG  . GLN A 1 101 ? 1.407   13.256  -13.060 1.00 56.78 ? 101 GLN A CG  1 
ATOM   658  C  CD  . GLN A 1 101 ? 1.266   14.783  -12.831 1.00 61.12 ? 101 GLN A CD  1 
ATOM   659  O  OE1 . GLN A 1 101 ? 1.402   15.572  -13.766 1.00 62.59 ? 101 GLN A OE1 1 
ATOM   660  N  NE2 . GLN A 1 101 ? 0.994   15.191  -11.578 1.00 63.49 ? 101 GLN A NE2 1 
ATOM   661  N  N   . ALA A 1 102 ? 0.039   9.056   -14.045 1.00 26.35 ? 102 ALA A N   1 
ATOM   662  C  CA  . ALA A 1 102 ? -0.779  8.168   -13.170 1.00 24.17 ? 102 ALA A CA  1 
ATOM   663  C  C   . ALA A 1 102 ? -0.329  8.295   -11.762 1.00 20.56 ? 102 ALA A C   1 
ATOM   664  O  O   . ALA A 1 102 ? 0.815   8.387   -11.440 1.00 21.92 ? 102 ALA A O   1 
ATOM   665  C  CB  . ALA A 1 102 ? -0.614  6.706   -13.654 1.00 26.27 ? 102 ALA A CB  1 
ATOM   666  N  N   . ARG A 1 103 ? -1.327  8.117   -10.853 1.00 20.02 ? 103 ARG A N   1 
ATOM   667  C  CA  . ARG A 1 103 ? -1.054  8.136   -9.400  1.00 17.63 ? 103 ARG A CA  1 
ATOM   668  C  C   . ARG A 1 103 ? -1.902  7.166   -8.637  1.00 17.06 ? 103 ARG A C   1 
ATOM   669  O  O   . ARG A 1 103 ? -3.018  6.890   -9.026  1.00 17.55 ? 103 ARG A O   1 
ATOM   670  C  CB  . ARG A 1 103 ? -1.368  9.576   -8.879  1.00 23.78 ? 103 ARG A CB  1 
ATOM   671  C  CG  . ARG A 1 103 ? -0.375  10.648  -9.291  0.50 26.15 ? 103 ARG A CG  1 
ATOM   672  C  CD  . ARG A 1 103 ? -0.564  11.900  -8.477  0.50 30.38 ? 103 ARG A CD  1 
ATOM   673  N  NE  . ARG A 1 103 ? 0.590   12.817  -8.443  0.50 29.12 ? 103 ARG A NE  1 
ATOM   674  C  CZ  . ARG A 1 103 ? 1.650   12.832  -9.244  0.50 34.55 ? 103 ARG A CZ  1 
ATOM   675  N  NH1 . ARG A 1 103 ? 2.546   13.778  -9.051  0.50 34.65 ? 103 ARG A NH1 1 
ATOM   676  N  NH2 . ARG A 1 103 ? 1.837   11.969  -10.233 0.50 32.07 ? 103 ARG A NH2 1 
ATOM   677  N  N   . ILE A 1 104 ? -1.346  6.748   -7.516  1.00 15.81 ? 104 ILE A N   1 
ATOM   678  C  CA  . ILE A 1 104 ? -2.198  6.083   -6.429  1.00 14.19 ? 104 ILE A CA  1 
ATOM   679  C  C   . ILE A 1 104 ? -2.142  7.059   -5.270  1.00 14.07 ? 104 ILE A C   1 
ATOM   680  O  O   . ILE A 1 104 ? -1.042  7.183   -4.649  1.00 15.83 ? 104 ILE A O   1 
ATOM   681  C  CB  . ILE A 1 104 ? -1.746  4.701   -6.174  1.00 15.61 ? 104 ILE A CB  1 
ATOM   682  C  CG1 . ILE A 1 104 ? -1.783  3.830   -7.401  1.00 19.30 ? 104 ILE A CG1 1 
ATOM   683  C  CG2 . ILE A 1 104 ? -2.642  4.095   -5.042  1.00 16.80 ? 104 ILE A CG2 1 
ATOM   684  C  CD1 . ILE A 1 104 ? -1.268  2.429   -7.217  1.00 19.23 ? 104 ILE A CD1 1 
ATOM   685  N  N   . ASN A 1 105 ? -3.236  7.661   -4.867  1.00 14.96 ? 105 ASN A N   1 
ATOM   686  C  CA  . ASN A 1 105 ? -3.333  8.551   -3.702  1.00 15.08 ? 105 ASN A CA  1 
ATOM   687  C  C   . ASN A 1 105 ? -3.909  7.796   -2.496  1.00 14.88 ? 105 ASN A C   1 
ATOM   688  O  O   . ASN A 1 105 ? -4.975  7.259   -2.648  1.00 15.04 ? 105 ASN A O   1 
ATOM   689  C  CB  . ASN A 1 105 ? -4.196  9.732   -4.040  1.00 16.10 ? 105 ASN A CB  1 
ATOM   690  C  CG  . ASN A 1 105 ? -3.594  10.641  -5.158  1.00 20.58 ? 105 ASN A CG  1 
ATOM   691  O  OD1 . ASN A 1 105 ? -2.421  10.833  -5.155  1.00 23.46 ? 105 ASN A OD1 1 
ATOM   692  N  ND2 . ASN A 1 105 ? -4.416  11.011  -6.127  1.00 21.48 ? 105 ASN A ND2 1 
ATOM   693  N  N   . THR A 1 106 ? -3.150  7.664   -1.438  1.00 13.20 ? 106 THR A N   1 
ATOM   694  C  CA  . THR A 1 106 ? -3.530  6.879   -0.285  1.00 12.90 ? 106 THR A CA  1 
ATOM   695  C  C   . THR A 1 106 ? -3.485  7.650   1.014   1.00 12.92 ? 106 THR A C   1 
ATOM   696  O  O   . THR A 1 106 ? -2.763  8.632   1.229   1.00 12.93 ? 106 THR A O   1 
ATOM   697  C  CB  . THR A 1 106 ? -2.645  5.694   -0.148  1.00 12.61 ? 106 THR A CB  1 
ATOM   698  O  OG1 . THR A 1 106 ? -1.377  6.037   0.387   1.00 13.47 ? 106 THR A OG1 1 
ATOM   699  C  CG2 . THR A 1 106 ? -2.570  4.832   -1.412  1.00 13.63 ? 106 THR A CG2 1 
ATOM   700  N  N   . GLN A 1 107 ? -4.246  7.084   1.956   1.00 11.26 ? 107 GLN A N   1 
ATOM   701  C  CA  . GLN A 1 107 ? -4.106  7.363   3.413   1.00 12.75 ? 107 GLN A CA  1 
ATOM   702  C  C   . GLN A 1 107 ? -3.816  5.995   4.037   1.00 11.11 ? 107 GLN A C   1 
ATOM   703  O  O   . GLN A 1 107 ? -4.147  4.922   3.484   1.00 12.81 ? 107 GLN A O   1 
ATOM   704  C  CB  . GLN A 1 107 ? -5.406  7.956   4.010   1.00 13.68 ? 107 GLN A CB  1 
ATOM   705  C  CG  A GLN A 1 107 ? -5.373  9.426   3.421   0.50 11.88 ? 107 GLN A CG  1 
ATOM   706  C  CG  B GLN A 1 107 ? -6.049  9.115   3.358   0.50 17.64 ? 107 GLN A CG  1 
ATOM   707  C  CD  A GLN A 1 107 ? -6.467  10.273  4.065   0.50 9.30  ? 107 GLN A CD  1 
ATOM   708  C  CD  B GLN A 1 107 ? -5.705  10.254  4.190   0.50 18.62 ? 107 GLN A CD  1 
ATOM   709  O  OE1 A GLN A 1 107 ? -6.292  10.949  5.003   0.50 12.07 ? 107 GLN A OE1 1 
ATOM   710  O  OE1 B GLN A 1 107 ? -4.867  10.152  5.137   0.50 21.66 ? 107 GLN A OE1 1 
ATOM   711  N  NE2 A GLN A 1 107 ? -7.632  10.337  3.435   0.50 9.66  ? 107 GLN A NE2 1 
ATOM   712  N  NE2 B GLN A 1 107 ? -6.170  11.346  3.822   0.50 17.41 ? 107 GLN A NE2 1 
ATOM   713  N  N   . TRP A 1 108 ? -3.022  5.980   5.114   1.00 10.78 ? 108 TRP A N   1 
ATOM   714  C  CA  . TRP A 1 108 ? -2.628  4.716   5.739   1.00 11.29 ? 108 TRP A CA  1 
ATOM   715  C  C   . TRP A 1 108 ? -2.735  4.754   7.229   1.00 11.08 ? 108 TRP A C   1 
ATOM   716  O  O   . TRP A 1 108 ? -2.746  5.792   7.865   1.00 11.93 ? 108 TRP A O   1 
ATOM   717  C  CB  . TRP A 1 108 ? -1.202  4.328   5.291   1.00 11.67 ? 108 TRP A CB  1 
ATOM   718  C  CG  . TRP A 1 108 ? -0.132  5.340   5.520   1.00 12.10 ? 108 TRP A CG  1 
ATOM   719  C  CD1 . TRP A 1 108 ? 0.492   6.073   4.536   1.00 12.26 ? 108 TRP A CD1 1 
ATOM   720  C  CD2 . TRP A 1 108 ? 0.613   5.612   6.709   1.00 11.54 ? 108 TRP A CD2 1 
ATOM   721  N  NE1 . TRP A 1 108 ? 1.504   6.859   5.050   1.00 12.57 ? 108 TRP A NE1 1 
ATOM   722  C  CE2 . TRP A 1 108 ? 1.568   6.652   6.422   1.00 12.84 ? 108 TRP A CE2 1 
ATOM   723  C  CE3 . TRP A 1 108 ? 0.451   5.237   8.046   1.00 11.94 ? 108 TRP A CE3 1 
ATOM   724  C  CZ2 . TRP A 1 108 ? 2.446   7.124   7.374   1.00 12.97 ? 108 TRP A CZ2 1 
ATOM   725  C  CZ3 . TRP A 1 108 ? 1.327   5.702   8.997   1.00 11.54 ? 108 TRP A CZ3 1 
ATOM   726  C  CH2 . TRP A 1 108 ? 2.224   6.723   8.691   1.00 12.72 ? 108 TRP A CH2 1 
ATOM   727  N  N   . LEU A 1 109 ? -2.856  3.544   7.782   1.00 10.84 ? 109 LEU A N   1 
ATOM   728  C  CA  . LEU A 1 109 ? -2.917  3.294   9.230   1.00 12.51 ? 109 LEU A CA  1 
ATOM   729  C  C   . LEU A 1 109 ? -1.891  2.281   9.607   1.00 12.39 ? 109 LEU A C   1 
ATOM   730  O  O   . LEU A 1 109 ? -1.914  1.151   9.042   1.00 13.81 ? 109 LEU A O   1 
ATOM   731  C  CB  . LEU A 1 109 ? -4.254  2.789   9.758   1.00 11.76 ? 109 LEU A CB  1 
ATOM   732  C  CG  . LEU A 1 109 ? -5.472  3.671   9.522   1.00 13.32 ? 109 LEU A CG  1 
ATOM   733  C  CD1 . LEU A 1 109 ? -6.678  2.843   9.732   1.00 15.01 ? 109 LEU A CD1 1 
ATOM   734  C  CD2 . LEU A 1 109 ? -5.394  4.840   10.380  1.00 14.89 ? 109 LEU A CD2 1 
ATOM   735  N  N   . LEU A 1 110 ? -0.965  2.604   10.469  1.00 11.53 ? 110 LEU A N   1 
ATOM   736  C  CA  . LEU A 1 110 ? 0.094   1.697   10.956  1.00 12.95 ? 110 LEU A CA  1 
ATOM   737  C  C   . LEU A 1 110 ? -0.191  1.373   12.408  1.00 12.15 ? 110 LEU A C   1 
ATOM   738  O  O   . LEU A 1 110 ? -0.129  2.203   13.269  1.00 13.67 ? 110 LEU A O   1 
ATOM   739  C  CB  . LEU A 1 110 ? 1.445   2.334   10.701  1.00 14.56 ? 110 LEU A CB  1 
ATOM   740  C  CG  . LEU A 1 110 ? 2.736   1.588   11.275  1.00 16.95 ? 110 LEU A CG  1 
ATOM   741  C  CD1 . LEU A 1 110 ? 3.943   2.344   10.708  1.00 18.56 ? 110 LEU A CD1 1 
ATOM   742  C  CD2 . LEU A 1 110 ? 2.845   1.139   12.726  1.00 20.85 ? 110 LEU A CD2 1 
ATOM   743  N  N   . THR A 1 111 ? -0.484  0.094   12.655  1.00 12.81 ? 111 THR A N   1 
ATOM   744  C  CA  . THR A 1 111 ? -0.770  -0.337  14.043  1.00 13.98 ? 111 THR A CA  1 
ATOM   745  C  C   . THR A 1 111 ? 0.400   -1.188  14.550  1.00 13.96 ? 111 THR A C   1 
ATOM   746  O  O   . THR A 1 111 ? 0.822   -2.109  13.838  1.00 13.72 ? 111 THR A O   1 
ATOM   747  C  CB  . THR A 1 111 ? -2.043  -1.123  14.214  1.00 13.96 ? 111 THR A CB  1 
ATOM   748  O  OG1 . THR A 1 111 ? -3.186  -0.430  13.624  1.00 13.83 ? 111 THR A OG1 1 
ATOM   749  C  CG2 . THR A 1 111 ? -2.346  -1.549  15.607  1.00 15.59 ? 111 THR A CG2 1 
ATOM   750  N  N   . TYR A 1 112 ? 0.901   -0.893  15.743  1.00 13.13 ? 112 TYR A N   1 
ATOM   751  C  CA  . TYR A 1 112 ? 1.964   -1.624  16.439  1.00 14.92 ? 112 TYR A CA  1 
ATOM   752  C  C   . TYR A 1 112 ? 1.300   -2.423  17.517  1.00 15.07 ? 112 TYR A C   1 
ATOM   753  O  O   . TYR A 1 112 ? 0.389   -1.940  18.219  1.00 16.67 ? 112 TYR A O   1 
ATOM   754  C  CB  . TYR A 1 112 ? 3.012   -0.682  16.997  1.00 19.79 ? 112 TYR A CB  1 
ATOM   755  C  CG  . TYR A 1 112 ? 4.173   -1.325  17.728  1.00 25.54 ? 112 TYR A CG  1 
ATOM   756  C  CD1 . TYR A 1 112 ? 5.158   -1.945  17.004  1.00 33.22 ? 112 TYR A CD1 1 
ATOM   757  C  CD2 . TYR A 1 112 ? 4.221   -1.327  19.108  1.00 37.06 ? 112 TYR A CD2 1 
ATOM   758  C  CE1 . TYR A 1 112 ? 6.256   -2.548  17.639  1.00 30.51 ? 112 TYR A CE1 1 
ATOM   759  C  CE2 . TYR A 1 112 ? 5.281   -1.954  19.766  1.00 35.94 ? 112 TYR A CE2 1 
ATOM   760  C  CZ  . TYR A 1 112 ? 6.247   -2.568  19.027  1.00 37.29 ? 112 TYR A CZ  1 
ATOM   761  O  OH  . TYR A 1 112 ? 7.309   -3.116  19.757  1.00 46.82 ? 112 TYR A OH  1 
ATOM   762  N  N   . GLY A 1 113 ? 1.773   -3.648  17.746  1.00 17.66 ? 113 GLY A N   1 
ATOM   763  C  CA  . GLY A 1 113 ? 1.233   -4.483  18.861  1.00 18.68 ? 113 GLY A CA  1 
ATOM   764  C  C   . GLY A 1 113 ? 1.609   -3.858  20.184  1.00 18.12 ? 113 GLY A C   1 
ATOM   765  O  O   . GLY A 1 113 ? 2.790   -3.602  20.494  1.00 21.72 ? 113 GLY A O   1 
ATOM   766  N  N   . THR A 1 114 ? 0.658   -3.641  21.058  1.00 17.72 ? 114 THR A N   1 
ATOM   767  C  CA  . THR A 1 114 ? 0.877   -2.955  22.356  1.00 19.68 ? 114 THR A CA  1 
ATOM   768  C  C   . THR A 1 114 ? 0.238   -3.793  23.474  1.00 19.01 ? 114 THR A C   1 
ATOM   769  O  O   . THR A 1 114 ? -0.612  -4.624  23.256  1.00 19.62 ? 114 THR A O   1 
ATOM   770  C  CB  . THR A 1 114 ? 0.277   -1.578  22.458  1.00 18.25 ? 114 THR A CB  1 
ATOM   771  O  OG1 . THR A 1 114 ? -1.148  -1.618  22.337  1.00 18.63 ? 114 THR A OG1 1 
ATOM   772  C  CG2 . THR A 1 114 ? 0.843   -0.642  21.396  1.00 18.79 ? 114 THR A CG2 1 
ATOM   773  N  N   . THR A 1 115 ? 0.648   -3.478  24.703  1.00 21.15 ? 115 THR A N   1 
ATOM   774  C  CA  . THR A 1 115 ? -0.190  -3.891  25.824  1.00 23.13 ? 115 THR A CA  1 
ATOM   775  C  C   . THR A 1 115 ? -1.492  -3.174  25.874  1.00 24.62 ? 115 THR A C   1 
ATOM   776  O  O   . THR A 1 115 ? -1.658  -2.109  25.180  1.00 22.11 ? 115 THR A O   1 
ATOM   777  C  CB  . THR A 1 115 ? 0.522   -3.647  27.174  1.00 25.28 ? 115 THR A CB  1 
ATOM   778  O  OG1 . THR A 1 115 ? 0.820   -2.251  27.316  1.00 29.80 ? 115 THR A OG1 1 
ATOM   779  C  CG2 . THR A 1 115 ? 1.855   -4.402  27.135  1.00 29.14 ? 115 THR A CG2 1 
ATOM   780  N  N   . GLU A 1 116 ? -2.441  -3.597  26.704  1.00 25.18 ? 116 GLU A N   1 
ATOM   781  C  CA  . GLU A 1 116 ? -3.710  -2.928  26.805  1.00 27.52 ? 116 GLU A CA  1 
ATOM   782  C  C   . GLU A 1 116 ? -3.507  -1.512  27.300  1.00 24.68 ? 116 GLU A C   1 
ATOM   783  O  O   . GLU A 1 116 ? -4.185  -0.600  26.830  1.00 26.74 ? 116 GLU A O   1 
ATOM   784  C  CB  . GLU A 1 116 ? -4.742  -3.727  27.677  1.00 32.47 ? 116 GLU A CB  1 
ATOM   785  C  CG  . GLU A 1 116 ? -5.354  -4.875  26.838  0.50 33.55 ? 116 GLU A CG  1 
ATOM   786  C  CD  . GLU A 1 116 ? -6.128  -5.926  27.659  0.50 37.85 ? 116 GLU A CD  1 
ATOM   787  O  OE1 . GLU A 1 116 ? -5.951  -7.142  27.397  0.50 34.11 ? 116 GLU A OE1 1 
ATOM   788  O  OE2 . GLU A 1 116 ? -6.903  -5.535  28.561  0.50 42.53 ? 116 GLU A OE2 1 
ATOM   789  N  N   . ALA A 1 117 ? -2.592  -1.337  28.246  1.00 26.97 ? 117 ALA A N   1 
ATOM   790  C  CA  . ALA A 1 117 ? -2.378  -0.038  28.889  1.00 28.37 ? 117 ALA A CA  1 
ATOM   791  C  C   . ALA A 1 117 ? -1.885  1.006   27.871  1.00 29.84 ? 117 ALA A C   1 
ATOM   792  O  O   . ALA A 1 117 ? -2.146  2.188   28.030  1.00 28.97 ? 117 ALA A O   1 
ATOM   793  C  CB  . ALA A 1 117 ? -1.350  -0.170  29.998  1.00 32.43 ? 117 ALA A CB  1 
ATOM   794  N  N   . ASN A 1 118 ? -1.177  0.554   26.830  1.00 21.99 ? 118 ASN A N   1 
ATOM   795  C  CA  . ASN A 1 118 ? -0.554  1.450   25.804  1.00 22.34 ? 118 ASN A CA  1 
ATOM   796  C  C   . ASN A 1 118 ? -1.385  1.518   24.484  1.00 18.47 ? 118 ASN A C   1 
ATOM   797  O  O   . ASN A 1 118 ? -0.927  2.146   23.519  1.00 18.47 ? 118 ASN A O   1 
ATOM   798  C  CB  . ASN A 1 118 ? 0.886   1.142   25.525  1.00 24.26 ? 118 ASN A CB  1 
ATOM   799  C  CG  . ASN A 1 118 ? 1.758   1.310   26.776  1.00 28.66 ? 118 ASN A CG  1 
ATOM   800  O  OD1 . ASN A 1 118 ? 1.652   2.280   27.494  1.00 28.38 ? 118 ASN A OD1 1 
ATOM   801  N  ND2 . ASN A 1 118 ? 2.616   0.398   26.997  1.00 29.71 ? 118 ASN A ND2 1 
ATOM   802  N  N   . ALA A 1 119 ? -2.476  0.842   24.419  1.00 16.85 ? 119 ALA A N   1 
ATOM   803  C  CA  . ALA A 1 119 ? -3.242  0.662   23.167  1.00 17.21 ? 119 ALA A CA  1 
ATOM   804  C  C   . ALA A 1 119 ? -3.780  1.979   22.659  1.00 18.13 ? 119 ALA A C   1 
ATOM   805  O  O   . ALA A 1 119 ? -3.926  2.132   21.404  1.00 17.31 ? 119 ALA A O   1 
ATOM   806  C  CB  . ALA A 1 119 ? -4.360  -0.382  23.345  1.00 19.42 ? 119 ALA A CB  1 
ATOM   807  N  N   . TRP A 1 120 ? -4.010  2.962   23.522  1.00 16.22 ? 120 TRP A N   1 
ATOM   808  C  CA  . TRP A 1 120 ? -4.380  4.286   23.058  1.00 14.99 ? 120 TRP A CA  1 
ATOM   809  C  C   . TRP A 1 120 ? -3.374  4.868   22.018  1.00 16.98 ? 120 TRP A C   1 
ATOM   810  O  O   . TRP A 1 120 ? -3.776  5.707   21.170  1.00 17.77 ? 120 TRP A O   1 
ATOM   811  C  CB  . TRP A 1 120 ? -4.602  5.307   24.241  1.00 16.18 ? 120 TRP A CB  1 
ATOM   812  C  CG  . TRP A 1 120 ? -3.395  5.659   24.953  1.00 16.66 ? 120 TRP A CG  1 
ATOM   813  C  CD1 . TRP A 1 120 ? -2.793  4.980   26.000  1.00 18.42 ? 120 TRP A CD1 1 
ATOM   814  C  CD2 . TRP A 1 120 ? -2.509  6.721   24.674  1.00 15.64 ? 120 TRP A CD2 1 
ATOM   815  N  NE1 . TRP A 1 120 ? -1.664  5.523   26.329  1.00 18.55 ? 120 TRP A NE1 1 
ATOM   816  C  CE2 . TRP A 1 120 ? -1.421  6.644   25.584  1.00 17.83 ? 120 TRP A CE2 1 
ATOM   817  C  CE3 . TRP A 1 120 ? -2.488  7.759   23.717  1.00 18.30 ? 120 TRP A CE3 1 
ATOM   818  C  CZ2 . TRP A 1 120 ? -0.355  7.554   25.538  1.00 20.71 ? 120 TRP A CZ2 1 
ATOM   819  C  CZ3 . TRP A 1 120 ? -1.448  8.648   23.751  1.00 19.02 ? 120 TRP A CZ3 1 
ATOM   820  C  CH2 . TRP A 1 120 ? -0.403  8.541   24.641  1.00 21.87 ? 120 TRP A CH2 1 
ATOM   821  N  N   . ALA A 1 121 ? -2.109  4.518   22.152  1.00 14.86 ? 121 ALA A N   1 
ATOM   822  C  CA  . ALA A 1 121 ? -1.013  5.029   21.380  1.00 15.56 ? 121 ALA A CA  1 
ATOM   823  C  C   . ALA A 1 121 ? -0.558  4.007   20.307  1.00 16.19 ? 121 ALA A C   1 
ATOM   824  O  O   . ALA A 1 121 ? 0.604   4.112   19.828  1.00 19.18 ? 121 ALA A O   1 
ATOM   825  C  CB  . ALA A 1 121 ? 0.156   5.379   22.280  1.00 18.03 ? 121 ALA A CB  1 
ATOM   826  N  N   . SER A 1 122 ? -1.387  3.072   19.900  1.00 14.77 ? 122 SER A N   1 
ATOM   827  C  CA  . SER A 1 122 ? -0.972  1.988   19.015  1.00 15.27 ? 122 SER A CA  1 
ATOM   828  C  C   . SER A 1 122 ? -0.921  2.303   17.501  1.00 14.67 ? 122 SER A C   1 
ATOM   829  O  O   . SER A 1 122 ? -0.294  1.544   16.736  1.00 15.53 ? 122 SER A O   1 
ATOM   830  C  CB  . SER A 1 122 ? -1.897  0.748   19.182  1.00 15.69 ? 122 SER A CB  1 
ATOM   831  O  OG  . SER A 1 122 ? -3.196  1.084   18.683  1.00 17.30 ? 122 SER A OG  1 
ATOM   832  N  N   . THR A 1 123 ? -1.564  3.390   17.038  1.00 13.54 ? 123 THR A N   1 
ATOM   833  C  CA  . THR A 1 123 ? -1.854  3.558   15.670  1.00 12.59 ? 123 THR A CA  1 
ATOM   834  C  C   . THR A 1 123 ? -1.395  4.920   15.086  1.00 12.11 ? 123 THR A C   1 
ATOM   835  O  O   . THR A 1 123 ? -1.861  5.953   15.538  1.00 13.76 ? 123 THR A O   1 
ATOM   836  C  CB  . THR A 1 123 ? -3.325  3.435   15.367  1.00 12.13 ? 123 THR A CB  1 
ATOM   837  O  OG1 . THR A 1 123 ? -3.793  2.182   15.937  1.00 15.61 ? 123 THR A OG1 1 
ATOM   838  C  CG2 . THR A 1 123 ? -3.534  3.235   13.819  1.00 13.77 ? 123 THR A CG2 1 
ATOM   839  N  N   . LEU A 1 124 ? -0.473  4.909   14.124  1.00 12.16 ? 124 LEU A N   1 
ATOM   840  C  CA  . LEU A 1 124 ? -0.080  6.089   13.308  1.00 13.44 ? 124 LEU A CA  1 
ATOM   841  C  C   . LEU A 1 124 ? -0.986  6.230   12.073  1.00 12.59 ? 124 LEU A C   1 
ATOM   842  O  O   . LEU A 1 124 ? -1.418  5.201   11.505  1.00 13.61 ? 124 LEU A O   1 
ATOM   843  C  CB  . LEU A 1 124 ? 1.380   5.962   12.895  1.00 13.47 ? 124 LEU A CB  1 
ATOM   844  C  CG  . LEU A 1 124 ? 2.374   6.026   14.048  1.00 15.90 ? 124 LEU A CG  1 
ATOM   845  C  CD1 . LEU A 1 124 ? 3.720   5.582   13.496  1.00 19.76 ? 124 LEU A CD1 1 
ATOM   846  C  CD2 . LEU A 1 124 ? 2.487   7.428   14.618  1.00 18.21 ? 124 LEU A CD2 1 
ATOM   847  N  N   . VAL A 1 125 ? -1.183  7.488   11.685  1.00 12.28 ? 125 VAL A N   1 
ATOM   848  C  CA  . VAL A 1 125 ? -1.944  7.772   10.459  1.00 13.31 ? 125 VAL A CA  1 
ATOM   849  C  C   . VAL A 1 125 ? -1.045  8.680   9.592   1.00 12.31 ? 125 VAL A C   1 
ATOM   850  O  O   . VAL A 1 125 ? -0.355  9.570   10.048  1.00 13.08 ? 125 VAL A O   1 
ATOM   851  C  CB  . VAL A 1 125 ? -3.277  8.379   10.696  1.00 13.05 ? 125 VAL A CB  1 
ATOM   852  C  CG1 . VAL A 1 125 ? -3.183  9.714   11.491  1.00 14.85 ? 125 VAL A CG1 1 
ATOM   853  C  CG2 . VAL A 1 125 ? -4.128  8.557   9.442   1.00 13.57 ? 125 VAL A CG2 1 
ATOM   854  N  N   . GLY A 1 126 ? -1.129  8.439   8.264   1.00 11.83 ? 126 GLY A N   1 
ATOM   855  C  CA  . GLY A 1 126 ? -0.470  9.281   7.320   1.00 13.24 ? 126 GLY A CA  1 
ATOM   856  C  C   . GLY A 1 126 ? -0.991  9.126   5.945   1.00 12.64 ? 126 GLY A C   1 
ATOM   857  O  O   . GLY A 1 126 ? -2.082  8.658   5.712   1.00 12.63 ? 126 GLY A O   1 
ATOM   858  N  N   . HIS A 1 127 ? -0.261  9.716   4.979   1.00 13.37 ? 127 HIS A N   1 
ATOM   859  C  CA  . HIS A 1 127 ? -0.736  9.754   3.595   1.00 13.93 ? 127 HIS A CA  1 
ATOM   860  C  C   . HIS A 1 127 ? 0.454   9.591   2.640   1.00 14.67 ? 127 HIS A C   1 
ATOM   861  O  O   . HIS A 1 127 ? 1.456   10.284  2.854   1.00 15.31 ? 127 HIS A O   1 
ATOM   862  C  CB  . HIS A 1 127 ? -1.532  11.031  3.299   1.00 14.24 ? 127 HIS A CB  1 
ATOM   863  C  CG  . HIS A 1 127 ? -0.860  12.250  3.739   1.00 16.40 ? 127 HIS A CG  1 
ATOM   864  N  ND1 . HIS A 1 127 ? -0.086  13.045  2.936   1.00 18.37 ? 127 HIS A ND1 1 
ATOM   865  C  CD2 . HIS A 1 127 ? -0.846  12.829  4.929   1.00 16.77 ? 127 HIS A CD2 1 
ATOM   866  C  CE1 . HIS A 1 127 ? 0.370   14.068  3.651   1.00 18.02 ? 127 HIS A CE1 1 
ATOM   867  N  NE2 . HIS A 1 127 ? -0.064  13.973  4.875   1.00 20.62 ? 127 HIS A NE2 1 
ATOM   868  N  N   . ASP A 1 128 ? 0.378   8.718   1.664   1.00 13.19 ? 128 ASP A N   1 
ATOM   869  C  CA  . ASP A 1 128 ? 1.452   8.448   0.631   1.00 13.32 ? 128 ASP A CA  1 
ATOM   870  C  C   . ASP A 1 128 ? 0.815   8.638   -0.690  1.00 13.36 ? 128 ASP A C   1 
ATOM   871  O  O   . ASP A 1 128 ? -0.291  8.226   -1.046  1.00 13.92 ? 128 ASP A O   1 
ATOM   872  C  CB  . ASP A 1 128 ? 1.939   7.041   0.801   1.00 13.08 ? 128 ASP A CB  1 
ATOM   873  C  CG  . ASP A 1 128 ? 2.899   6.750   1.968   1.00 12.47 ? 128 ASP A CG  1 
ATOM   874  O  OD1 . ASP A 1 128 ? 3.214   7.699   2.733   1.00 14.70 ? 128 ASP A OD1 1 
ATOM   875  O  OD2 . ASP A 1 128 ? 3.057   5.523   2.146   1.00 13.70 ? 128 ASP A OD2 1 
ATOM   876  N  N   . THR A 1 129 ? 1.555   9.303   -1.603  1.00 14.56 ? 129 THR A N   1 
ATOM   877  C  CA  . THR A 1 129 ? 1.222   9.385   -3.026  1.00 15.13 ? 129 THR A CA  1 
ATOM   878  C  C   . THR A 1 129 ? 2.283   8.618   -3.866  1.00 15.75 ? 129 THR A C   1 
ATOM   879  O  O   . THR A 1 129 ? 3.481   8.807   -3.642  1.00 16.44 ? 129 THR A O   1 
ATOM   880  C  CB  . THR A 1 129 ? 1.254   10.842  -3.519  1.00 19.59 ? 129 THR A CB  1 
ATOM   881  O  OG1 . THR A 1 129 ? 0.373   11.600  -2.736  1.00 26.74 ? 129 THR A OG1 1 
ATOM   882  C  CG2 . THR A 1 129 ? 0.659   10.866  -4.919  1.00 19.99 ? 129 THR A CG2 1 
ATOM   883  N  N   . PHE A 1 130 ? 1.808   7.680   -4.641  1.00 14.79 ? 130 PHE A N   1 
ATOM   884  C  CA  . PHE A 1 130 ? 2.625   6.814   -5.492  1.00 15.30 ? 130 PHE A CA  1 
ATOM   885  C  C   . PHE A 1 130 ? 2.545   7.259   -6.918  1.00 15.43 ? 130 PHE A C   1 
ATOM   886  O  O   . PHE A 1 130 ? 1.446   7.541   -7.470  1.00 15.98 ? 130 PHE A O   1 
ATOM   887  C  CB  . PHE A 1 130 ? 2.174   5.375   -5.392  1.00 15.42 ? 130 PHE A CB  1 
ATOM   888  C  CG  . PHE A 1 130 ? 2.313   4.750   -4.004  1.00 13.99 ? 130 PHE A CG  1 
ATOM   889  C  CD1 . PHE A 1 130 ? 1.341   4.973   -3.061  1.00 15.37 ? 130 PHE A CD1 1 
ATOM   890  C  CD2 . PHE A 1 130 ? 3.463   4.111   -3.589  1.00 15.22 ? 130 PHE A CD2 1 
ATOM   891  C  CE1 . PHE A 1 130 ? 1.486   4.451   -1.786  1.00 14.33 ? 130 PHE A CE1 1 
ATOM   892  C  CE2 . PHE A 1 130 ? 3.613   3.594   -2.324  1.00 15.74 ? 130 PHE A CE2 1 
ATOM   893  C  CZ  . PHE A 1 130 ? 2.595   3.822   -1.382  1.00 15.19 ? 130 PHE A CZ  1 
ATOM   894  N  N   . THR A 1 131 ? 3.712   7.241   -7.585  1.00 16.95 ? 131 THR A N   1 
ATOM   895  C  CA  . THR A 1 131 ? 3.866   7.559   -9.033  1.00 17.67 ? 131 THR A CA  1 
ATOM   896  C  C   . THR A 1 131 ? 4.629   6.394   -9.694  1.00 19.00 ? 131 THR A C   1 
ATOM   897  O  O   . THR A 1 131 ? 5.383   5.701   -9.050  1.00 18.67 ? 131 THR A O   1 
ATOM   898  C  CB  . THR A 1 131 ? 4.500   8.945   -9.273  1.00 22.02 ? 131 THR A CB  1 
ATOM   899  O  OG1 . THR A 1 131 ? 5.767   8.976   -8.665  1.00 30.34 ? 131 THR A OG1 1 
ATOM   900  C  CG2 . THR A 1 131 ? 3.687   9.974   -8.636  1.00 27.14 ? 131 THR A CG2 1 
ATOM   901  N  N   . LYS A 1 132 ? 4.556   6.343   -11.044 1.00 20.61 ? 132 LYS A N   1 
ATOM   902  C  CA  . LYS A 1 132 ? 5.321   5.353   -11.796 1.00 23.70 ? 132 LYS A CA  1 
ATOM   903  C  C   . LYS A 1 132 ? 6.744   5.815   -12.005 1.00 29.03 ? 132 LYS A C   1 
ATOM   904  O  O   . LYS A 1 132 ? 7.536   4.970   -12.460 1.00 25.55 ? 132 LYS A O   1 
ATOM   905  C  CB  . LYS A 1 132 ? 4.670   5.173   -13.146 1.00 24.66 ? 132 LYS A CB  1 
ATOM   906  C  CG  . LYS A 1 132 ? 3.321   4.610   -13.080 1.00 26.49 ? 132 LYS A CG  1 
ATOM   907  C  CD  . LYS A 1 132 ? 3.335   3.183   -12.686 1.00 32.56 ? 132 LYS A CD  1 
ATOM   908  C  CE  . LYS A 1 132 ? 4.061   2.268   -13.650 1.00 38.31 ? 132 LYS A CE  1 
ATOM   909  N  NZ  . LYS A 1 132 ? 4.064   0.897   -13.020 1.00 34.53 ? 132 LYS A NZ  1 
ATOM   910  N  N   . VAL A 1 133 ? 7.089   7.090   -11.745 1.00 26.25 ? 133 VAL A N   1 
ATOM   911  C  CA  . VAL A 1 133 ? 8.471   7.633   -11.869 1.00 33.62 ? 133 VAL A CA  1 
ATOM   912  C  C   . VAL A 1 133 ? 9.118   7.909   -10.511 1.00 30.11 ? 133 VAL A C   1 
ATOM   913  O  O   . VAL A 1 133 ? 8.376   8.401   -9.633  1.00 34.48 ? 133 VAL A O   1 
ATOM   914  C  CB  . VAL A 1 133 ? 8.476   8.883   -12.813 1.00 41.38 ? 133 VAL A CB  1 
ATOM   915  C  CG1 . VAL A 1 133 ? 7.451   8.708   -13.948 1.00 43.82 ? 133 VAL A CG1 1 
ATOM   916  C  CG2 . VAL A 1 133 ? 8.224   10.197  -12.071 1.00 47.10 ? 133 VAL A CG2 1 
HETATM 917  O  O04 . OL3 B 2 .   ? 6.513   3.882   2.612   1.00 14.07 ? 201 OL3 A O04 1 
HETATM 918  C  C13 . OL3 B 2 .   ? 6.118   4.110   3.789   1.00 13.30 ? 201 OL3 A C13 1 
HETATM 919  N  N03 . OL3 B 2 .   ? 4.958   4.693   4.105   1.00 14.28 ? 201 OL3 A N03 1 
HETATM 920  C  C11 . OL3 B 2 .   ? 4.789   4.880   5.527   1.00 12.63 ? 201 OL3 A C11 1 
HETATM 921  C  C10 . OL3 B 2 .   ? 3.664   3.982   6.081   1.00 13.67 ? 201 OL3 A C10 1 
HETATM 922  S  S01 . OL3 B 2 .   ? 4.351   2.358   6.371   1.00 13.97 ? 201 OL3 A S01 1 
HETATM 923  N  N02 . OL3 B 2 .   ? 6.853   3.911   4.903   1.00 12.62 ? 201 OL3 A N02 1 
HETATM 924  C  C12 . OL3 B 2 .   ? 6.147   4.300   6.131   1.00 12.80 ? 201 OL3 A C12 1 
HETATM 925  C  C09 . OL3 B 2 .   ? 5.840   3.087   7.037   1.00 13.54 ? 201 OL3 A C09 1 
HETATM 926  C  C08 . OL3 B 2 .   ? 7.079   2.180   7.357   1.00 14.34 ? 201 OL3 A C08 1 
HETATM 927  C  C07 . OL3 B 2 .   ? 6.772   1.293   8.509   1.00 13.21 ? 201 OL3 A C07 1 
HETATM 928  C  C06 . OL3 B 2 .   ? 7.958   0.307   8.722   1.00 14.83 ? 201 OL3 A C06 1 
HETATM 929  C  C05 . OL3 B 2 .   ? 7.752   -0.639  9.943   1.00 16.25 ? 201 OL3 A C05 1 
HETATM 930  C  C01 . OL3 B 2 .   ? 7.758   0.207   11.231  1.00 15.75 ? 201 OL3 A C01 1 
HETATM 931  O  O01 . OL3 B 2 .   ? 8.621   1.110   11.405  1.00 17.08 ? 201 OL3 A O01 1 
HETATM 932  N  N01 . OL3 B 2 .   ? 6.872   -0.157  12.146  1.00 16.30 ? 201 OL3 A N01 1 
HETATM 933  C  C02 . OL3 B 2 .   ? 6.788   0.598   13.347  1.00 21.87 ? 201 OL3 A C02 1 
HETATM 934  C  C37 . OL3 B 2 .   ? 7.583   -0.199  14.322  1.00 34.17 ? 201 OL3 A C37 1 
HETATM 935  C  C04 . OL3 B 2 .   ? 7.860   0.652   15.474  1.00 44.02 ? 201 OL3 A C04 1 
HETATM 936  O  O14 . OL3 B 2 .   ? 8.797   0.128   16.252  1.00 45.04 ? 201 OL3 A O14 1 
HETATM 937  O  O03 . OL3 B 2 .   ? 7.247   1.850   15.571  1.00 50.28 ? 201 OL3 A O03 1 
HETATM 938  CO CO4 . OL3 B 2 .   ? 7.567   3.124   17.123  1.00 50.38 ? 201 OL3 A CO4 1 
HETATM 939  O  O05 . OL3 B 2 .   ? 7.349   1.652   18.390  1.00 44.84 ? 201 OL3 A O05 1 
HETATM 940  O  O07 . OL3 B 2 .   ? 7.905   4.175   18.637  1.00 48.67 ? 201 OL3 A O07 1 
HETATM 941  N  N07 . OL3 B 2 .   ? 5.264   3.412   17.201  1.00 49.67 ? 201 OL3 A N07 1 
HETATM 942  C  C44 . OL3 B 2 .   ? 4.614   2.544   16.375  1.00 45.93 ? 201 OL3 A C44 1 
HETATM 943  C  C43 . OL3 B 2 .   ? 3.207   2.658   16.359  1.00 51.02 ? 201 OL3 A C43 1 
HETATM 944  C  C42 . OL3 B 2 .   ? 2.544   3.626   17.138  1.00 44.46 ? 201 OL3 A C42 1 
HETATM 945  C  C41 . OL3 B 2 .   ? 3.218   4.468   17.851  1.00 43.74 ? 201 OL3 A C41 1 
HETATM 946  C  C40 . OL3 B 2 .   ? 4.550   4.381   17.882  1.00 59.31 ? 201 OL3 A C40 1 
HETATM 947  CO CO1 . OL3 B 2 .   ? 7.913   2.577   19.924  1.00 57.82 ? 201 OL3 A CO1 1 
HETATM 948  N  N04 . OL3 B 2 .   ? 5.367   2.774   20.539  1.00 59.44 ? 201 OL3 A N04 1 
HETATM 949  C  C22 . OL3 B 2 .   ? 4.944   3.718   21.419  1.00 70.96 ? 201 OL3 A C22 1 
HETATM 950  C  C21 . OL3 B 2 .   ? 3.572   3.739   21.718  1.00 74.10 ? 201 OL3 A C21 1 
HETATM 951  C  C20 . OL3 B 2 .   ? 2.738   2.788   21.097  1.00 67.66 ? 201 OL3 A C20 1 
HETATM 952  C  C19 . OL3 B 2 .   ? 3.205   1.906   20.257  1.00 63.49 ? 201 OL3 A C19 1 
HETATM 953  C  C18 . OL3 B 2 .   ? 4.483   1.866   20.010  1.00 71.43 ? 201 OL3 A C18 1 
HETATM 954  O  O12 . OL3 B 2 .   ? 9.524   3.012   16.965  1.00 41.71 ? 201 OL3 A O12 1 
HETATM 955  CO CO3 . OL3 B 2 .   ? 9.948   3.933   18.568  1.00 61.39 ? 201 OL3 A CO3 1 
HETATM 956  N  N06 . OL3 B 2 .   ? 12.565  4.182   18.796  1.00 65.39 ? 201 OL3 A N06 1 
HETATM 957  C  C34 . OL3 B 2 .   ? 13.358  3.325   19.500  1.00 81.23 ? 201 OL3 A C34 1 
HETATM 958  C  C35 . OL3 B 2 .   ? 14.647  3.518   19.557  1.00 87.98 ? 201 OL3 A C35 1 
HETATM 959  C  C30 . OL3 B 2 .   ? 15.225  4.534   18.967  1.00 96.82 ? 201 OL3 A C30 1 
HETATM 960  C  C29 . OL3 B 2 .   ? 14.480  5.469   18.228  1.00 94.34 ? 201 OL3 A C29 1 
HETATM 961  C  C28 . OL3 B 2 .   ? 13.095  5.265   18.154  1.00 84.83 ? 201 OL3 A C28 1 
HETATM 962  O  O11 . OL3 B 2 .   ? 10.465  4.673   20.424  1.00 53.70 ? 201 OL3 A O11 1 
HETATM 963  C  C16 . OL3 B 2 .   ? 9.867   4.238   21.683  1.00 69.48 ? 201 OL3 A C16 1 
HETATM 964  C  C17 . OL3 B 2 .   ? 10.376  4.686   23.070  1.00 64.89 ? 201 OL3 A C17 1 
HETATM 965  O  O10 . OL3 B 2 .   ? 8.725   3.399   21.654  1.00 57.13 ? 201 OL3 A O10 1 
HETATM 966  O  O15 . OL3 B 2 .   ? 7.782   4.690   15.705  1.00 50.10 ? 201 OL3 A O15 1 
HETATM 967  O  O06 . OL3 B 2 .   ? 9.846   2.343   19.556  1.00 48.48 ? 201 OL3 A O06 1 
HETATM 968  CO CO2 . OL3 B 2 .   ? 9.358   1.218   17.943  1.00 50.12 ? 201 OL3 A CO2 1 
HETATM 969  O  O09 . OL3 B 2 .   ? 9.066   -0.697  18.947  1.00 44.51 ? 201 OL3 A O09 1 
HETATM 970  O  O08 . OL3 B 2 .   ? 8.004   0.922   21.176  1.00 44.68 ? 201 OL3 A O08 1 
HETATM 971  N  N05 . OL3 B 2 .   ? 11.466  1.138   16.965  1.00 58.08 ? 201 OL3 A N05 1 
HETATM 972  C  C32 . OL3 B 2 .   ? 12.173  2.299   16.782  1.00 64.01 ? 201 OL3 A C32 1 
HETATM 973  C  C33 . OL3 B 2 .   ? 13.452  2.361   16.191  1.00 72.00 ? 201 OL3 A C33 1 
HETATM 974  C  C26 . OL3 B 2 .   ? 14.022  1.163   15.732  1.00 71.26 ? 201 OL3 A C26 1 
HETATM 975  C  C25 . OL3 B 2 .   ? 13.296  -0.031  15.902  1.00 63.23 ? 201 OL3 A C25 1 
HETATM 976  C  C24 . OL3 B 2 .   ? 12.017  -0.017  16.510  1.00 63.93 ? 201 OL3 A C24 1 
HETATM 977  O  O   . HOH C 3 .   ? 9.564   -2.122  15.650  1.00 38.26 ? 301 HOH A O   1 
HETATM 978  O  O   . HOH C 3 .   ? 7.094   2.301   -12.731 1.00 25.89 ? 302 HOH A O   1 
HETATM 979  O  O   . HOH C 3 .   ? -10.501 4.891   -12.509 1.00 28.99 ? 303 HOH A O   1 
HETATM 980  O  O   . HOH C 3 .   ? 11.837  -2.297  3.652   1.00 17.73 ? 304 HOH A O   1 
HETATM 981  O  O   . HOH C 3 .   ? -11.121 -1.496  -16.106 1.00 46.07 ? 305 HOH A O   1 
HETATM 982  O  O   . HOH C 3 .   ? -2.760  -10.378 -7.797  1.00 25.07 ? 306 HOH A O   1 
HETATM 983  O  O   . HOH C 3 .   ? 9.995   4.582   -13.334 1.00 24.28 ? 307 HOH A O   1 
HETATM 984  O  O   . HOH C 3 .   ? 18.420  -9.750  10.354  1.00 21.34 ? 308 HOH A O   1 
HETATM 985  O  O   . HOH C 3 .   ? -15.410 -0.550  -15.236 1.00 42.27 ? 309 HOH A O   1 
HETATM 986  O  O   . HOH C 3 .   ? 10.489  -5.077  9.851   1.00 16.58 ? 310 HOH A O   1 
HETATM 987  O  O   . HOH C 3 .   ? 1.567   0.482   -13.875 1.00 35.88 ? 311 HOH A O   1 
HETATM 988  O  O   . HOH C 3 .   ? 3.182   8.357   -12.680 1.00 25.23 ? 312 HOH A O   1 
HETATM 989  O  O   . HOH C 3 .   ? -5.080  -0.762  19.117  1.00 26.21 ? 313 HOH A O   1 
HETATM 990  O  O   . HOH C 3 .   ? 3.376   -8.901  5.080   1.00 15.11 ? 314 HOH A O   1 
HETATM 991  O  O   . HOH C 3 .   ? 2.110   9.918   11.069  1.00 21.65 ? 315 HOH A O   1 
HETATM 992  O  O   . HOH C 3 .   ? 11.134  -5.484  16.875  1.00 39.67 ? 316 HOH A O   1 
HETATM 993  O  O   . HOH C 3 .   ? -5.026  -6.366  2.489   0.50 22.52 ? 317 HOH A O   1 
HETATM 994  O  O   . HOH C 3 .   ? 15.745  -1.959  2.179   1.00 38.42 ? 318 HOH A O   1 
HETATM 995  O  O   . HOH C 3 .   ? 9.026   -8.178  -5.726  1.00 33.92 ? 319 HOH A O   1 
HETATM 996  O  O   . HOH C 3 .   ? -5.709  0.563   14.896  1.00 18.55 ? 320 HOH A O   1 
HETATM 997  O  O   . HOH C 3 .   ? 11.627  -3.379  -3.859  1.00 25.32 ? 321 HOH A O   1 
HETATM 998  O  O   . HOH C 3 .   ? -3.078  -11.540 -2.964  1.00 30.42 ? 322 HOH A O   1 
HETATM 999  O  O   . HOH C 3 .   ? -13.117 -6.088  -7.366  1.00 19.39 ? 323 HOH A O   1 
HETATM 1000 O  O   . HOH C 3 .   ? 4.524   -11.431 -2.651  1.00 26.17 ? 324 HOH A O   1 
HETATM 1001 O  O   . HOH C 3 .   ? -13.663 2.369   -7.547  1.00 17.21 ? 325 HOH A O   1 
HETATM 1002 O  O   . HOH C 3 .   ? -6.092  2.333   -16.322 1.00 33.09 ? 326 HOH A O   1 
HETATM 1003 O  O   . HOH C 3 .   ? 4.077   9.044   4.999   1.00 20.45 ? 327 HOH A O   1 
HETATM 1004 O  O   . HOH C 3 .   ? 16.854  -0.431  6.328   1.00 37.18 ? 328 HOH A O   1 
HETATM 1005 O  O   . HOH C 3 .   ? 1.876   -1.630  29.842  1.00 39.58 ? 329 HOH A O   1 
HETATM 1006 O  O   . HOH C 3 .   ? 12.769  -9.959  1.974   1.00 26.68 ? 330 HOH A O   1 
HETATM 1007 O  O   . HOH C 3 .   ? 3.848   -8.406  -8.175  1.00 35.93 ? 331 HOH A O   1 
HETATM 1008 O  O   . HOH C 3 .   ? -13.523 6.705   -14.310 1.00 32.72 ? 332 HOH A O   1 
HETATM 1009 O  O   . HOH C 3 .   ? -14.920 4.077   -9.465  1.00 20.59 ? 333 HOH A O   1 
HETATM 1010 O  O   . HOH C 3 .   ? -7.214  10.947  -5.696  1.00 32.22 ? 334 HOH A O   1 
HETATM 1011 O  O   . HOH C 3 .   ? -4.973  -10.716 -2.930  1.00 30.80 ? 335 HOH A O   1 
HETATM 1012 O  O   . HOH C 3 .   ? 3.948   10.135  -19.143 1.00 30.78 ? 336 HOH A O   1 
HETATM 1013 O  O   . HOH C 3 .   ? 7.164   -10.502 4.346   1.00 17.57 ? 337 HOH A O   1 
HETATM 1014 O  O   . HOH C 3 .   ? -10.124 -1.573  -12.335 1.00 26.74 ? 338 HOH A O   1 
HETATM 1015 O  O   . HOH C 3 .   ? 5.093   -7.551  12.103  1.00 19.54 ? 339 HOH A O   1 
HETATM 1016 O  O   . HOH C 3 .   ? -6.508  8.951   -0.939  1.00 24.35 ? 340 HOH A O   1 
HETATM 1017 O  O   . HOH C 3 .   ? -5.935  3.268   19.728  1.00 27.33 ? 341 HOH A O   1 
HETATM 1018 O  O   . HOH C 3 .   ? -7.699  -11.591 -3.119  1.00 27.86 ? 342 HOH A O   1 
HETATM 1019 O  O   . HOH C 3 .   ? -2.096  -6.068  28.110  1.00 37.24 ? 343 HOH A O   1 
HETATM 1020 O  O   . HOH C 3 .   ? 0.016   12.380  0.147   1.00 25.81 ? 344 HOH A O   1 
HETATM 1021 O  O   . HOH C 3 .   ? 11.746  -11.937 11.523  1.00 35.02 ? 345 HOH A O   1 
HETATM 1022 O  O   . HOH C 3 .   ? 8.986   -3.968  -3.165  1.00 21.00 ? 346 HOH A O   1 
HETATM 1023 O  O   . HOH C 3 .   ? 12.499  9.388   2.992   1.00 38.91 ? 347 HOH A O   1 
HETATM 1024 O  O   . HOH C 3 .   ? 4.531   -6.274  -10.514 1.00 32.79 ? 348 HOH A O   1 
HETATM 1025 O  O   . HOH C 3 .   ? 0.505   -11.808 -1.101  1.00 36.03 ? 349 HOH A O   1 
HETATM 1026 O  O   . HOH C 3 .   ? 12.560  -11.858 3.731   1.00 29.38 ? 350 HOH A O   1 
HETATM 1027 O  O   . HOH C 3 .   ? -2.247  10.934  -0.480  1.00 25.13 ? 351 HOH A O   1 
HETATM 1028 O  O   . HOH C 3 .   ? 5.546   11.350  4.171   1.00 23.26 ? 352 HOH A O   1 
HETATM 1029 O  O   . HOH C 3 .   ? -13.937 -7.445  -4.962  1.00 21.75 ? 353 HOH A O   1 
HETATM 1030 O  O   . HOH C 3 .   ? 9.775   3.187   13.152  1.00 45.23 ? 354 HOH A O   1 
HETATM 1031 O  O   . HOH C 3 .   ? 2.962   -1.640  24.788  1.00 25.59 ? 355 HOH A O   1 
HETATM 1032 O  O   . HOH C 3 .   ? 2.237   10.890  6.040   1.00 19.56 ? 356 HOH A O   1 
HETATM 1033 O  O   . HOH C 3 .   ? -4.748  2.333   26.418  1.00 25.89 ? 357 HOH A O   1 
HETATM 1034 O  O   . HOH C 3 .   ? 9.216   -11.068 2.606   1.00 34.82 ? 358 HOH A O   1 
HETATM 1035 O  O   . HOH C 3 .   ? 2.486   7.687   -15.431 1.00 31.56 ? 359 HOH A O   1 
HETATM 1036 O  O   . HOH C 3 .   ? 9.980   -12.762 13.633  1.00 35.52 ? 360 HOH A O   1 
HETATM 1037 O  O   . HOH C 3 .   ? 4.717   -5.959  19.991  1.00 23.88 ? 361 HOH A O   1 
HETATM 1038 O  O   . HOH C 3 .   ? -10.947 3.693   -14.896 1.00 35.78 ? 362 HOH A O   1 
HETATM 1039 O  O   . HOH C 3 .   ? -5.841  -0.286  -17.264 1.00 44.19 ? 363 HOH A O   1 
HETATM 1040 O  O   . HOH C 3 .   ? 13.315  -4.988  15.419  1.00 30.42 ? 364 HOH A O   1 
HETATM 1041 O  O   . HOH C 3 .   ? -4.883  2.916   29.361  1.00 38.60 ? 365 HOH A O   1 
HETATM 1042 O  O   . HOH C 3 .   ? -9.094  -4.497  -16.131 1.00 35.44 ? 366 HOH A O   1 
HETATM 1043 O  O   . HOH C 3 .   ? 18.488  -12.288 9.276   1.00 39.41 ? 367 HOH A O   1 
HETATM 1044 O  O   . HOH C 3 .   ? 12.971  -3.274  -6.341  1.00 36.68 ? 368 HOH A O   1 
HETATM 1045 O  O   . HOH C 3 .   ? 14.041  -11.264 12.783  1.00 48.22 ? 369 HOH A O   1 
HETATM 1046 O  O   . HOH C 3 .   ? -0.414  14.861  -1.439  1.00 45.14 ? 370 HOH A O   1 
HETATM 1047 O  O   . HOH C 3 .   ? 8.823   -10.537 0.160   1.00 35.53 ? 371 HOH A O   1 
HETATM 1048 O  O   . HOH C 3 .   ? 3.691   0.904   23.584  1.00 39.30 ? 372 HOH A O   1 
HETATM 1049 O  O   . HOH C 3 .   ? -1.741  -13.814 -2.125  1.00 33.39 ? 373 HOH A O   1 
HETATM 1050 O  O   . HOH C 3 .   ? 7.088   -11.985 -2.050  1.00 34.39 ? 374 HOH A O   1 
# 
loop_
_pdbx_poly_seq_scheme.asym_id 
_pdbx_poly_seq_scheme.entity_id 
_pdbx_poly_seq_scheme.seq_id 
_pdbx_poly_seq_scheme.mon_id 
_pdbx_poly_seq_scheme.ndb_seq_num 
_pdbx_poly_seq_scheme.pdb_seq_num 
_pdbx_poly_seq_scheme.auth_seq_num 
_pdbx_poly_seq_scheme.pdb_mon_id 
_pdbx_poly_seq_scheme.auth_mon_id 
_pdbx_poly_seq_scheme.pdb_strand_id 
_pdbx_poly_seq_scheme.pdb_ins_code 
_pdbx_poly_seq_scheme.hetero 
A 1 1   MET 1   1   ?   ?   ?   A . n 
A 1 2   ALA 2   2   ?   ?   ?   A . n 
A 1 3   SER 3   3   ?   ?   ?   A . n 
A 1 4   MET 4   4   ?   ?   ?   A . n 
A 1 5   THR 5   5   ?   ?   ?   A . n 
A 1 6   GLY 6   6   ?   ?   ?   A . n 
A 1 7   GLY 7   7   ?   ?   ?   A . n 
A 1 8   GLN 8   8   ?   ?   ?   A . n 
A 1 9   GLN 9   9   ?   ?   ?   A . n 
A 1 10  MET 10  10  ?   ?   ?   A . n 
A 1 11  GLY 11  11  ?   ?   ?   A . n 
A 1 12  ARG 12  12  ?   ?   ?   A . n 
A 1 13  ASP 13  13  13  ASP ASP A . n 
A 1 14  GLU 14  14  14  GLU GLU A . n 
A 1 15  ALA 15  15  15  ALA ALA A . n 
A 1 16  GLY 16  16  16  GLY GLY A . n 
A 1 17  ILE 17  17  17  ILE ILE A . n 
A 1 18  THR 18  18  18  THR THR A . n 
A 1 19  GLY 19  19  19  GLY GLY A . n 
A 1 20  THR 20  20  20  THR THR A . n 
A 1 21  TRP 21  21  21  TRP TRP A . n 
A 1 22  TYR 22  22  22  TYR TYR A . n 
A 1 23  ASN 23  23  23  ASN ASN A . n 
A 1 24  GLN 24  24  24  GLN GLN A . n 
A 1 25  LEU 25  25  25  LEU LEU A . n 
A 1 26  GLY 26  26  26  GLY GLY A . n 
A 1 27  SER 27  27  27  SER SER A . n 
A 1 28  THR 28  28  28  THR THR A . n 
A 1 29  PHE 29  29  29  PHE PHE A . n 
A 1 30  ILE 30  30  30  ILE ILE A . n 
A 1 31  VAL 31  31  31  VAL VAL A . n 
A 1 32  THR 32  32  32  THR THR A . n 
A 1 33  ALA 33  33  33  ALA ALA A . n 
A 1 34  GLY 34  34  34  GLY GLY A . n 
A 1 35  ALA 35  35  35  ALA ALA A . n 
A 1 36  ASP 36  36  36  ASP ASP A . n 
A 1 37  GLY 37  37  37  GLY GLY A . n 
A 1 38  ALA 38  38  38  ALA ALA A . n 
A 1 39  LEU 39  39  39  LEU LEU A . n 
A 1 40  THR 40  40  40  THR THR A . n 
A 1 41  GLY 41  41  41  GLY GLY A . n 
A 1 42  THR 42  42  42  THR THR A . n 
A 1 43  TYR 43  43  43  TYR TYR A . n 
A 1 44  GLU 44  44  44  GLU GLU A . n 
A 1 45  SER 45  45  45  SER SER A . n 
A 1 46  ALA 46  46  46  ALA ALA A . n 
A 1 47  VAL 47  47  47  VAL VAL A . n 
A 1 48  GLY 48  48  48  GLY GLY A . n 
A 1 49  ASN 49  49  49  ASN ASN A . n 
A 1 50  ALA 50  50  50  ALA ALA A . n 
A 1 51  GLU 51  51  51  GLU GLU A . n 
A 1 52  SER 52  52  52  SER SER A . n 
A 1 53  ARG 53  53  53  ARG ARG A . n 
A 1 54  TYR 54  54  54  TYR TYR A . n 
A 1 55  VAL 55  55  55  VAL VAL A . n 
A 1 56  LEU 56  56  56  LEU LEU A . n 
A 1 57  THR 57  57  57  THR THR A . n 
A 1 58  GLY 58  58  58  GLY GLY A . n 
A 1 59  ARG 59  59  59  ARG ARG A . n 
A 1 60  TYR 60  60  60  TYR TYR A . n 
A 1 61  ASP 61  61  61  ASP ASP A . n 
A 1 62  SER 62  62  62  SER SER A . n 
A 1 63  ALA 63  63  63  ALA ALA A . n 
A 1 64  PRO 64  64  64  PRO PRO A . n 
A 1 65  ALA 65  65  65  ALA ALA A . n 
A 1 66  THR 66  66  66  THR THR A . n 
A 1 67  ASP 67  67  67  ASP ASP A . n 
A 1 68  GLY 68  68  68  GLY GLY A . n 
A 1 69  SER 69  69  69  SER SER A . n 
A 1 70  GLY 70  70  70  GLY GLY A . n 
A 1 71  THR 71  71  71  THR THR A . n 
A 1 72  ALA 72  72  72  ALA ALA A . n 
A 1 73  LEU 73  73  73  LEU LEU A . n 
A 1 74  GLY 74  74  74  GLY GLY A . n 
A 1 75  TRP 75  75  75  TRP TRP A . n 
A 1 76  THR 76  76  76  THR THR A . n 
A 1 77  VAL 77  77  77  VAL VAL A . n 
A 1 78  ALA 78  78  78  ALA ALA A . n 
A 1 79  TRP 79  79  79  TRP TRP A . n 
A 1 80  LYS 80  80  80  LYS LYS A . n 
A 1 81  ASN 81  81  81  ASN ASN A . n 
A 1 82  ASN 82  82  82  ASN ASN A . n 
A 1 83  TYR 83  83  83  TYR TYR A . n 
A 1 84  ARG 84  84  84  ARG ARG A . n 
A 1 85  ASN 85  85  85  ASN ASN A . n 
A 1 86  ALA 86  86  86  ALA ALA A . n 
A 1 87  HIS 87  87  87  HIS HIS A . n 
A 1 88  SER 88  88  88  SER SER A . n 
A 1 89  ALA 89  89  89  ALA ALA A . n 
A 1 90  THR 90  90  90  THR THR A . n 
A 1 91  THR 91  91  91  THR THR A . n 
A 1 92  TRP 92  92  92  TRP TRP A . n 
A 1 93  SER 93  93  93  SER SER A . n 
A 1 94  GLY 94  94  94  GLY GLY A . n 
A 1 95  GLN 95  95  95  GLN GLN A . n 
A 1 96  TYR 96  96  96  TYR TYR A . n 
A 1 97  VAL 97  97  97  VAL VAL A . n 
A 1 98  GLY 98  98  98  GLY GLY A . n 
A 1 99  GLY 99  99  99  GLY GLY A . n 
A 1 100 ALA 100 100 100 ALA ALA A . n 
A 1 101 GLN 101 101 101 GLN GLN A . n 
A 1 102 ALA 102 102 102 ALA ALA A . n 
A 1 103 ARG 103 103 103 ARG ARG A . n 
A 1 104 ILE 104 104 104 ILE ILE A . n 
A 1 105 ASN 105 105 105 ASN ASN A . n 
A 1 106 THR 106 106 106 THR THR A . n 
A 1 107 GLN 107 107 107 GLN GLN A . n 
A 1 108 TRP 108 108 108 TRP TRP A . n 
A 1 109 LEU 109 109 109 LEU LEU A . n 
A 1 110 LEU 110 110 110 LEU LEU A . n 
A 1 111 THR 111 111 111 THR THR A . n 
A 1 112 TYR 112 112 112 TYR TYR A . n 
A 1 113 GLY 113 113 113 GLY GLY A . n 
A 1 114 THR 114 114 114 THR THR A . n 
A 1 115 THR 115 115 115 THR THR A . n 
A 1 116 GLU 116 116 116 GLU GLU A . n 
A 1 117 ALA 117 117 117 ALA ALA A . n 
A 1 118 ASN 118 118 118 ASN ASN A . n 
A 1 119 ALA 119 119 119 ALA ALA A . n 
A 1 120 TRP 120 120 120 TRP TRP A . n 
A 1 121 ALA 121 121 121 ALA ALA A . n 
A 1 122 SER 122 122 122 SER SER A . n 
A 1 123 THR 123 123 123 THR THR A . n 
A 1 124 LEU 124 124 124 LEU LEU A . n 
A 1 125 VAL 125 125 125 VAL VAL A . n 
A 1 126 GLY 126 126 126 GLY GLY A . n 
A 1 127 HIS 127 127 127 HIS HIS A . n 
A 1 128 ASP 128 128 128 ASP ASP A . n 
A 1 129 THR 129 129 129 THR THR A . n 
A 1 130 PHE 130 130 130 PHE PHE A . n 
A 1 131 THR 131 131 131 THR THR A . n 
A 1 132 LYS 132 132 132 LYS LYS A . n 
A 1 133 VAL 133 133 133 VAL VAL A . n 
A 1 134 LYS 134 134 ?   ?   ?   A . n 
A 1 135 PRO 135 135 ?   ?   ?   A . n 
A 1 136 SER 136 136 ?   ?   ?   A . n 
A 1 137 ALA 137 137 ?   ?   ?   A . n 
A 1 138 ALA 138 138 ?   ?   ?   A . n 
A 1 139 SER 139 139 ?   ?   ?   A . n 
A 1 140 ILE 140 140 ?   ?   ?   A . n 
A 1 141 ASP 141 141 ?   ?   ?   A . n 
A 1 142 ALA 142 142 ?   ?   ?   A . n 
A 1 143 ALA 143 143 ?   ?   ?   A . n 
A 1 144 LYS 144 144 ?   ?   ?   A . n 
A 1 145 LYS 145 145 ?   ?   ?   A . n 
A 1 146 ALA 146 146 ?   ?   ?   A . n 
A 1 147 GLY 147 147 ?   ?   ?   A . n 
A 1 148 VAL 148 148 ?   ?   ?   A . n 
A 1 149 ASN 149 149 ?   ?   ?   A . n 
A 1 150 ASN 150 150 ?   ?   ?   A . n 
A 1 151 GLY 151 151 ?   ?   ?   A . n 
A 1 152 ASN 152 152 ?   ?   ?   A . n 
A 1 153 PRO 153 153 ?   ?   ?   A . n 
A 1 154 LEU 154 154 ?   ?   ?   A . n 
A 1 155 ASP 155 155 ?   ?   ?   A . n 
A 1 156 ALA 156 156 ?   ?   ?   A . n 
A 1 157 VAL 157 157 ?   ?   ?   A . n 
A 1 158 GLN 158 158 ?   ?   ?   A . n 
A 1 159 GLN 159 159 ?   ?   ?   A . n 
# 
loop_
_pdbx_nonpoly_scheme.asym_id 
_pdbx_nonpoly_scheme.entity_id 
_pdbx_nonpoly_scheme.mon_id 
_pdbx_nonpoly_scheme.ndb_seq_num 
_pdbx_nonpoly_scheme.pdb_seq_num 
_pdbx_nonpoly_scheme.auth_seq_num 
_pdbx_nonpoly_scheme.pdb_mon_id 
_pdbx_nonpoly_scheme.auth_mon_id 
_pdbx_nonpoly_scheme.pdb_strand_id 
_pdbx_nonpoly_scheme.pdb_ins_code 
B 2 OL3 1  201 1  OL3 OL3 A . 
C 3 HOH 1  301 74 HOH HOH A . 
C 3 HOH 2  302 4  HOH HOH A . 
C 3 HOH 3  303 40 HOH HOH A . 
C 3 HOH 4  304 7  HOH HOH A . 
C 3 HOH 5  305 38 HOH HOH A . 
C 3 HOH 6  306 18 HOH HOH A . 
C 3 HOH 7  307 45 HOH HOH A . 
C 3 HOH 8  308 9  HOH HOH A . 
C 3 HOH 9  309 60 HOH HOH A . 
C 3 HOH 10 310 1  HOH HOH A . 
C 3 HOH 11 311 39 HOH HOH A . 
C 3 HOH 12 312 20 HOH HOH A . 
C 3 HOH 13 313 25 HOH HOH A . 
C 3 HOH 14 314 5  HOH HOH A . 
C 3 HOH 15 315 8  HOH HOH A . 
C 3 HOH 16 316 32 HOH HOH A . 
C 3 HOH 17 317 10 HOH HOH A . 
C 3 HOH 18 318 67 HOH HOH A . 
C 3 HOH 19 319 61 HOH HOH A . 
C 3 HOH 20 320 11 HOH HOH A . 
C 3 HOH 21 321 29 HOH HOH A . 
C 3 HOH 22 322 31 HOH HOH A . 
C 3 HOH 23 323 17 HOH HOH A . 
C 3 HOH 24 324 21 HOH HOH A . 
C 3 HOH 25 325 3  HOH HOH A . 
C 3 HOH 26 326 46 HOH HOH A . 
C 3 HOH 27 327 69 HOH HOH A . 
C 3 HOH 28 328 36 HOH HOH A . 
C 3 HOH 29 329 63 HOH HOH A . 
C 3 HOH 30 330 27 HOH HOH A . 
C 3 HOH 31 331 50 HOH HOH A . 
C 3 HOH 32 332 47 HOH HOH A . 
C 3 HOH 33 333 15 HOH HOH A . 
C 3 HOH 34 334 66 HOH HOH A . 
C 3 HOH 35 335 56 HOH HOH A . 
C 3 HOH 36 336 30 HOH HOH A . 
C 3 HOH 37 337 6  HOH HOH A . 
C 3 HOH 38 338 24 HOH HOH A . 
C 3 HOH 39 339 2  HOH HOH A . 
C 3 HOH 40 340 34 HOH HOH A . 
C 3 HOH 41 341 33 HOH HOH A . 
C 3 HOH 42 342 23 HOH HOH A . 
C 3 HOH 43 343 49 HOH HOH A . 
C 3 HOH 44 344 22 HOH HOH A . 
C 3 HOH 45 345 58 HOH HOH A . 
C 3 HOH 46 346 13 HOH HOH A . 
C 3 HOH 47 347 65 HOH HOH A . 
C 3 HOH 48 348 43 HOH HOH A . 
C 3 HOH 49 349 41 HOH HOH A . 
C 3 HOH 50 350 28 HOH HOH A . 
C 3 HOH 51 351 19 HOH HOH A . 
C 3 HOH 52 352 70 HOH HOH A . 
C 3 HOH 53 353 12 HOH HOH A . 
C 3 HOH 54 354 75 HOH HOH A . 
C 3 HOH 55 355 26 HOH HOH A . 
C 3 HOH 56 356 68 HOH HOH A . 
C 3 HOH 57 357 16 HOH HOH A . 
C 3 HOH 58 358 59 HOH HOH A . 
C 3 HOH 59 359 35 HOH HOH A . 
C 3 HOH 60 360 42 HOH HOH A . 
C 3 HOH 61 361 14 HOH HOH A . 
C 3 HOH 62 362 73 HOH HOH A . 
C 3 HOH 63 363 55 HOH HOH A . 
C 3 HOH 64 364 52 HOH HOH A . 
C 3 HOH 65 365 54 HOH HOH A . 
C 3 HOH 66 366 51 HOH HOH A . 
C 3 HOH 67 367 57 HOH HOH A . 
C 3 HOH 68 368 44 HOH HOH A . 
C 3 HOH 69 369 71 HOH HOH A . 
C 3 HOH 70 370 64 HOH HOH A . 
C 3 HOH 71 371 72 HOH HOH A . 
C 3 HOH 72 372 62 HOH HOH A . 
C 3 HOH 73 373 37 HOH HOH A . 
C 3 HOH 74 374 48 HOH HOH A . 
# 
_pdbx_struct_assembly.id                   1 
_pdbx_struct_assembly.details              author_and_software_defined_assembly 
_pdbx_struct_assembly.method_details       PISA 
_pdbx_struct_assembly.oligomeric_details   tetrameric 
_pdbx_struct_assembly.oligomeric_count     4 
# 
_pdbx_struct_assembly_gen.assembly_id       1 
_pdbx_struct_assembly_gen.oper_expression   1,2,3,4 
_pdbx_struct_assembly_gen.asym_id_list      A,B,C 
# 
loop_
_pdbx_struct_assembly_prop.biol_id 
_pdbx_struct_assembly_prop.type 
_pdbx_struct_assembly_prop.value 
_pdbx_struct_assembly_prop.details 
1 'ABSA (A^2)' 9620  ? 
1 MORE         -57   ? 
1 'SSA (A^2)'  18780 ? 
# 
loop_
_pdbx_struct_oper_list.id 
_pdbx_struct_oper_list.type 
_pdbx_struct_oper_list.name 
_pdbx_struct_oper_list.symmetry_operation 
_pdbx_struct_oper_list.matrix[1][1] 
_pdbx_struct_oper_list.matrix[1][2] 
_pdbx_struct_oper_list.matrix[1][3] 
_pdbx_struct_oper_list.vector[1] 
_pdbx_struct_oper_list.matrix[2][1] 
_pdbx_struct_oper_list.matrix[2][2] 
_pdbx_struct_oper_list.matrix[2][3] 
_pdbx_struct_oper_list.vector[2] 
_pdbx_struct_oper_list.matrix[3][1] 
_pdbx_struct_oper_list.matrix[3][2] 
_pdbx_struct_oper_list.matrix[3][3] 
_pdbx_struct_oper_list.vector[3] 
1 'identity operation'         1_555  x,y,z    1.0000000000  0.0000000000  0.0000000000  0.0000000000   0.0000000000  1.0000000000  0.0000000000  0.0000000000  0.0000000000  0.0000000000  1.0000000000  0.0000000000  
2 'crystal symmetry operation' 8_555  -y,-x,-z -0.4417857519 0.4878184888  -0.7529000407 -6.9880042362  0.4878184888  -0.5736997419 -0.6579526793 24.4110818510 -0.7529000407 -0.6579526793 0.0154854938  10.6353740152 
3 'crystal symmetry operation' 10_555 -x,-y,z  0.4047578716  -0.2498579768 0.8796260892  -11.4931447933 -0.2498579768 -0.9555588833 -0.1564551439 17.0239994024 0.8796260892  -0.1564551439 -0.4491989883 23.1901576312 
4 'crystal symmetry operation' 15_555 y,x,-z   -0.9629721197 -0.2379605121 -0.1267260485 -11.0657455846 -0.2379605121 0.5292586251  0.8144078232  -6.2201770824 -0.1267260485 0.8144078232  -0.5662865054 8.4466882212 
# 
_pdbx_struct_special_symmetry.id              1 
_pdbx_struct_special_symmetry.PDB_model_num   1 
_pdbx_struct_special_symmetry.auth_asym_id    A 
_pdbx_struct_special_symmetry.auth_comp_id    HOH 
_pdbx_struct_special_symmetry.auth_seq_id     317 
_pdbx_struct_special_symmetry.PDB_ins_code    ? 
_pdbx_struct_special_symmetry.label_asym_id   C 
_pdbx_struct_special_symmetry.label_comp_id   HOH 
_pdbx_struct_special_symmetry.label_seq_id    . 
# 
loop_
_pdbx_audit_revision_history.ordinal 
_pdbx_audit_revision_history.data_content_type 
_pdbx_audit_revision_history.major_revision 
_pdbx_audit_revision_history.minor_revision 
_pdbx_audit_revision_history.revision_date 
1 'Structure model' 1 0 2018-02-28 
2 'Structure model' 1 1 2018-03-14 
3 'Structure model' 1 2 2019-04-17 
4 'Structure model' 1 3 2020-01-01 
5 'Structure model' 1 4 2023-10-04 
# 
_pdbx_audit_revision_details.ordinal             1 
_pdbx_audit_revision_details.revision_ordinal    1 
_pdbx_audit_revision_details.data_content_type   'Structure model' 
_pdbx_audit_revision_details.provider            repository 
_pdbx_audit_revision_details.type                'Initial release' 
_pdbx_audit_revision_details.description         ? 
_pdbx_audit_revision_details.details             ? 
# 
loop_
_pdbx_audit_revision_group.ordinal 
_pdbx_audit_revision_group.revision_ordinal 
_pdbx_audit_revision_group.data_content_type 
_pdbx_audit_revision_group.group 
1 2 'Structure model' 'Database references'        
2 3 'Structure model' 'Author supporting evidence' 
3 3 'Structure model' 'Data collection'            
4 4 'Structure model' 'Author supporting evidence' 
5 5 'Structure model' 'Data collection'            
6 5 'Structure model' 'Database references'        
7 5 'Structure model' 'Refinement description'     
# 
loop_
_pdbx_audit_revision_category.ordinal 
_pdbx_audit_revision_category.revision_ordinal 
_pdbx_audit_revision_category.data_content_type 
_pdbx_audit_revision_category.category 
1 2 'Structure model' citation                      
2 3 'Structure model' pdbx_audit_support            
3 4 'Structure model' pdbx_audit_support            
4 5 'Structure model' chem_comp_atom                
5 5 'Structure model' chem_comp_bond                
6 5 'Structure model' database_2                    
7 5 'Structure model' pdbx_initial_refinement_model 
8 5 'Structure model' refine_hist                   
# 
loop_
_pdbx_audit_revision_item.ordinal 
_pdbx_audit_revision_item.revision_ordinal 
_pdbx_audit_revision_item.data_content_type 
_pdbx_audit_revision_item.item 
1 2 'Structure model' '_citation.journal_volume'                 
2 2 'Structure model' '_citation.page_first'                     
3 2 'Structure model' '_citation.page_last'                      
4 3 'Structure model' '_pdbx_audit_support.funding_organization' 
5 3 'Structure model' '_pdbx_audit_support.grant_number'         
6 4 'Structure model' '_pdbx_audit_support.funding_organization' 
7 5 'Structure model' '_database_2.pdbx_DOI'                     
8 5 'Structure model' '_database_2.pdbx_database_accession'      
9 5 'Structure model' '_refine_hist.d_res_low'                   
# 
loop_
_software.citation_id 
_software.classification 
_software.compiler_name 
_software.compiler_version 
_software.contact_author 
_software.contact_author_email 
_software.date 
_software.description 
_software.dependencies 
_software.hardware 
_software.language 
_software.location 
_software.mods 
_software.name 
_software.os 
_software.os_version 
_software.type 
_software.version 
_software.pdbx_ordinal 
? refinement       ? ? ? ? ? ? ? ? ? ? ? REFMAC  ? ? ? 5.8.0155 1 
? 'data reduction' ? ? ? ? ? ? ? ? ? ? ? XDS     ? ? ? .        2 
? 'data scaling'   ? ? ? ? ? ? ? ? ? ? ? Aimless ? ? ? .        3 
? phasing          ? ? ? ? ? ? ? ? ? ? ? PHASER  ? ? ? .        4 
# 
_pdbx_validate_close_contact.id               1 
_pdbx_validate_close_contact.PDB_model_num    1 
_pdbx_validate_close_contact.auth_atom_id_1   O 
_pdbx_validate_close_contact.auth_asym_id_1   A 
_pdbx_validate_close_contact.auth_comp_id_1   HOH 
_pdbx_validate_close_contact.auth_seq_id_1    322 
_pdbx_validate_close_contact.PDB_ins_code_1   ? 
_pdbx_validate_close_contact.label_alt_id_1   ? 
_pdbx_validate_close_contact.auth_atom_id_2   O 
_pdbx_validate_close_contact.auth_asym_id_2   A 
_pdbx_validate_close_contact.auth_comp_id_2   HOH 
_pdbx_validate_close_contact.auth_seq_id_2    335 
_pdbx_validate_close_contact.PDB_ins_code_2   ? 
_pdbx_validate_close_contact.label_alt_id_2   ? 
_pdbx_validate_close_contact.dist             2.07 
# 
_pdbx_validate_symm_contact.id                1 
_pdbx_validate_symm_contact.PDB_model_num     1 
_pdbx_validate_symm_contact.auth_atom_id_1    O 
_pdbx_validate_symm_contact.auth_asym_id_1    A 
_pdbx_validate_symm_contact.auth_comp_id_1    HOH 
_pdbx_validate_symm_contact.auth_seq_id_1     369 
_pdbx_validate_symm_contact.PDB_ins_code_1    ? 
_pdbx_validate_symm_contact.label_alt_id_1    ? 
_pdbx_validate_symm_contact.site_symmetry_1   1_555 
_pdbx_validate_symm_contact.auth_atom_id_2    O 
_pdbx_validate_symm_contact.auth_asym_id_2    A 
_pdbx_validate_symm_contact.auth_comp_id_2    HOH 
_pdbx_validate_symm_contact.auth_seq_id_2     369 
_pdbx_validate_symm_contact.PDB_ins_code_2    ? 
_pdbx_validate_symm_contact.label_alt_id_2    ? 
_pdbx_validate_symm_contact.site_symmetry_2   5_454 
_pdbx_validate_symm_contact.dist              2.08 
# 
_pdbx_validate_rmsd_bond.id                        1 
_pdbx_validate_rmsd_bond.PDB_model_num             1 
_pdbx_validate_rmsd_bond.auth_atom_id_1            CZ 
_pdbx_validate_rmsd_bond.auth_asym_id_1            A 
_pdbx_validate_rmsd_bond.auth_comp_id_1            TYR 
_pdbx_validate_rmsd_bond.auth_seq_id_1             96 
_pdbx_validate_rmsd_bond.PDB_ins_code_1            ? 
_pdbx_validate_rmsd_bond.label_alt_id_1            ? 
_pdbx_validate_rmsd_bond.auth_atom_id_2            CE2 
_pdbx_validate_rmsd_bond.auth_asym_id_2            A 
_pdbx_validate_rmsd_bond.auth_comp_id_2            TYR 
_pdbx_validate_rmsd_bond.auth_seq_id_2             96 
_pdbx_validate_rmsd_bond.PDB_ins_code_2            ? 
_pdbx_validate_rmsd_bond.label_alt_id_2            ? 
_pdbx_validate_rmsd_bond.bond_value                1.291 
_pdbx_validate_rmsd_bond.bond_target_value         1.381 
_pdbx_validate_rmsd_bond.bond_deviation            -0.090 
_pdbx_validate_rmsd_bond.bond_standard_deviation   0.013 
_pdbx_validate_rmsd_bond.linker_flag               N 
# 
loop_
_pdbx_validate_rmsd_angle.id 
_pdbx_validate_rmsd_angle.PDB_model_num 
_pdbx_validate_rmsd_angle.auth_atom_id_1 
_pdbx_validate_rmsd_angle.auth_asym_id_1 
_pdbx_validate_rmsd_angle.auth_comp_id_1 
_pdbx_validate_rmsd_angle.auth_seq_id_1 
_pdbx_validate_rmsd_angle.PDB_ins_code_1 
_pdbx_validate_rmsd_angle.label_alt_id_1 
_pdbx_validate_rmsd_angle.auth_atom_id_2 
_pdbx_validate_rmsd_angle.auth_asym_id_2 
_pdbx_validate_rmsd_angle.auth_comp_id_2 
_pdbx_validate_rmsd_angle.auth_seq_id_2 
_pdbx_validate_rmsd_angle.PDB_ins_code_2 
_pdbx_validate_rmsd_angle.label_alt_id_2 
_pdbx_validate_rmsd_angle.auth_atom_id_3 
_pdbx_validate_rmsd_angle.auth_asym_id_3 
_pdbx_validate_rmsd_angle.auth_comp_id_3 
_pdbx_validate_rmsd_angle.auth_seq_id_3 
_pdbx_validate_rmsd_angle.PDB_ins_code_3 
_pdbx_validate_rmsd_angle.label_alt_id_3 
_pdbx_validate_rmsd_angle.angle_value 
_pdbx_validate_rmsd_angle.angle_target_value 
_pdbx_validate_rmsd_angle.angle_deviation 
_pdbx_validate_rmsd_angle.angle_standard_deviation 
_pdbx_validate_rmsd_angle.linker_flag 
1 1 NE A ARG 103 ? ? CZ A ARG 103 ? ? NH2 A ARG 103 ? ? 123.67 120.30 3.37  0.50 N 
2 1 CB A LEU 110 ? ? CG A LEU 110 ? ? CD2 A LEU 110 ? ? 122.56 111.00 11.56 1.70 N 
3 1 CB A ASP 128 ? ? CG A ASP 128 ? ? OD2 A ASP 128 ? ? 111.85 118.30 -6.45 0.90 N 
# 
loop_
_pdbx_validate_torsion.id 
_pdbx_validate_torsion.PDB_model_num 
_pdbx_validate_torsion.auth_comp_id 
_pdbx_validate_torsion.auth_asym_id 
_pdbx_validate_torsion.auth_seq_id 
_pdbx_validate_torsion.PDB_ins_code 
_pdbx_validate_torsion.label_alt_id 
_pdbx_validate_torsion.phi 
_pdbx_validate_torsion.psi 
1 1 SER A 52  ? ? 70.07   -152.15 
2 1 GLN A 101 ? ? -112.98 65.02   
# 
loop_
_pdbx_unobs_or_zero_occ_residues.id 
_pdbx_unobs_or_zero_occ_residues.PDB_model_num 
_pdbx_unobs_or_zero_occ_residues.polymer_flag 
_pdbx_unobs_or_zero_occ_residues.occupancy_flag 
_pdbx_unobs_or_zero_occ_residues.auth_asym_id 
_pdbx_unobs_or_zero_occ_residues.auth_comp_id 
_pdbx_unobs_or_zero_occ_residues.auth_seq_id 
_pdbx_unobs_or_zero_occ_residues.PDB_ins_code 
_pdbx_unobs_or_zero_occ_residues.label_asym_id 
_pdbx_unobs_or_zero_occ_residues.label_comp_id 
_pdbx_unobs_or_zero_occ_residues.label_seq_id 
1  1 Y 1 A MET 1   ? A MET 1   
2  1 Y 1 A ALA 2   ? A ALA 2   
3  1 Y 1 A SER 3   ? A SER 3   
4  1 Y 1 A MET 4   ? A MET 4   
5  1 Y 1 A THR 5   ? A THR 5   
6  1 Y 1 A GLY 6   ? A GLY 6   
7  1 Y 1 A GLY 7   ? A GLY 7   
8  1 Y 1 A GLN 8   ? A GLN 8   
9  1 Y 1 A GLN 9   ? A GLN 9   
10 1 Y 1 A MET 10  ? A MET 10  
11 1 Y 1 A GLY 11  ? A GLY 11  
12 1 Y 1 A ARG 12  ? A ARG 12  
13 1 Y 1 A LYS 134 ? A LYS 134 
14 1 Y 1 A PRO 135 ? A PRO 135 
15 1 Y 1 A SER 136 ? A SER 136 
16 1 Y 1 A ALA 137 ? A ALA 137 
17 1 Y 1 A ALA 138 ? A ALA 138 
18 1 Y 1 A SER 139 ? A SER 139 
19 1 Y 1 A ILE 140 ? A ILE 140 
20 1 Y 1 A ASP 141 ? A ASP 141 
21 1 Y 1 A ALA 142 ? A ALA 142 
22 1 Y 1 A ALA 143 ? A ALA 143 
23 1 Y 1 A LYS 144 ? A LYS 144 
24 1 Y 1 A LYS 145 ? A LYS 145 
25 1 Y 1 A ALA 146 ? A ALA 146 
26 1 Y 1 A GLY 147 ? A GLY 147 
27 1 Y 1 A VAL 148 ? A VAL 148 
28 1 Y 1 A ASN 149 ? A ASN 149 
29 1 Y 1 A ASN 150 ? A ASN 150 
30 1 Y 1 A GLY 151 ? A GLY 151 
31 1 Y 1 A ASN 152 ? A ASN 152 
32 1 Y 1 A PRO 153 ? A PRO 153 
33 1 Y 1 A LEU 154 ? A LEU 154 
34 1 Y 1 A ASP 155 ? A ASP 155 
35 1 Y 1 A ALA 156 ? A ALA 156 
36 1 Y 1 A VAL 157 ? A VAL 157 
37 1 Y 1 A GLN 158 ? A GLN 158 
38 1 Y 1 A GLN 159 ? A GLN 159 
# 
loop_
_chem_comp_atom.comp_id 
_chem_comp_atom.atom_id 
_chem_comp_atom.type_symbol 
_chem_comp_atom.pdbx_aromatic_flag 
_chem_comp_atom.pdbx_stereo_config 
_chem_comp_atom.pdbx_ordinal 
ALA N    N  N N 1   
ALA CA   C  N S 2   
ALA C    C  N N 3   
ALA O    O  N N 4   
ALA CB   C  N N 5   
ALA OXT  O  N N 6   
ALA H    H  N N 7   
ALA H2   H  N N 8   
ALA HA   H  N N 9   
ALA HB1  H  N N 10  
ALA HB2  H  N N 11  
ALA HB3  H  N N 12  
ALA HXT  H  N N 13  
ARG N    N  N N 14  
ARG CA   C  N S 15  
ARG C    C  N N 16  
ARG O    O  N N 17  
ARG CB   C  N N 18  
ARG CG   C  N N 19  
ARG CD   C  N N 20  
ARG NE   N  N N 21  
ARG CZ   C  N N 22  
ARG NH1  N  N N 23  
ARG NH2  N  N N 24  
ARG OXT  O  N N 25  
ARG H    H  N N 26  
ARG H2   H  N N 27  
ARG HA   H  N N 28  
ARG HB2  H  N N 29  
ARG HB3  H  N N 30  
ARG HG2  H  N N 31  
ARG HG3  H  N N 32  
ARG HD2  H  N N 33  
ARG HD3  H  N N 34  
ARG HE   H  N N 35  
ARG HH11 H  N N 36  
ARG HH12 H  N N 37  
ARG HH21 H  N N 38  
ARG HH22 H  N N 39  
ARG HXT  H  N N 40  
ASN N    N  N N 41  
ASN CA   C  N S 42  
ASN C    C  N N 43  
ASN O    O  N N 44  
ASN CB   C  N N 45  
ASN CG   C  N N 46  
ASN OD1  O  N N 47  
ASN ND2  N  N N 48  
ASN OXT  O  N N 49  
ASN H    H  N N 50  
ASN H2   H  N N 51  
ASN HA   H  N N 52  
ASN HB2  H  N N 53  
ASN HB3  H  N N 54  
ASN HD21 H  N N 55  
ASN HD22 H  N N 56  
ASN HXT  H  N N 57  
ASP N    N  N N 58  
ASP CA   C  N S 59  
ASP C    C  N N 60  
ASP O    O  N N 61  
ASP CB   C  N N 62  
ASP CG   C  N N 63  
ASP OD1  O  N N 64  
ASP OD2  O  N N 65  
ASP OXT  O  N N 66  
ASP H    H  N N 67  
ASP H2   H  N N 68  
ASP HA   H  N N 69  
ASP HB2  H  N N 70  
ASP HB3  H  N N 71  
ASP HD2  H  N N 72  
ASP HXT  H  N N 73  
GLN N    N  N N 74  
GLN CA   C  N S 75  
GLN C    C  N N 76  
GLN O    O  N N 77  
GLN CB   C  N N 78  
GLN CG   C  N N 79  
GLN CD   C  N N 80  
GLN OE1  O  N N 81  
GLN NE2  N  N N 82  
GLN OXT  O  N N 83  
GLN H    H  N N 84  
GLN H2   H  N N 85  
GLN HA   H  N N 86  
GLN HB2  H  N N 87  
GLN HB3  H  N N 88  
GLN HG2  H  N N 89  
GLN HG3  H  N N 90  
GLN HE21 H  N N 91  
GLN HE22 H  N N 92  
GLN HXT  H  N N 93  
GLU N    N  N N 94  
GLU CA   C  N S 95  
GLU C    C  N N 96  
GLU O    O  N N 97  
GLU CB   C  N N 98  
GLU CG   C  N N 99  
GLU CD   C  N N 100 
GLU OE1  O  N N 101 
GLU OE2  O  N N 102 
GLU OXT  O  N N 103 
GLU H    H  N N 104 
GLU H2   H  N N 105 
GLU HA   H  N N 106 
GLU HB2  H  N N 107 
GLU HB3  H  N N 108 
GLU HG2  H  N N 109 
GLU HG3  H  N N 110 
GLU HE2  H  N N 111 
GLU HXT  H  N N 112 
GLY N    N  N N 113 
GLY CA   C  N N 114 
GLY C    C  N N 115 
GLY O    O  N N 116 
GLY OXT  O  N N 117 
GLY H    H  N N 118 
GLY H2   H  N N 119 
GLY HA2  H  N N 120 
GLY HA3  H  N N 121 
GLY HXT  H  N N 122 
HIS N    N  N N 123 
HIS CA   C  N S 124 
HIS C    C  N N 125 
HIS O    O  N N 126 
HIS CB   C  N N 127 
HIS CG   C  Y N 128 
HIS ND1  N  Y N 129 
HIS CD2  C  Y N 130 
HIS CE1  C  Y N 131 
HIS NE2  N  Y N 132 
HIS OXT  O  N N 133 
HIS H    H  N N 134 
HIS H2   H  N N 135 
HIS HA   H  N N 136 
HIS HB2  H  N N 137 
HIS HB3  H  N N 138 
HIS HD1  H  N N 139 
HIS HD2  H  N N 140 
HIS HE1  H  N N 141 
HIS HE2  H  N N 142 
HIS HXT  H  N N 143 
HOH O    O  N N 144 
HOH H1   H  N N 145 
HOH H2   H  N N 146 
ILE N    N  N N 147 
ILE CA   C  N S 148 
ILE C    C  N N 149 
ILE O    O  N N 150 
ILE CB   C  N S 151 
ILE CG1  C  N N 152 
ILE CG2  C  N N 153 
ILE CD1  C  N N 154 
ILE OXT  O  N N 155 
ILE H    H  N N 156 
ILE H2   H  N N 157 
ILE HA   H  N N 158 
ILE HB   H  N N 159 
ILE HG12 H  N N 160 
ILE HG13 H  N N 161 
ILE HG21 H  N N 162 
ILE HG22 H  N N 163 
ILE HG23 H  N N 164 
ILE HD11 H  N N 165 
ILE HD12 H  N N 166 
ILE HD13 H  N N 167 
ILE HXT  H  N N 168 
LEU N    N  N N 169 
LEU CA   C  N S 170 
LEU C    C  N N 171 
LEU O    O  N N 172 
LEU CB   C  N N 173 
LEU CG   C  N N 174 
LEU CD1  C  N N 175 
LEU CD2  C  N N 176 
LEU OXT  O  N N 177 
LEU H    H  N N 178 
LEU H2   H  N N 179 
LEU HA   H  N N 180 
LEU HB2  H  N N 181 
LEU HB3  H  N N 182 
LEU HG   H  N N 183 
LEU HD11 H  N N 184 
LEU HD12 H  N N 185 
LEU HD13 H  N N 186 
LEU HD21 H  N N 187 
LEU HD22 H  N N 188 
LEU HD23 H  N N 189 
LEU HXT  H  N N 190 
LYS N    N  N N 191 
LYS CA   C  N S 192 
LYS C    C  N N 193 
LYS O    O  N N 194 
LYS CB   C  N N 195 
LYS CG   C  N N 196 
LYS CD   C  N N 197 
LYS CE   C  N N 198 
LYS NZ   N  N N 199 
LYS OXT  O  N N 200 
LYS H    H  N N 201 
LYS H2   H  N N 202 
LYS HA   H  N N 203 
LYS HB2  H  N N 204 
LYS HB3  H  N N 205 
LYS HG2  H  N N 206 
LYS HG3  H  N N 207 
LYS HD2  H  N N 208 
LYS HD3  H  N N 209 
LYS HE2  H  N N 210 
LYS HE3  H  N N 211 
LYS HZ1  H  N N 212 
LYS HZ2  H  N N 213 
LYS HZ3  H  N N 214 
LYS HXT  H  N N 215 
MET N    N  N N 216 
MET CA   C  N S 217 
MET C    C  N N 218 
MET O    O  N N 219 
MET CB   C  N N 220 
MET CG   C  N N 221 
MET SD   S  N N 222 
MET CE   C  N N 223 
MET OXT  O  N N 224 
MET H    H  N N 225 
MET H2   H  N N 226 
MET HA   H  N N 227 
MET HB2  H  N N 228 
MET HB3  H  N N 229 
MET HG2  H  N N 230 
MET HG3  H  N N 231 
MET HE1  H  N N 232 
MET HE2  H  N N 233 
MET HE3  H  N N 234 
MET HXT  H  N N 235 
OL3 O04  O  N N 236 
OL3 C13  C  N N 237 
OL3 N03  N  N N 238 
OL3 C11  C  N R 239 
OL3 C10  C  N N 240 
OL3 S01  S  N N 241 
OL3 N02  N  N N 242 
OL3 C12  C  N S 243 
OL3 C09  C  N S 244 
OL3 C08  C  N N 245 
OL3 C07  C  N N 246 
OL3 C06  C  N N 247 
OL3 C05  C  N N 248 
OL3 C01  C  N N 249 
OL3 O01  O  N N 250 
OL3 N01  N  N N 251 
OL3 C02  C  N N 252 
OL3 C37  C  N N 253 
OL3 C04  C  N N 254 
OL3 O14  O  N N 255 
OL3 O03  O  N N 256 
OL3 CO4  CO N N 257 
OL3 O05  O  N N 258 
OL3 O07  O  N N 259 
OL3 N07  N  Y N 260 
OL3 C44  C  Y N 261 
OL3 C43  C  Y N 262 
OL3 C42  C  Y N 263 
OL3 C41  C  Y N 264 
OL3 C40  C  Y N 265 
OL3 CO1  CO N N 266 
OL3 N04  N  Y N 267 
OL3 C22  C  Y N 268 
OL3 C21  C  Y N 269 
OL3 C20  C  Y N 270 
OL3 C19  C  Y N 271 
OL3 C18  C  Y N 272 
OL3 O12  O  N N 273 
OL3 CO3  CO N N 274 
OL3 N06  N  Y N 275 
OL3 C34  C  Y N 276 
OL3 C35  C  Y N 277 
OL3 C30  C  Y N 278 
OL3 C29  C  Y N 279 
OL3 C28  C  Y N 280 
OL3 O11  O  N N 281 
OL3 C16  C  N N 282 
OL3 C17  C  N N 283 
OL3 O10  O  N N 284 
OL3 O15  O  N N 285 
OL3 O06  O  N N 286 
OL3 CO2  CO N N 287 
OL3 O09  O  N N 288 
OL3 O08  O  N N 289 
OL3 N05  N  Y N 290 
OL3 C32  C  Y N 291 
OL3 C33  C  Y N 292 
OL3 C26  C  Y N 293 
OL3 C25  C  Y N 294 
OL3 C24  C  Y N 295 
OL3 H1   H  N N 296 
OL3 H2   H  N N 297 
OL3 H3   H  N N 298 
OL3 H4   H  N N 299 
OL3 H5   H  N N 300 
OL3 H6   H  N N 301 
OL3 H7   H  N N 302 
OL3 H8   H  N N 303 
OL3 H9   H  N N 304 
OL3 H10  H  N N 305 
OL3 H11  H  N N 306 
OL3 H12  H  N N 307 
OL3 H13  H  N N 308 
OL3 H14  H  N N 309 
OL3 H15  H  N N 310 
OL3 H16  H  N N 311 
OL3 H17  H  N N 312 
OL3 H18  H  N N 313 
OL3 H19  H  N N 314 
OL3 H20  H  N N 315 
OL3 H21  H  N N 316 
OL3 H22  H  N N 317 
OL3 H23  H  N N 318 
OL3 H24  H  N N 319 
OL3 H25  H  N N 320 
OL3 H26  H  N N 321 
OL3 H27  H  N N 322 
OL3 H28  H  N N 323 
OL3 H29  H  N N 324 
OL3 H30  H  N N 325 
OL3 H31  H  N N 326 
OL3 H32  H  N N 327 
OL3 H33  H  N N 328 
OL3 H34  H  N N 329 
OL3 H35  H  N N 330 
OL3 H36  H  N N 331 
OL3 H37  H  N N 332 
OL3 H38  H  N N 333 
OL3 H39  H  N N 334 
OL3 H40  H  N N 335 
OL3 H44  H  N N 336 
OL3 H45  H  N N 337 
OL3 H46  H  N N 338 
OL3 H47  H  N N 339 
OL3 H48  H  N N 340 
PHE N    N  N N 341 
PHE CA   C  N S 342 
PHE C    C  N N 343 
PHE O    O  N N 344 
PHE CB   C  N N 345 
PHE CG   C  Y N 346 
PHE CD1  C  Y N 347 
PHE CD2  C  Y N 348 
PHE CE1  C  Y N 349 
PHE CE2  C  Y N 350 
PHE CZ   C  Y N 351 
PHE OXT  O  N N 352 
PHE H    H  N N 353 
PHE H2   H  N N 354 
PHE HA   H  N N 355 
PHE HB2  H  N N 356 
PHE HB3  H  N N 357 
PHE HD1  H  N N 358 
PHE HD2  H  N N 359 
PHE HE1  H  N N 360 
PHE HE2  H  N N 361 
PHE HZ   H  N N 362 
PHE HXT  H  N N 363 
PRO N    N  N N 364 
PRO CA   C  N S 365 
PRO C    C  N N 366 
PRO O    O  N N 367 
PRO CB   C  N N 368 
PRO CG   C  N N 369 
PRO CD   C  N N 370 
PRO OXT  O  N N 371 
PRO H    H  N N 372 
PRO HA   H  N N 373 
PRO HB2  H  N N 374 
PRO HB3  H  N N 375 
PRO HG2  H  N N 376 
PRO HG3  H  N N 377 
PRO HD2  H  N N 378 
PRO HD3  H  N N 379 
PRO HXT  H  N N 380 
SER N    N  N N 381 
SER CA   C  N S 382 
SER C    C  N N 383 
SER O    O  N N 384 
SER CB   C  N N 385 
SER OG   O  N N 386 
SER OXT  O  N N 387 
SER H    H  N N 388 
SER H2   H  N N 389 
SER HA   H  N N 390 
SER HB2  H  N N 391 
SER HB3  H  N N 392 
SER HG   H  N N 393 
SER HXT  H  N N 394 
THR N    N  N N 395 
THR CA   C  N S 396 
THR C    C  N N 397 
THR O    O  N N 398 
THR CB   C  N R 399 
THR OG1  O  N N 400 
THR CG2  C  N N 401 
THR OXT  O  N N 402 
THR H    H  N N 403 
THR H2   H  N N 404 
THR HA   H  N N 405 
THR HB   H  N N 406 
THR HG1  H  N N 407 
THR HG21 H  N N 408 
THR HG22 H  N N 409 
THR HG23 H  N N 410 
THR HXT  H  N N 411 
TRP N    N  N N 412 
TRP CA   C  N S 413 
TRP C    C  N N 414 
TRP O    O  N N 415 
TRP CB   C  N N 416 
TRP CG   C  Y N 417 
TRP CD1  C  Y N 418 
TRP CD2  C  Y N 419 
TRP NE1  N  Y N 420 
TRP CE2  C  Y N 421 
TRP CE3  C  Y N 422 
TRP CZ2  C  Y N 423 
TRP CZ3  C  Y N 424 
TRP CH2  C  Y N 425 
TRP OXT  O  N N 426 
TRP H    H  N N 427 
TRP H2   H  N N 428 
TRP HA   H  N N 429 
TRP HB2  H  N N 430 
TRP HB3  H  N N 431 
TRP HD1  H  N N 432 
TRP HE1  H  N N 433 
TRP HE3  H  N N 434 
TRP HZ2  H  N N 435 
TRP HZ3  H  N N 436 
TRP HH2  H  N N 437 
TRP HXT  H  N N 438 
TYR N    N  N N 439 
TYR CA   C  N S 440 
TYR C    C  N N 441 
TYR O    O  N N 442 
TYR CB   C  N N 443 
TYR CG   C  Y N 444 
TYR CD1  C  Y N 445 
TYR CD2  C  Y N 446 
TYR CE1  C  Y N 447 
TYR CE2  C  Y N 448 
TYR CZ   C  Y N 449 
TYR OH   O  N N 450 
TYR OXT  O  N N 451 
TYR H    H  N N 452 
TYR H2   H  N N 453 
TYR HA   H  N N 454 
TYR HB2  H  N N 455 
TYR HB3  H  N N 456 
TYR HD1  H  N N 457 
TYR HD2  H  N N 458 
TYR HE1  H  N N 459 
TYR HE2  H  N N 460 
TYR HH   H  N N 461 
TYR HXT  H  N N 462 
VAL N    N  N N 463 
VAL CA   C  N S 464 
VAL C    C  N N 465 
VAL O    O  N N 466 
VAL CB   C  N N 467 
VAL CG1  C  N N 468 
VAL CG2  C  N N 469 
VAL OXT  O  N N 470 
VAL H    H  N N 471 
VAL H2   H  N N 472 
VAL HA   H  N N 473 
VAL HB   H  N N 474 
VAL HG11 H  N N 475 
VAL HG12 H  N N 476 
VAL HG13 H  N N 477 
VAL HG21 H  N N 478 
VAL HG22 H  N N 479 
VAL HG23 H  N N 480 
VAL HXT  H  N N 481 
# 
loop_
_chem_comp_bond.comp_id 
_chem_comp_bond.atom_id_1 
_chem_comp_bond.atom_id_2 
_chem_comp_bond.value_order 
_chem_comp_bond.pdbx_aromatic_flag 
_chem_comp_bond.pdbx_stereo_config 
_chem_comp_bond.pdbx_ordinal 
ALA N   CA   sing N N 1   
ALA N   H    sing N N 2   
ALA N   H2   sing N N 3   
ALA CA  C    sing N N 4   
ALA CA  CB   sing N N 5   
ALA CA  HA   sing N N 6   
ALA C   O    doub N N 7   
ALA C   OXT  sing N N 8   
ALA CB  HB1  sing N N 9   
ALA CB  HB2  sing N N 10  
ALA CB  HB3  sing N N 11  
ALA OXT HXT  sing N N 12  
ARG N   CA   sing N N 13  
ARG N   H    sing N N 14  
ARG N   H2   sing N N 15  
ARG CA  C    sing N N 16  
ARG CA  CB   sing N N 17  
ARG CA  HA   sing N N 18  
ARG C   O    doub N N 19  
ARG C   OXT  sing N N 20  
ARG CB  CG   sing N N 21  
ARG CB  HB2  sing N N 22  
ARG CB  HB3  sing N N 23  
ARG CG  CD   sing N N 24  
ARG CG  HG2  sing N N 25  
ARG CG  HG3  sing N N 26  
ARG CD  NE   sing N N 27  
ARG CD  HD2  sing N N 28  
ARG CD  HD3  sing N N 29  
ARG NE  CZ   sing N N 30  
ARG NE  HE   sing N N 31  
ARG CZ  NH1  sing N N 32  
ARG CZ  NH2  doub N N 33  
ARG NH1 HH11 sing N N 34  
ARG NH1 HH12 sing N N 35  
ARG NH2 HH21 sing N N 36  
ARG NH2 HH22 sing N N 37  
ARG OXT HXT  sing N N 38  
ASN N   CA   sing N N 39  
ASN N   H    sing N N 40  
ASN N   H2   sing N N 41  
ASN CA  C    sing N N 42  
ASN CA  CB   sing N N 43  
ASN CA  HA   sing N N 44  
ASN C   O    doub N N 45  
ASN C   OXT  sing N N 46  
ASN CB  CG   sing N N 47  
ASN CB  HB2  sing N N 48  
ASN CB  HB3  sing N N 49  
ASN CG  OD1  doub N N 50  
ASN CG  ND2  sing N N 51  
ASN ND2 HD21 sing N N 52  
ASN ND2 HD22 sing N N 53  
ASN OXT HXT  sing N N 54  
ASP N   CA   sing N N 55  
ASP N   H    sing N N 56  
ASP N   H2   sing N N 57  
ASP CA  C    sing N N 58  
ASP CA  CB   sing N N 59  
ASP CA  HA   sing N N 60  
ASP C   O    doub N N 61  
ASP C   OXT  sing N N 62  
ASP CB  CG   sing N N 63  
ASP CB  HB2  sing N N 64  
ASP CB  HB3  sing N N 65  
ASP CG  OD1  doub N N 66  
ASP CG  OD2  sing N N 67  
ASP OD2 HD2  sing N N 68  
ASP OXT HXT  sing N N 69  
GLN N   CA   sing N N 70  
GLN N   H    sing N N 71  
GLN N   H2   sing N N 72  
GLN CA  C    sing N N 73  
GLN CA  CB   sing N N 74  
GLN CA  HA   sing N N 75  
GLN C   O    doub N N 76  
GLN C   OXT  sing N N 77  
GLN CB  CG   sing N N 78  
GLN CB  HB2  sing N N 79  
GLN CB  HB3  sing N N 80  
GLN CG  CD   sing N N 81  
GLN CG  HG2  sing N N 82  
GLN CG  HG3  sing N N 83  
GLN CD  OE1  doub N N 84  
GLN CD  NE2  sing N N 85  
GLN NE2 HE21 sing N N 86  
GLN NE2 HE22 sing N N 87  
GLN OXT HXT  sing N N 88  
GLU N   CA   sing N N 89  
GLU N   H    sing N N 90  
GLU N   H2   sing N N 91  
GLU CA  C    sing N N 92  
GLU CA  CB   sing N N 93  
GLU CA  HA   sing N N 94  
GLU C   O    doub N N 95  
GLU C   OXT  sing N N 96  
GLU CB  CG   sing N N 97  
GLU CB  HB2  sing N N 98  
GLU CB  HB3  sing N N 99  
GLU CG  CD   sing N N 100 
GLU CG  HG2  sing N N 101 
GLU CG  HG3  sing N N 102 
GLU CD  OE1  doub N N 103 
GLU CD  OE2  sing N N 104 
GLU OE2 HE2  sing N N 105 
GLU OXT HXT  sing N N 106 
GLY N   CA   sing N N 107 
GLY N   H    sing N N 108 
GLY N   H2   sing N N 109 
GLY CA  C    sing N N 110 
GLY CA  HA2  sing N N 111 
GLY CA  HA3  sing N N 112 
GLY C   O    doub N N 113 
GLY C   OXT  sing N N 114 
GLY OXT HXT  sing N N 115 
HIS N   CA   sing N N 116 
HIS N   H    sing N N 117 
HIS N   H2   sing N N 118 
HIS CA  C    sing N N 119 
HIS CA  CB   sing N N 120 
HIS CA  HA   sing N N 121 
HIS C   O    doub N N 122 
HIS C   OXT  sing N N 123 
HIS CB  CG   sing N N 124 
HIS CB  HB2  sing N N 125 
HIS CB  HB3  sing N N 126 
HIS CG  ND1  sing Y N 127 
HIS CG  CD2  doub Y N 128 
HIS ND1 CE1  doub Y N 129 
HIS ND1 HD1  sing N N 130 
HIS CD2 NE2  sing Y N 131 
HIS CD2 HD2  sing N N 132 
HIS CE1 NE2  sing Y N 133 
HIS CE1 HE1  sing N N 134 
HIS NE2 HE2  sing N N 135 
HIS OXT HXT  sing N N 136 
HOH O   H1   sing N N 137 
HOH O   H2   sing N N 138 
ILE N   CA   sing N N 139 
ILE N   H    sing N N 140 
ILE N   H2   sing N N 141 
ILE CA  C    sing N N 142 
ILE CA  CB   sing N N 143 
ILE CA  HA   sing N N 144 
ILE C   O    doub N N 145 
ILE C   OXT  sing N N 146 
ILE CB  CG1  sing N N 147 
ILE CB  CG2  sing N N 148 
ILE CB  HB   sing N N 149 
ILE CG1 CD1  sing N N 150 
ILE CG1 HG12 sing N N 151 
ILE CG1 HG13 sing N N 152 
ILE CG2 HG21 sing N N 153 
ILE CG2 HG22 sing N N 154 
ILE CG2 HG23 sing N N 155 
ILE CD1 HD11 sing N N 156 
ILE CD1 HD12 sing N N 157 
ILE CD1 HD13 sing N N 158 
ILE OXT HXT  sing N N 159 
LEU N   CA   sing N N 160 
LEU N   H    sing N N 161 
LEU N   H2   sing N N 162 
LEU CA  C    sing N N 163 
LEU CA  CB   sing N N 164 
LEU CA  HA   sing N N 165 
LEU C   O    doub N N 166 
LEU C   OXT  sing N N 167 
LEU CB  CG   sing N N 168 
LEU CB  HB2  sing N N 169 
LEU CB  HB3  sing N N 170 
LEU CG  CD1  sing N N 171 
LEU CG  CD2  sing N N 172 
LEU CG  HG   sing N N 173 
LEU CD1 HD11 sing N N 174 
LEU CD1 HD12 sing N N 175 
LEU CD1 HD13 sing N N 176 
LEU CD2 HD21 sing N N 177 
LEU CD2 HD22 sing N N 178 
LEU CD2 HD23 sing N N 179 
LEU OXT HXT  sing N N 180 
LYS N   CA   sing N N 181 
LYS N   H    sing N N 182 
LYS N   H2   sing N N 183 
LYS CA  C    sing N N 184 
LYS CA  CB   sing N N 185 
LYS CA  HA   sing N N 186 
LYS C   O    doub N N 187 
LYS C   OXT  sing N N 188 
LYS CB  CG   sing N N 189 
LYS CB  HB2  sing N N 190 
LYS CB  HB3  sing N N 191 
LYS CG  CD   sing N N 192 
LYS CG  HG2  sing N N 193 
LYS CG  HG3  sing N N 194 
LYS CD  CE   sing N N 195 
LYS CD  HD2  sing N N 196 
LYS CD  HD3  sing N N 197 
LYS CE  NZ   sing N N 198 
LYS CE  HE2  sing N N 199 
LYS CE  HE3  sing N N 200 
LYS NZ  HZ1  sing N N 201 
LYS NZ  HZ2  sing N N 202 
LYS NZ  HZ3  sing N N 203 
LYS OXT HXT  sing N N 204 
MET N   CA   sing N N 205 
MET N   H    sing N N 206 
MET N   H2   sing N N 207 
MET CA  C    sing N N 208 
MET CA  CB   sing N N 209 
MET CA  HA   sing N N 210 
MET C   O    doub N N 211 
MET C   OXT  sing N N 212 
MET CB  CG   sing N N 213 
MET CB  HB2  sing N N 214 
MET CB  HB3  sing N N 215 
MET CG  SD   sing N N 216 
MET CG  HG2  sing N N 217 
MET CG  HG3  sing N N 218 
MET SD  CE   sing N N 219 
MET CE  HE1  sing N N 220 
MET CE  HE2  sing N N 221 
MET CE  HE3  sing N N 222 
MET OXT HXT  sing N N 223 
OL3 O04 C13  doub N N 224 
OL3 C13 N03  sing N N 225 
OL3 C13 N02  sing N N 226 
OL3 N03 C11  sing N N 227 
OL3 C11 C10  sing N N 228 
OL3 C11 C12  sing N N 229 
OL3 C10 S01  sing N N 230 
OL3 S01 C09  sing N N 231 
OL3 N02 C12  sing N N 232 
OL3 C12 C09  sing N N 233 
OL3 C09 C08  sing N N 234 
OL3 C08 C07  sing N N 235 
OL3 C07 C06  sing N N 236 
OL3 C06 C05  sing N N 237 
OL3 C05 C01  sing N N 238 
OL3 C01 O01  doub N N 239 
OL3 C01 N01  sing N N 240 
OL3 N01 C02  sing N N 241 
OL3 C02 C37  sing N N 242 
OL3 C37 C04  sing N N 243 
OL3 C04 O14  sing N N 244 
OL3 C04 O03  sing N N 245 
OL3 O14 CO2  sing N N 246 
OL3 O03 CO4  sing N N 247 
OL3 CO4 O05  sing N N 248 
OL3 CO4 O07  sing N N 249 
OL3 CO4 N07  sing N N 250 
OL3 CO4 O12  sing N N 251 
OL3 CO4 O15  sing N N 252 
OL3 O05 CO1  sing N N 253 
OL3 O05 CO2  sing N N 254 
OL3 O07 CO1  sing N N 255 
OL3 O07 CO3  sing N N 256 
OL3 N07 C44  doub Y N 257 
OL3 N07 C40  sing Y N 258 
OL3 C44 C43  sing Y N 259 
OL3 C43 C42  doub Y N 260 
OL3 C42 C41  sing Y N 261 
OL3 C41 C40  doub Y N 262 
OL3 CO1 O10  sing N N 263 
OL3 CO1 O06  sing N N 264 
OL3 CO1 O08  sing N N 265 
OL3 N04 C22  doub Y N 266 
OL3 N04 C18  sing Y N 267 
OL3 C22 C21  sing Y N 268 
OL3 C21 C20  doub Y N 269 
OL3 C20 C19  sing Y N 270 
OL3 C19 C18  doub Y N 271 
OL3 O12 CO3  sing N N 272 
OL3 O12 CO2  sing N N 273 
OL3 CO3 O11  sing N N 274 
OL3 CO3 O06  sing N N 275 
OL3 N06 C34  doub Y N 276 
OL3 N06 C28  sing Y N 277 
OL3 C34 C35  sing Y N 278 
OL3 C35 C30  doub Y N 279 
OL3 C30 C29  sing Y N 280 
OL3 C29 C28  doub Y N 281 
OL3 O11 C16  sing N N 282 
OL3 C16 C17  sing N N 283 
OL3 C16 O10  sing N N 284 
OL3 O06 CO2  sing N N 285 
OL3 CO2 O09  sing N N 286 
OL3 CO2 N05  sing N N 287 
OL3 N05 C32  doub Y N 288 
OL3 N05 C24  sing Y N 289 
OL3 C32 C33  sing Y N 290 
OL3 C33 C26  doub Y N 291 
OL3 C26 C25  sing Y N 292 
OL3 C25 C24  doub Y N 293 
OL3 CO1 N04  sing N N 294 
OL3 CO3 N06  sing N N 295 
OL3 N03 H1   sing N N 296 
OL3 C11 H2   sing N N 297 
OL3 C10 H3   sing N N 298 
OL3 C10 H4   sing N N 299 
OL3 N02 H5   sing N N 300 
OL3 C12 H6   sing N N 301 
OL3 C09 H7   sing N N 302 
OL3 C08 H8   sing N N 303 
OL3 C08 H9   sing N N 304 
OL3 C07 H10  sing N N 305 
OL3 C07 H11  sing N N 306 
OL3 C06 H12  sing N N 307 
OL3 C06 H13  sing N N 308 
OL3 C05 H14  sing N N 309 
OL3 C05 H15  sing N N 310 
OL3 N01 H16  sing N N 311 
OL3 C02 H17  sing N N 312 
OL3 C02 H18  sing N N 313 
OL3 C37 H19  sing N N 314 
OL3 C37 H20  sing N N 315 
OL3 C04 H21  sing N N 316 
OL3 C44 H22  sing N N 317 
OL3 C43 H23  sing N N 318 
OL3 C42 H24  sing N N 319 
OL3 C41 H25  sing N N 320 
OL3 C40 H26  sing N N 321 
OL3 C22 H27  sing N N 322 
OL3 C21 H28  sing N N 323 
OL3 C20 H29  sing N N 324 
OL3 C19 H30  sing N N 325 
OL3 C18 H31  sing N N 326 
OL3 C34 H32  sing N N 327 
OL3 C35 H33  sing N N 328 
OL3 C30 H34  sing N N 329 
OL3 C29 H35  sing N N 330 
OL3 C28 H36  sing N N 331 
OL3 C16 H37  sing N N 332 
OL3 C17 H38  sing N N 333 
OL3 C17 H39  sing N N 334 
OL3 C17 H40  sing N N 335 
OL3 C32 H44  sing N N 336 
OL3 C33 H45  sing N N 337 
OL3 C26 H46  sing N N 338 
OL3 C25 H47  sing N N 339 
OL3 C24 H48  sing N N 340 
PHE N   CA   sing N N 341 
PHE N   H    sing N N 342 
PHE N   H2   sing N N 343 
PHE CA  C    sing N N 344 
PHE CA  CB   sing N N 345 
PHE CA  HA   sing N N 346 
PHE C   O    doub N N 347 
PHE C   OXT  sing N N 348 
PHE CB  CG   sing N N 349 
PHE CB  HB2  sing N N 350 
PHE CB  HB3  sing N N 351 
PHE CG  CD1  doub Y N 352 
PHE CG  CD2  sing Y N 353 
PHE CD1 CE1  sing Y N 354 
PHE CD1 HD1  sing N N 355 
PHE CD2 CE2  doub Y N 356 
PHE CD2 HD2  sing N N 357 
PHE CE1 CZ   doub Y N 358 
PHE CE1 HE1  sing N N 359 
PHE CE2 CZ   sing Y N 360 
PHE CE2 HE2  sing N N 361 
PHE CZ  HZ   sing N N 362 
PHE OXT HXT  sing N N 363 
PRO N   CA   sing N N 364 
PRO N   CD   sing N N 365 
PRO N   H    sing N N 366 
PRO CA  C    sing N N 367 
PRO CA  CB   sing N N 368 
PRO CA  HA   sing N N 369 
PRO C   O    doub N N 370 
PRO C   OXT  sing N N 371 
PRO CB  CG   sing N N 372 
PRO CB  HB2  sing N N 373 
PRO CB  HB3  sing N N 374 
PRO CG  CD   sing N N 375 
PRO CG  HG2  sing N N 376 
PRO CG  HG3  sing N N 377 
PRO CD  HD2  sing N N 378 
PRO CD  HD3  sing N N 379 
PRO OXT HXT  sing N N 380 
SER N   CA   sing N N 381 
SER N   H    sing N N 382 
SER N   H2   sing N N 383 
SER CA  C    sing N N 384 
SER CA  CB   sing N N 385 
SER CA  HA   sing N N 386 
SER C   O    doub N N 387 
SER C   OXT  sing N N 388 
SER CB  OG   sing N N 389 
SER CB  HB2  sing N N 390 
SER CB  HB3  sing N N 391 
SER OG  HG   sing N N 392 
SER OXT HXT  sing N N 393 
THR N   CA   sing N N 394 
THR N   H    sing N N 395 
THR N   H2   sing N N 396 
THR CA  C    sing N N 397 
THR CA  CB   sing N N 398 
THR CA  HA   sing N N 399 
THR C   O    doub N N 400 
THR C   OXT  sing N N 401 
THR CB  OG1  sing N N 402 
THR CB  CG2  sing N N 403 
THR CB  HB   sing N N 404 
THR OG1 HG1  sing N N 405 
THR CG2 HG21 sing N N 406 
THR CG2 HG22 sing N N 407 
THR CG2 HG23 sing N N 408 
THR OXT HXT  sing N N 409 
TRP N   CA   sing N N 410 
TRP N   H    sing N N 411 
TRP N   H2   sing N N 412 
TRP CA  C    sing N N 413 
TRP CA  CB   sing N N 414 
TRP CA  HA   sing N N 415 
TRP C   O    doub N N 416 
TRP C   OXT  sing N N 417 
TRP CB  CG   sing N N 418 
TRP CB  HB2  sing N N 419 
TRP CB  HB3  sing N N 420 
TRP CG  CD1  doub Y N 421 
TRP CG  CD2  sing Y N 422 
TRP CD1 NE1  sing Y N 423 
TRP CD1 HD1  sing N N 424 
TRP CD2 CE2  doub Y N 425 
TRP CD2 CE3  sing Y N 426 
TRP NE1 CE2  sing Y N 427 
TRP NE1 HE1  sing N N 428 
TRP CE2 CZ2  sing Y N 429 
TRP CE3 CZ3  doub Y N 430 
TRP CE3 HE3  sing N N 431 
TRP CZ2 CH2  doub Y N 432 
TRP CZ2 HZ2  sing N N 433 
TRP CZ3 CH2  sing Y N 434 
TRP CZ3 HZ3  sing N N 435 
TRP CH2 HH2  sing N N 436 
TRP OXT HXT  sing N N 437 
TYR N   CA   sing N N 438 
TYR N   H    sing N N 439 
TYR N   H2   sing N N 440 
TYR CA  C    sing N N 441 
TYR CA  CB   sing N N 442 
TYR CA  HA   sing N N 443 
TYR C   O    doub N N 444 
TYR C   OXT  sing N N 445 
TYR CB  CG   sing N N 446 
TYR CB  HB2  sing N N 447 
TYR CB  HB3  sing N N 448 
TYR CG  CD1  doub Y N 449 
TYR CG  CD2  sing Y N 450 
TYR CD1 CE1  sing Y N 451 
TYR CD1 HD1  sing N N 452 
TYR CD2 CE2  doub Y N 453 
TYR CD2 HD2  sing N N 454 
TYR CE1 CZ   doub Y N 455 
TYR CE1 HE1  sing N N 456 
TYR CE2 CZ   sing Y N 457 
TYR CE2 HE2  sing N N 458 
TYR CZ  OH   sing N N 459 
TYR OH  HH   sing N N 460 
TYR OXT HXT  sing N N 461 
VAL N   CA   sing N N 462 
VAL N   H    sing N N 463 
VAL N   H2   sing N N 464 
VAL CA  C    sing N N 465 
VAL CA  CB   sing N N 466 
VAL CA  HA   sing N N 467 
VAL C   O    doub N N 468 
VAL C   OXT  sing N N 469 
VAL CB  CG1  sing N N 470 
VAL CB  CG2  sing N N 471 
VAL CB  HB   sing N N 472 
VAL CG1 HG11 sing N N 473 
VAL CG1 HG12 sing N N 474 
VAL CG1 HG13 sing N N 475 
VAL CG2 HG21 sing N N 476 
VAL CG2 HG22 sing N N 477 
VAL CG2 HG23 sing N N 478 
VAL OXT HXT  sing N N 479 
# 
_pdbx_audit_support.funding_organization   
'National Institutes of Health/National Institute of General Medical Sciences (NIH/NIGMS)' 
_pdbx_audit_support.country                'United States' 
_pdbx_audit_support.grant_number           GM120349 
_pdbx_audit_support.ordinal                1 
# 
loop_
_pdbx_entity_nonpoly.entity_id 
_pdbx_entity_nonpoly.name 
_pdbx_entity_nonpoly.comp_id 
2 'N-biotin-C-Co4(mu3-O)4(OAc)(Py)4(H2O)3-beta-alanine' OL3 
3 water                                                 HOH 
# 
_pdbx_initial_refinement_model.id               1 
_pdbx_initial_refinement_model.entity_id_list   ? 
_pdbx_initial_refinement_model.type             'experimental model' 
_pdbx_initial_refinement_model.source_name      PDB 
_pdbx_initial_refinement_model.accession_code   2QCB 
_pdbx_initial_refinement_model.details          ? 
# 
_pdbx_struct_assembly_auth_evidence.id                     1 
_pdbx_struct_assembly_auth_evidence.assembly_id            1 
_pdbx_struct_assembly_auth_evidence.experimental_support   'gel filtration' 
_pdbx_struct_assembly_auth_evidence.details                ? 
# 
